data_7SAJ
#
_entry.id   7SAJ
#
_cell.length_a   171.437
_cell.length_b   160.560
_cell.length_c   88.786
_cell.angle_alpha   90.000
_cell.angle_beta   109.020
_cell.angle_gamma   90.000
#
_symmetry.space_group_name_H-M   'C 1 2 1'
#
loop_
_entity.id
_entity.type
_entity.pdbx_description
1 polymer mCherry
2 polymer 'nanobody LaM2'
3 water water
#
loop_
_entity_poly.entity_id
_entity_poly.type
_entity_poly.pdbx_seq_one_letter_code
_entity_poly.pdbx_strand_id
1 'polypeptide(L)'
;SNGMVSKGEEDNMAIIKEFMRFKVHMEGSVNGHEFEIEGEGEGRPYEGTQTAKLKVTKGGPLPFAWDILSPQF(NRQ)SK
AYVKHPADIPDYLKLSFPEGFKWERVMNFEDGGVVTVTQDSSLQDGEFIYKVKLRGTNFPSDGPVMQKKTMGWEASSERM
YPEDGALKGEIKQRLKLKDGGHYDAEVKTTYKAKKPVQLPGAYNVNIKLDITSHNEDYTIVEQYERAEGRHSTGGMDELY
K
;
A,C,E,G,I
2 'polypeptide(L)'
;MAQVQLVESGGGLVQAGGSLRLSCATSGFTFSDYAMGWFRQAPGKEREFVAAISWSGHVTDYADSVKGRFTISRDNVKNT
VYLQMNSLKPEDTAVYSCAAAKSGTWWYQRSENDFGSWGQGTQVTVS
;
B,D,F,H,J
#
# COMPACT_ATOMS: atom_id res chain seq x y z
N MET A 13 -35.84 -17.15 -13.93
CA MET A 13 -36.10 -15.81 -13.42
C MET A 13 -37.30 -15.87 -12.46
N ALA A 14 -38.38 -16.53 -12.90
CA ALA A 14 -39.58 -16.65 -12.08
C ALA A 14 -39.40 -17.62 -10.91
N ILE A 15 -38.37 -18.47 -10.96
CA ILE A 15 -38.15 -19.44 -9.89
C ILE A 15 -37.28 -18.85 -8.78
N ILE A 16 -36.43 -17.88 -9.08
CA ILE A 16 -35.69 -17.13 -8.08
C ILE A 16 -36.48 -15.86 -7.82
N LYS A 17 -37.20 -15.80 -6.70
CA LYS A 17 -37.97 -14.62 -6.36
C LYS A 17 -37.05 -13.51 -5.87
N GLU A 18 -37.60 -12.30 -5.81
CA GLU A 18 -36.80 -11.15 -5.39
C GLU A 18 -36.34 -11.28 -3.94
N PHE A 19 -37.03 -12.09 -3.14
CA PHE A 19 -36.61 -12.41 -1.78
C PHE A 19 -36.56 -13.93 -1.64
N MET A 20 -35.41 -14.45 -1.23
CA MET A 20 -35.21 -15.88 -1.14
C MET A 20 -34.55 -16.24 0.19
N ARG A 21 -34.96 -17.37 0.74
CA ARG A 21 -34.35 -17.96 1.93
C ARG A 21 -33.50 -19.16 1.52
N PHE A 22 -32.63 -19.58 2.42
CA PHE A 22 -31.79 -20.73 2.17
C PHE A 22 -31.41 -21.37 3.50
N LYS A 23 -31.08 -22.66 3.44
CA LYS A 23 -30.58 -23.41 4.56
C LYS A 23 -29.22 -23.99 4.17
N VAL A 24 -28.34 -24.16 5.15
CA VAL A 24 -26.98 -24.60 4.86
C VAL A 24 -26.52 -25.58 5.92
N HIS A 25 -25.83 -26.63 5.48
CA HIS A 25 -25.20 -27.62 6.33
C HIS A 25 -23.74 -27.71 5.94
N MET A 26 -22.84 -27.69 6.92
CA MET A 26 -21.42 -27.83 6.68
C MET A 26 -20.87 -28.91 7.61
N GLU A 27 -20.13 -29.85 7.05
CA GLU A 27 -19.32 -30.80 7.81
C GLU A 27 -17.88 -30.47 7.49
N GLY A 28 -17.02 -30.39 8.51
CA GLY A 28 -15.66 -29.99 8.19
C GLY A 28 -14.65 -30.46 9.20
N SER A 29 -13.39 -30.23 8.86
CA SER A 29 -12.26 -30.55 9.71
C SER A 29 -11.14 -29.58 9.40
N VAL A 30 -10.56 -28.98 10.44
CA VAL A 30 -9.43 -28.07 10.29
C VAL A 30 -8.31 -28.53 11.21
N ASN A 31 -7.16 -28.87 10.64
CA ASN A 31 -6.01 -29.38 11.39
C ASN A 31 -6.43 -30.51 12.33
N GLY A 32 -7.39 -31.32 11.92
CA GLY A 32 -7.82 -32.47 12.67
C GLY A 32 -9.04 -32.24 13.53
N HIS A 33 -9.39 -30.98 13.81
CA HIS A 33 -10.54 -30.69 14.63
C HIS A 33 -11.79 -30.75 13.76
N GLU A 34 -12.71 -31.65 14.06
CA GLU A 34 -13.91 -31.86 13.28
C GLU A 34 -15.07 -31.06 13.85
N PHE A 35 -15.99 -30.68 12.98
CA PHE A 35 -17.09 -29.84 13.40
C PHE A 35 -18.23 -29.93 12.39
N GLU A 36 -19.41 -29.52 12.83
CA GLU A 36 -20.56 -29.35 11.95
C GLU A 36 -21.20 -28.00 12.24
N ILE A 37 -21.74 -27.37 11.20
CA ILE A 37 -22.39 -26.08 11.30
C ILE A 37 -23.73 -26.17 10.57
N GLU A 38 -24.78 -25.63 11.20
CA GLU A 38 -26.09 -25.55 10.60
C GLU A 38 -26.48 -24.09 10.55
N GLY A 39 -27.11 -23.67 9.45
CA GLY A 39 -27.44 -22.27 9.33
C GLY A 39 -28.66 -22.03 8.47
N GLU A 40 -29.27 -20.88 8.71
CA GLU A 40 -30.34 -20.36 7.88
C GLU A 40 -29.92 -19.00 7.34
N GLY A 41 -30.56 -18.56 6.29
CA GLY A 41 -30.19 -17.27 5.72
C GLY A 41 -31.27 -16.79 4.78
N GLU A 42 -31.11 -15.56 4.35
CA GLU A 42 -32.02 -14.95 3.45
C GLU A 42 -31.42 -13.79 2.74
N GLY A 43 -32.08 -13.28 1.74
CA GLY A 43 -31.50 -12.19 0.98
C GLY A 43 -32.35 -11.87 -0.24
N ARG A 44 -31.83 -10.96 -1.05
CA ARG A 44 -32.53 -10.50 -2.25
C ARG A 44 -31.63 -10.83 -3.43
N PRO A 45 -31.85 -11.95 -4.12
CA PRO A 45 -30.88 -12.42 -5.13
C PRO A 45 -30.52 -11.39 -6.17
N TYR A 46 -31.50 -10.61 -6.63
CA TYR A 46 -31.25 -9.66 -7.71
C TYR A 46 -30.61 -8.37 -7.24
N GLU A 47 -30.66 -8.08 -5.95
CA GLU A 47 -29.90 -6.96 -5.39
C GLU A 47 -28.48 -7.36 -5.02
N GLY A 48 -28.19 -8.66 -4.96
CA GLY A 48 -26.86 -9.11 -4.64
C GLY A 48 -26.51 -9.00 -3.17
N THR A 49 -27.52 -9.07 -2.30
CA THR A 49 -27.32 -8.90 -0.87
C THR A 49 -27.90 -10.08 -0.12
N GLN A 50 -27.23 -10.49 0.96
CA GLN A 50 -27.75 -11.60 1.74
C GLN A 50 -27.16 -11.55 3.14
N THR A 51 -27.87 -12.20 4.06
CA THR A 51 -27.43 -12.38 5.43
C THR A 51 -27.66 -13.84 5.81
N ALA A 52 -26.91 -14.28 6.82
CA ALA A 52 -27.04 -15.65 7.29
C ALA A 52 -26.75 -15.70 8.79
N LYS A 53 -27.40 -16.65 9.46
CA LYS A 53 -27.16 -16.97 10.86
C LYS A 53 -26.71 -18.42 10.93
N LEU A 54 -25.58 -18.67 11.57
CA LEU A 54 -24.91 -19.95 11.58
C LEU A 54 -24.64 -20.36 13.02
N LYS A 55 -24.78 -21.65 13.29
CA LYS A 55 -24.63 -22.23 14.61
C LYS A 55 -23.73 -23.45 14.52
N VAL A 56 -22.70 -23.49 15.36
CA VAL A 56 -21.82 -24.64 15.46
C VAL A 56 -22.57 -25.72 16.25
N THR A 57 -23.02 -26.76 15.54
CA THR A 57 -23.79 -27.83 16.14
C THR A 57 -22.92 -28.96 16.67
N LYS A 58 -21.69 -29.08 16.19
CA LYS A 58 -20.77 -30.11 16.65
C LYS A 58 -19.36 -29.54 16.63
N GLY A 59 -18.60 -29.85 17.67
CA GLY A 59 -17.20 -29.48 17.71
C GLY A 59 -16.93 -28.10 18.24
N GLY A 60 -17.94 -27.38 18.73
CA GLY A 60 -17.76 -26.05 19.24
C GLY A 60 -17.28 -26.05 20.67
N PRO A 61 -16.55 -24.99 21.07
CA PRO A 61 -16.15 -23.86 20.23
C PRO A 61 -15.02 -24.23 19.27
N LEU A 62 -14.98 -23.59 18.11
CA LEU A 62 -13.98 -23.91 17.11
C LEU A 62 -12.62 -23.40 17.57
N PRO A 63 -11.56 -24.20 17.43
CA PRO A 63 -10.23 -23.75 17.86
C PRO A 63 -9.47 -23.00 16.80
N PHE A 64 -10.19 -22.50 15.79
CA PHE A 64 -9.57 -21.80 14.68
C PHE A 64 -10.42 -20.60 14.28
N ALA A 65 -9.84 -19.74 13.47
CA ALA A 65 -10.50 -18.50 13.09
C ALA A 65 -11.74 -18.79 12.24
N TRP A 66 -12.86 -18.19 12.63
CA TRP A 66 -14.10 -18.36 11.88
C TRP A 66 -13.97 -17.86 10.44
N ASP A 67 -13.03 -16.94 10.19
CA ASP A 67 -12.98 -16.26 8.91
C ASP A 67 -12.79 -17.24 7.76
N ILE A 68 -11.91 -18.24 7.93
CA ILE A 68 -11.67 -19.18 6.85
C ILE A 68 -12.96 -19.89 6.44
N LEU A 69 -13.96 -19.92 7.31
CA LEU A 69 -15.24 -20.55 7.02
C LEU A 69 -16.24 -19.60 6.38
N SER A 70 -16.16 -18.31 6.68
CA SER A 70 -17.25 -17.41 6.30
C SER A 70 -17.47 -17.33 4.79
N PRO A 71 -16.44 -17.39 3.93
CA PRO A 71 -16.71 -17.34 2.48
C PRO A 71 -17.35 -18.59 1.91
N GLN A 72 -17.64 -19.61 2.73
CA GLN A 72 -18.19 -20.87 2.23
C GLN A 72 -19.70 -20.96 2.38
N PHE A 73 -20.34 -20.00 3.05
CA PHE A 73 -21.80 -19.95 3.12
C PHE A 73 -22.41 -18.88 2.19
N1 NRQ A 74 -21.58 -17.96 2.57
CE NRQ A 74 -24.14 -15.37 4.40
SD NRQ A 74 -23.00 -14.31 3.49
CG1 NRQ A 74 -22.36 -15.21 2.04
CB1 NRQ A 74 -20.99 -15.78 2.35
CA1 NRQ A 74 -20.99 -17.19 1.76
C1 NRQ A 74 -20.27 -17.38 0.39
N2 NRQ A 74 -19.50 -16.26 -0.07
OH NRQ A 74 -13.94 -12.57 0.23
CD2 NRQ A 74 -15.71 -14.74 -2.16
CE2 NRQ A 74 -14.72 -13.96 -1.58
CZ NRQ A 74 -14.94 -13.36 -0.35
CE1 NRQ A 74 -16.14 -13.56 0.31
CD1 NRQ A 74 -17.14 -14.35 -0.25
CG2 NRQ A 74 -16.91 -14.94 -1.48
CB2 NRQ A 74 -18.06 -15.79 -2.05
CA2 NRQ A 74 -18.84 -16.54 -1.30
C2 NRQ A 74 -19.26 -17.97 -1.68
O2 NRQ A 74 -18.92 -18.54 -2.65
N3 NRQ A 74 -20.14 -18.50 -0.60
CA3 NRQ A 74 -20.71 -19.83 -0.68
C3 NRQ A 74 -22.03 -19.78 -1.46
O3 NRQ A 74 -22.61 -20.83 -1.82
HE1A NRQ A 74 -23.63 -16.30 4.67
HE2A NRQ A 74 -24.99 -15.60 3.77
HE3 NRQ A 74 -24.48 -14.86 5.29
HG11 NRQ A 74 -23.05 -16.01 1.79
HG12 NRQ A 74 -22.28 -14.52 1.20
HB11 NRQ A 74 -20.21 -15.18 1.90
HB12 NRQ A 74 -20.83 -15.83 3.43
HOH NRQ A 74 -13.97 -12.66 1.16
HD2 NRQ A 74 -15.55 -15.22 -3.11
HE2 NRQ A 74 -13.78 -13.80 -2.11
HE1 NRQ A 74 -16.31 -13.09 1.28
HD1 NRQ A 74 -18.08 -14.50 0.26
HB2 NRQ A 74 -18.24 -15.75 -3.11
HA31 NRQ A 74 -20.00 -20.48 -1.19
HA32 NRQ A 74 -20.89 -20.21 0.32
N SER A 75 -22.55 -18.62 -1.75
CA SER A 75 -23.96 -18.39 -2.04
C SER A 75 -24.08 -17.46 -3.25
N LYS A 76 -23.61 -17.92 -4.39
CA LYS A 76 -23.49 -17.10 -5.59
C LYS A 76 -24.79 -16.95 -6.35
N ALA A 77 -25.90 -17.48 -5.85
CA ALA A 77 -27.20 -17.11 -6.40
C ALA A 77 -27.57 -15.66 -6.07
N TYR A 78 -26.94 -15.07 -5.06
CA TYR A 78 -27.27 -13.70 -4.65
C TYR A 78 -26.21 -12.71 -5.14
N VAL A 79 -26.04 -12.64 -6.47
CA VAL A 79 -25.09 -11.71 -7.08
C VAL A 79 -25.87 -10.85 -8.07
N LYS A 80 -25.80 -9.54 -7.86
CA LYS A 80 -26.40 -8.58 -8.79
C LYS A 80 -25.63 -8.62 -10.10
N HIS A 81 -26.33 -8.86 -11.20
CA HIS A 81 -25.72 -8.97 -12.50
C HIS A 81 -26.29 -7.94 -13.45
N PRO A 82 -25.45 -7.31 -14.29
CA PRO A 82 -26.00 -6.47 -15.36
C PRO A 82 -26.91 -7.28 -16.26
N ALA A 83 -27.81 -6.59 -16.95
CA ALA A 83 -28.75 -7.27 -17.83
C ALA A 83 -28.05 -7.93 -19.01
N ASP A 84 -26.87 -7.46 -19.38
CA ASP A 84 -26.14 -7.99 -20.51
C ASP A 84 -25.12 -9.07 -20.14
N ILE A 85 -25.01 -9.41 -18.86
CA ILE A 85 -24.15 -10.50 -18.39
C ILE A 85 -25.06 -11.64 -17.93
N PRO A 86 -25.06 -12.79 -18.61
CA PRO A 86 -25.93 -13.90 -18.19
C PRO A 86 -25.65 -14.30 -16.75
N ASP A 87 -26.71 -14.37 -15.94
CA ASP A 87 -26.58 -14.82 -14.55
C ASP A 87 -26.62 -16.35 -14.56
N TYR A 88 -25.48 -16.93 -14.96
CA TYR A 88 -25.35 -18.38 -15.13
C TYR A 88 -25.85 -19.15 -13.93
N LEU A 89 -25.52 -18.70 -12.73
CA LEU A 89 -25.83 -19.48 -11.54
C LEU A 89 -27.29 -19.33 -11.14
N LYS A 90 -27.92 -18.19 -11.43
CA LYS A 90 -29.36 -18.11 -11.25
C LYS A 90 -30.09 -19.01 -12.24
N LEU A 91 -29.61 -19.05 -13.49
CA LEU A 91 -30.24 -19.85 -14.52
C LEU A 91 -30.19 -21.34 -14.23
N SER A 92 -29.22 -21.79 -13.43
CA SER A 92 -29.07 -23.21 -13.16
C SER A 92 -30.25 -23.77 -12.36
N PHE A 93 -31.07 -22.92 -11.76
CA PHE A 93 -32.15 -23.43 -10.91
C PHE A 93 -33.39 -23.73 -11.73
N PRO A 94 -34.28 -24.59 -11.23
CA PRO A 94 -34.32 -25.20 -9.88
C PRO A 94 -33.32 -26.30 -9.61
N GLU A 95 -32.67 -26.80 -10.65
CA GLU A 95 -31.69 -27.86 -10.45
C GLU A 95 -30.54 -27.40 -9.56
N GLY A 96 -30.01 -26.21 -9.82
CA GLY A 96 -28.93 -25.68 -9.01
C GLY A 96 -27.57 -25.90 -9.63
N PHE A 97 -26.55 -25.78 -8.79
CA PHE A 97 -25.19 -25.91 -9.30
C PHE A 97 -24.30 -26.51 -8.22
N LYS A 98 -23.04 -26.74 -8.57
CA LYS A 98 -22.07 -27.27 -7.63
C LYS A 98 -20.81 -26.43 -7.76
N TRP A 99 -20.05 -26.33 -6.68
CA TRP A 99 -18.80 -25.61 -6.80
C TRP A 99 -17.76 -26.24 -5.89
N GLU A 100 -16.51 -26.10 -6.30
CA GLU A 100 -15.38 -26.61 -5.55
C GLU A 100 -14.31 -25.54 -5.50
N ARG A 101 -13.60 -25.47 -4.37
CA ARG A 101 -12.72 -24.36 -4.11
C ARG A 101 -11.46 -24.84 -3.40
N VAL A 102 -10.36 -24.16 -3.70
CA VAL A 102 -9.11 -24.33 -2.96
C VAL A 102 -8.59 -22.94 -2.60
N MET A 103 -8.28 -22.76 -1.30
CA MET A 103 -7.64 -21.56 -0.78
C MET A 103 -6.25 -21.96 -0.29
N ASN A 104 -5.21 -21.38 -0.90
CA ASN A 104 -3.83 -21.61 -0.51
C ASN A 104 -3.34 -20.37 0.21
N PHE A 105 -3.12 -20.48 1.51
CA PHE A 105 -2.68 -19.35 2.31
C PHE A 105 -1.16 -19.21 2.25
N GLU A 106 -0.69 -18.00 2.56
CA GLU A 106 0.73 -17.70 2.37
C GLU A 106 1.62 -18.46 3.34
N ASP A 107 1.08 -18.84 4.51
CA ASP A 107 1.85 -19.57 5.51
C ASP A 107 1.70 -21.09 5.37
N GLY A 108 1.30 -21.57 4.19
CA GLY A 108 1.21 -22.99 3.93
C GLY A 108 -0.14 -23.61 4.20
N GLY A 109 -1.01 -22.92 4.93
CA GLY A 109 -2.33 -23.47 5.17
C GLY A 109 -3.11 -23.65 3.89
N VAL A 110 -3.93 -24.71 3.86
CA VAL A 110 -4.72 -25.04 2.68
C VAL A 110 -6.13 -25.38 3.13
N VAL A 111 -7.13 -24.80 2.46
CA VAL A 111 -8.53 -25.13 2.69
C VAL A 111 -9.10 -25.63 1.36
N THR A 112 -9.81 -26.75 1.43
CA THR A 112 -10.50 -27.32 0.28
C THR A 112 -11.98 -27.41 0.61
N VAL A 113 -12.83 -27.12 -0.38
CA VAL A 113 -14.26 -27.05 -0.16
C VAL A 113 -14.95 -27.69 -1.35
N THR A 114 -16.01 -28.44 -1.08
CA THR A 114 -16.92 -28.94 -2.10
C THR A 114 -18.33 -28.63 -1.65
N GLN A 115 -19.20 -28.27 -2.61
CA GLN A 115 -20.49 -27.72 -2.25
C GLN A 115 -21.50 -28.08 -3.32
N ASP A 116 -22.73 -28.34 -2.86
CA ASP A 116 -23.87 -28.55 -3.70
C ASP A 116 -24.96 -27.56 -3.34
N SER A 117 -25.58 -26.96 -4.35
CA SER A 117 -26.65 -25.99 -4.16
C SER A 117 -27.84 -26.46 -4.99
N SER A 118 -28.98 -26.65 -4.32
CA SER A 118 -30.22 -27.07 -4.96
C SER A 118 -31.35 -26.17 -4.48
N LEU A 119 -32.55 -26.41 -5.01
CA LEU A 119 -33.75 -25.65 -4.67
C LEU A 119 -34.81 -26.62 -4.22
N GLN A 120 -35.35 -26.42 -3.03
CA GLN A 120 -36.28 -27.36 -2.44
C GLN A 120 -37.31 -26.61 -1.62
N ASP A 121 -38.58 -26.89 -1.87
CA ASP A 121 -39.67 -26.25 -1.13
C ASP A 121 -39.50 -24.73 -1.10
N GLY A 122 -39.03 -24.17 -2.20
CA GLY A 122 -38.92 -22.74 -2.34
C GLY A 122 -37.67 -22.10 -1.76
N GLU A 123 -36.84 -22.84 -1.09
CA GLU A 123 -35.63 -22.31 -0.54
C GLU A 123 -34.35 -22.93 -1.09
N PHE A 124 -33.25 -22.25 -1.04
CA PHE A 124 -32.00 -22.82 -1.49
C PHE A 124 -31.46 -23.75 -0.41
N ILE A 125 -30.92 -24.89 -0.83
CA ILE A 125 -30.33 -25.86 0.07
C ILE A 125 -28.85 -25.99 -0.28
N TYR A 126 -27.99 -25.73 0.69
CA TYR A 126 -26.54 -25.74 0.52
C TYR A 126 -25.96 -26.87 1.36
N LYS A 127 -25.18 -27.75 0.73
CA LYS A 127 -24.46 -28.80 1.42
C LYS A 127 -22.98 -28.55 1.20
N VAL A 128 -22.22 -28.40 2.27
CA VAL A 128 -20.82 -28.00 2.20
C VAL A 128 -19.97 -29.01 2.95
N LYS A 129 -18.83 -29.37 2.38
CA LYS A 129 -17.80 -30.10 3.08
C LYS A 129 -16.49 -29.33 2.91
N LEU A 130 -15.72 -29.27 3.99
CA LEU A 130 -14.54 -28.44 4.04
C LEU A 130 -13.45 -29.14 4.80
N ARG A 131 -12.20 -28.91 4.38
CA ARG A 131 -11.04 -29.45 5.06
C ARG A 131 -9.96 -28.38 5.09
N GLY A 132 -9.43 -28.11 6.28
CA GLY A 132 -8.27 -27.24 6.45
C GLY A 132 -7.11 -28.04 6.98
N THR A 133 -5.91 -27.76 6.46
CA THR A 133 -4.74 -28.52 6.85
C THR A 133 -3.49 -27.68 6.68
N ASN A 134 -2.42 -28.12 7.34
CA ASN A 134 -1.10 -27.47 7.26
C ASN A 134 -1.16 -26.02 7.70
N PHE A 135 -2.07 -25.69 8.62
CA PHE A 135 -2.08 -24.38 9.24
C PHE A 135 -1.07 -24.39 10.39
N PRO A 136 -0.10 -23.48 10.41
CA PRO A 136 0.85 -23.45 11.53
C PRO A 136 0.12 -23.37 12.87
N SER A 137 0.66 -24.09 13.86
CA SER A 137 0.06 -24.09 15.19
C SER A 137 0.01 -22.69 15.78
N ASP A 138 1.06 -21.90 15.57
CA ASP A 138 1.15 -20.54 16.06
C ASP A 138 0.71 -19.50 15.04
N GLY A 139 0.13 -19.94 13.91
CA GLY A 139 -0.29 -19.04 12.87
C GLY A 139 -1.54 -18.27 13.24
N PRO A 140 -1.88 -17.27 12.43
CA PRO A 140 -3.05 -16.44 12.76
C PRO A 140 -4.37 -17.17 12.70
N VAL A 141 -4.46 -18.26 11.92
CA VAL A 141 -5.72 -18.99 11.82
C VAL A 141 -5.94 -19.80 13.09
N MET A 142 -4.96 -20.64 13.47
CA MET A 142 -5.12 -21.47 14.65
C MET A 142 -5.04 -20.66 15.95
N GLN A 143 -4.54 -19.43 15.89
CA GLN A 143 -4.45 -18.54 17.04
C GLN A 143 -5.53 -17.47 17.06
N LYS A 144 -6.41 -17.44 16.06
CA LYS A 144 -7.54 -16.51 16.02
C LYS A 144 -7.07 -15.06 16.09
N LYS A 145 -6.22 -14.69 15.13
CA LYS A 145 -5.65 -13.35 15.04
C LYS A 145 -6.18 -12.58 13.83
N THR A 146 -7.35 -12.95 13.32
CA THR A 146 -7.89 -12.37 12.11
C THR A 146 -9.07 -11.45 12.41
N MET A 147 -9.26 -10.45 11.55
CA MET A 147 -10.26 -9.41 11.73
C MET A 147 -11.24 -9.35 10.56
N GLY A 148 -11.45 -10.46 9.86
CA GLY A 148 -12.35 -10.47 8.73
C GLY A 148 -11.67 -10.17 7.42
N TRP A 149 -12.43 -10.29 6.34
CA TRP A 149 -11.89 -10.15 5.00
C TRP A 149 -12.05 -8.72 4.50
N GLU A 150 -11.05 -8.28 3.73
CA GLU A 150 -11.19 -7.04 2.96
C GLU A 150 -12.02 -7.30 1.71
N ALA A 151 -12.65 -6.25 1.21
CA ALA A 151 -13.39 -6.35 -0.04
C ALA A 151 -12.53 -7.03 -1.09
N SER A 152 -13.16 -7.90 -1.87
CA SER A 152 -12.49 -8.72 -2.87
C SER A 152 -13.12 -8.50 -4.23
N SER A 153 -12.37 -8.83 -5.25
CA SER A 153 -12.83 -8.82 -6.64
C SER A 153 -12.48 -10.18 -7.24
N GLU A 154 -13.49 -10.96 -7.54
CA GLU A 154 -13.31 -12.29 -8.10
C GLU A 154 -13.33 -12.18 -9.61
N ARG A 155 -12.24 -12.58 -10.26
CA ARG A 155 -12.18 -12.62 -11.72
C ARG A 155 -12.88 -13.89 -12.18
N MET A 156 -14.02 -13.75 -12.85
CA MET A 156 -14.79 -14.87 -13.35
C MET A 156 -14.52 -15.02 -14.84
N TYR A 157 -14.43 -16.27 -15.29
CA TYR A 157 -14.20 -16.53 -16.71
C TYR A 157 -14.67 -17.93 -17.04
N PRO A 158 -15.18 -18.17 -18.24
CA PRO A 158 -15.59 -19.53 -18.61
C PRO A 158 -14.40 -20.39 -19.00
N GLU A 159 -14.48 -21.67 -18.67
CA GLU A 159 -13.42 -22.62 -18.98
C GLU A 159 -13.88 -24.02 -18.61
N ASP A 160 -13.50 -25.00 -19.44
CA ASP A 160 -13.82 -26.40 -19.22
C ASP A 160 -15.33 -26.65 -19.15
N GLY A 161 -16.11 -25.79 -19.79
CA GLY A 161 -17.55 -25.91 -19.72
C GLY A 161 -18.17 -25.42 -18.44
N ALA A 162 -17.40 -24.77 -17.57
CA ALA A 162 -17.85 -24.28 -16.28
C ALA A 162 -17.45 -22.81 -16.14
N LEU A 163 -17.82 -22.22 -15.01
CA LEU A 163 -17.48 -20.83 -14.70
C LEU A 163 -16.45 -20.86 -13.58
N LYS A 164 -15.23 -20.41 -13.88
CA LYS A 164 -14.17 -20.39 -12.89
C LYS A 164 -14.00 -18.99 -12.31
N GLY A 165 -13.49 -18.93 -11.10
CA GLY A 165 -13.22 -17.67 -10.44
C GLY A 165 -11.89 -17.69 -9.72
N GLU A 166 -11.13 -16.61 -9.84
CA GLU A 166 -9.86 -16.46 -9.14
C GLU A 166 -9.87 -15.21 -8.27
N ILE A 167 -9.28 -15.27 -7.11
CA ILE A 167 -9.20 -14.14 -6.24
C ILE A 167 -7.98 -14.14 -5.42
N LYS A 168 -7.43 -12.99 -5.11
CA LYS A 168 -6.31 -12.87 -4.24
C LYS A 168 -6.97 -12.24 -3.09
N GLN A 169 -7.15 -12.92 -1.97
CA GLN A 169 -7.89 -12.44 -0.86
C GLN A 169 -7.02 -12.11 0.29
N ARG A 170 -7.42 -11.17 1.13
CA ARG A 170 -6.63 -10.67 2.25
C ARG A 170 -7.47 -10.67 3.52
N LEU A 171 -6.93 -11.32 4.56
CA LEU A 171 -7.52 -11.32 5.89
C LEU A 171 -6.83 -10.24 6.72
N LYS A 172 -7.62 -9.47 7.45
CA LYS A 172 -7.09 -8.45 8.34
C LYS A 172 -6.52 -9.10 9.59
N LEU A 173 -5.32 -8.70 9.98
CA LEU A 173 -4.70 -9.20 11.20
C LEU A 173 -4.85 -8.17 12.31
N LYS A 174 -5.10 -8.65 13.53
CA LYS A 174 -5.33 -7.75 14.66
C LYS A 174 -4.12 -6.90 14.98
N ASP A 175 -2.92 -7.32 14.59
CA ASP A 175 -1.72 -6.54 14.80
C ASP A 175 -1.56 -5.43 13.76
N GLY A 176 -2.56 -5.24 12.92
CA GLY A 176 -2.52 -4.24 11.87
C GLY A 176 -1.98 -4.73 10.57
N GLY A 177 -1.52 -5.98 10.52
CA GLY A 177 -0.99 -6.57 9.32
C GLY A 177 -2.06 -7.30 8.56
N HIS A 178 -1.63 -8.21 7.69
CA HIS A 178 -2.56 -8.93 6.84
C HIS A 178 -2.04 -10.32 6.51
N TYR A 179 -2.97 -11.18 6.12
CA TYR A 179 -2.73 -12.60 5.88
C TYR A 179 -3.32 -12.95 4.50
N ASP A 180 -2.45 -13.31 3.56
CA ASP A 180 -2.87 -13.44 2.16
C ASP A 180 -3.27 -14.87 1.82
N ALA A 181 -4.12 -15.00 0.80
CA ALA A 181 -4.56 -16.30 0.31
C ALA A 181 -4.88 -16.21 -1.18
N GLU A 182 -4.55 -17.26 -1.91
CA GLU A 182 -4.91 -17.40 -3.32
C GLU A 182 -6.07 -18.39 -3.40
N VAL A 183 -7.19 -17.94 -3.97
CA VAL A 183 -8.42 -18.72 -4.00
C VAL A 183 -8.80 -19.01 -5.45
N LYS A 184 -9.07 -20.27 -5.75
CA LYS A 184 -9.60 -20.64 -7.05
C LYS A 184 -10.86 -21.49 -6.84
N THR A 185 -11.90 -21.17 -7.60
CA THR A 185 -13.20 -21.83 -7.48
C THR A 185 -13.70 -22.21 -8.86
N THR A 186 -14.46 -23.30 -8.92
CA THR A 186 -15.13 -23.71 -10.14
C THR A 186 -16.59 -23.95 -9.79
N TYR A 187 -17.48 -23.27 -10.52
CA TYR A 187 -18.92 -23.38 -10.41
C TYR A 187 -19.45 -24.00 -11.69
N LYS A 188 -20.35 -24.98 -11.55
CA LYS A 188 -20.89 -25.68 -12.71
C LYS A 188 -22.37 -25.95 -12.49
N ALA A 189 -23.19 -25.49 -13.41
CA ALA A 189 -24.62 -25.78 -13.37
C ALA A 189 -24.87 -27.25 -13.65
N LYS A 190 -25.88 -27.81 -12.98
CA LYS A 190 -26.30 -29.19 -13.19
C LYS A 190 -27.15 -29.36 -14.44
N LYS A 191 -27.39 -28.31 -15.20
CA LYS A 191 -28.11 -28.38 -16.47
C LYS A 191 -27.51 -27.37 -17.44
N PRO A 192 -27.78 -27.51 -18.73
CA PRO A 192 -27.19 -26.59 -19.71
C PRO A 192 -27.78 -25.20 -19.58
N VAL A 193 -26.91 -24.22 -19.32
CA VAL A 193 -27.32 -22.83 -19.18
C VAL A 193 -26.23 -21.96 -19.81
N GLN A 194 -26.63 -20.76 -20.23
CA GLN A 194 -25.71 -19.86 -20.91
C GLN A 194 -24.57 -19.42 -20.00
N LEU A 195 -23.34 -19.62 -20.47
CA LEU A 195 -22.17 -19.13 -19.74
C LEU A 195 -21.87 -17.68 -20.12
N PRO A 196 -21.40 -16.87 -19.18
CA PRO A 196 -21.01 -15.50 -19.50
C PRO A 196 -19.57 -15.43 -20.00
N GLY A 197 -19.22 -14.26 -20.52
CA GLY A 197 -17.82 -13.95 -20.76
C GLY A 197 -17.12 -13.53 -19.49
N ALA A 198 -15.80 -13.41 -19.57
CA ALA A 198 -15.02 -13.00 -18.41
C ALA A 198 -15.52 -11.67 -17.88
N TYR A 199 -15.61 -11.57 -16.55
CA TYR A 199 -16.02 -10.33 -15.89
C TYR A 199 -15.50 -10.38 -14.46
N ASN A 200 -15.92 -9.41 -13.64
CA ASN A 200 -15.49 -9.34 -12.25
C ASN A 200 -16.71 -9.30 -11.36
N VAL A 201 -16.55 -9.82 -10.14
CA VAL A 201 -17.57 -9.75 -9.11
C VAL A 201 -16.94 -9.13 -7.89
N ASN A 202 -17.42 -7.97 -7.49
CA ASN A 202 -16.97 -7.30 -6.28
C ASN A 202 -17.76 -7.85 -5.11
N ILE A 203 -17.06 -8.23 -4.04
CA ILE A 203 -17.64 -8.96 -2.93
C ILE A 203 -17.20 -8.28 -1.64
N LYS A 204 -18.15 -8.05 -0.75
CA LYS A 204 -17.88 -7.58 0.60
C LYS A 204 -18.54 -8.54 1.56
N LEU A 205 -17.75 -9.10 2.47
CA LEU A 205 -18.22 -10.06 3.45
C LEU A 205 -17.83 -9.59 4.84
N ASP A 206 -18.79 -9.53 5.75
CA ASP A 206 -18.52 -9.11 7.12
C ASP A 206 -19.30 -9.96 8.10
N ILE A 207 -18.69 -10.19 9.26
CA ILE A 207 -19.41 -10.74 10.40
C ILE A 207 -20.12 -9.60 11.12
N THR A 208 -21.45 -9.65 11.13
CA THR A 208 -22.24 -8.58 11.69
C THR A 208 -22.54 -8.78 13.17
N SER A 209 -22.58 -10.02 13.63
CA SER A 209 -22.77 -10.29 15.05
C SER A 209 -22.19 -11.67 15.35
N HIS A 210 -21.82 -11.86 16.61
CA HIS A 210 -21.28 -13.13 17.05
C HIS A 210 -21.29 -13.14 18.57
N ASN A 211 -21.57 -14.31 19.15
CA ASN A 211 -21.53 -14.46 20.60
C ASN A 211 -20.07 -14.52 21.02
N GLU A 212 -19.83 -14.80 22.31
CA GLU A 212 -18.47 -14.70 22.84
C GLU A 212 -17.54 -15.73 22.21
N ASP A 213 -18.00 -16.97 22.07
CA ASP A 213 -17.14 -18.06 21.58
C ASP A 213 -17.44 -18.44 20.13
N TYR A 214 -18.13 -17.58 19.39
CA TYR A 214 -18.38 -17.77 17.96
C TYR A 214 -19.07 -19.10 17.66
N THR A 215 -19.90 -19.58 18.57
CA THR A 215 -20.77 -20.72 18.28
C THR A 215 -22.07 -20.29 17.63
N ILE A 216 -22.39 -19.00 17.66
CA ILE A 216 -23.46 -18.40 16.86
C ILE A 216 -22.87 -17.17 16.19
N VAL A 217 -22.98 -17.10 14.86
CA VAL A 217 -22.36 -16.04 14.09
C VAL A 217 -23.33 -15.60 13.00
N GLU A 218 -23.43 -14.29 12.80
CA GLU A 218 -24.24 -13.73 11.73
C GLU A 218 -23.32 -13.07 10.72
N GLN A 219 -23.63 -13.28 9.44
CA GLN A 219 -22.81 -12.80 8.35
C GLN A 219 -23.66 -11.98 7.38
N TYR A 220 -23.00 -11.05 6.71
CA TYR A 220 -23.59 -10.29 5.62
C TYR A 220 -22.63 -10.34 4.44
N GLU A 221 -23.19 -10.54 3.25
CA GLU A 221 -22.41 -10.50 2.04
C GLU A 221 -23.15 -9.66 1.00
N ARG A 222 -22.38 -8.89 0.25
CA ARG A 222 -22.87 -8.10 -0.86
C ARG A 222 -22.02 -8.39 -2.08
N ALA A 223 -22.65 -8.75 -3.20
CA ALA A 223 -21.93 -9.15 -4.38
C ALA A 223 -22.52 -8.50 -5.62
N GLU A 224 -21.64 -8.02 -6.49
CA GLU A 224 -22.07 -7.26 -7.67
C GLU A 224 -21.17 -7.59 -8.85
N GLY A 225 -21.77 -7.92 -9.98
CA GLY A 225 -20.99 -8.21 -11.18
C GLY A 225 -20.81 -6.98 -12.04
N ARG A 226 -19.61 -6.82 -12.59
CA ARG A 226 -19.32 -5.69 -13.46
C ARG A 226 -18.35 -6.15 -14.57
N HIS A 227 -18.24 -5.31 -15.59
CA HIS A 227 -17.39 -5.57 -16.74
C HIS A 227 -15.93 -5.22 -16.42
N SER A 228 -15.05 -5.65 -17.33
CA SER A 228 -13.63 -5.39 -17.18
C SER A 228 -13.00 -5.03 -18.53
N VAL B 4 -17.43 -45.68 -18.33
CA VAL B 4 -17.61 -47.04 -18.82
C VAL B 4 -16.33 -47.49 -19.53
N GLN B 5 -15.59 -46.56 -20.13
CA GLN B 5 -14.38 -46.91 -20.87
C GLN B 5 -13.23 -46.06 -20.37
N LEU B 6 -12.26 -46.70 -19.74
CA LEU B 6 -11.04 -46.07 -19.26
C LEU B 6 -9.84 -46.81 -19.82
N VAL B 7 -8.90 -46.08 -20.43
CA VAL B 7 -7.73 -46.69 -21.05
C VAL B 7 -6.50 -46.00 -20.50
N GLU B 8 -5.70 -46.73 -19.73
CA GLU B 8 -4.46 -46.19 -19.18
C GLU B 8 -3.33 -46.38 -20.19
N SER B 9 -2.37 -45.47 -20.13
CA SER B 9 -1.21 -45.49 -21.02
C SER B 9 -0.08 -44.73 -20.34
N GLY B 10 1.12 -44.86 -20.91
CA GLY B 10 2.29 -44.16 -20.42
C GLY B 10 3.22 -44.99 -19.56
N GLY B 11 2.87 -46.23 -19.24
CA GLY B 11 3.71 -47.05 -18.41
C GLY B 11 5.03 -47.39 -19.07
N GLY B 12 5.88 -48.05 -18.30
CA GLY B 12 7.19 -48.41 -18.82
C GLY B 12 8.15 -48.82 -17.71
N LEU B 13 9.41 -48.92 -18.10
CA LEU B 13 10.46 -49.42 -17.21
C LEU B 13 11.58 -48.40 -17.11
N VAL B 14 11.90 -47.97 -15.90
CA VAL B 14 12.90 -46.93 -15.67
C VAL B 14 13.67 -47.27 -14.39
N GLN B 15 14.85 -46.71 -14.26
CA GLN B 15 15.58 -46.86 -13.01
C GLN B 15 15.07 -45.85 -11.97
N ALA B 16 15.21 -46.24 -10.70
CA ALA B 16 14.81 -45.39 -9.59
C ALA B 16 15.39 -43.98 -9.76
N GLY B 17 14.60 -42.99 -9.33
CA GLY B 17 14.93 -41.60 -9.51
C GLY B 17 14.43 -40.99 -10.79
N GLY B 18 14.01 -41.81 -11.75
CA GLY B 18 13.46 -41.31 -12.99
C GLY B 18 12.00 -40.91 -12.83
N SER B 19 11.38 -40.59 -13.96
CA SER B 19 10.01 -40.11 -13.97
C SER B 19 9.21 -40.80 -15.07
N LEU B 20 7.90 -40.92 -14.82
CA LEU B 20 6.94 -41.34 -15.83
C LEU B 20 5.72 -40.43 -15.73
N ARG B 21 4.86 -40.48 -16.73
CA ARG B 21 3.60 -39.74 -16.71
C ARG B 21 2.53 -40.66 -17.25
N LEU B 22 1.71 -41.21 -16.36
CA LEU B 22 0.60 -42.04 -16.79
C LEU B 22 -0.55 -41.14 -17.19
N SER B 23 -1.29 -41.56 -18.21
CA SER B 23 -2.51 -40.90 -18.62
C SER B 23 -3.61 -41.95 -18.70
N CYS B 24 -4.84 -41.47 -18.62
CA CYS B 24 -6.01 -42.34 -18.73
C CYS B 24 -7.01 -41.58 -19.60
N ALA B 25 -7.29 -42.13 -20.78
CA ALA B 25 -8.33 -41.59 -21.65
C ALA B 25 -9.67 -42.18 -21.24
N THR B 26 -10.70 -41.33 -21.19
CA THR B 26 -12.01 -41.74 -20.72
C THR B 26 -13.01 -41.59 -21.84
N SER B 27 -14.10 -42.36 -21.74
CA SER B 27 -15.18 -42.28 -22.71
C SER B 27 -16.40 -42.97 -22.12
N GLY B 28 -17.57 -42.44 -22.45
CA GLY B 28 -18.83 -43.05 -22.08
C GLY B 28 -19.53 -42.42 -20.90
N PHE B 29 -19.11 -41.24 -20.46
CA PHE B 29 -19.73 -40.59 -19.32
C PHE B 29 -19.22 -39.16 -19.25
N THR B 30 -19.98 -38.31 -18.55
CA THR B 30 -19.57 -36.93 -18.38
C THR B 30 -18.36 -36.89 -17.46
N PHE B 31 -17.16 -36.96 -18.06
CA PHE B 31 -15.93 -37.03 -17.27
C PHE B 31 -15.85 -35.91 -16.24
N SER B 32 -16.21 -34.69 -16.64
CA SER B 32 -16.01 -33.54 -15.75
C SER B 32 -16.96 -33.53 -14.55
N ASP B 33 -17.84 -34.52 -14.40
CA ASP B 33 -18.73 -34.58 -13.24
C ASP B 33 -18.24 -35.55 -12.17
N TYR B 34 -17.22 -36.36 -12.44
CA TYR B 34 -16.79 -37.42 -11.55
C TYR B 34 -15.36 -37.21 -11.06
N ALA B 35 -15.14 -37.52 -9.79
CA ALA B 35 -13.80 -37.70 -9.28
C ALA B 35 -13.17 -38.96 -9.87
N MET B 36 -11.85 -38.92 -10.08
CA MET B 36 -11.10 -40.02 -10.65
C MET B 36 -9.98 -40.45 -9.70
N GLY B 37 -9.63 -41.72 -9.76
CA GLY B 37 -8.63 -42.26 -8.84
C GLY B 37 -7.66 -43.15 -9.57
N TRP B 38 -6.42 -43.11 -9.12
CA TRP B 38 -5.37 -44.03 -9.52
C TRP B 38 -5.09 -44.98 -8.36
N PHE B 39 -5.10 -46.27 -8.66
CA PHE B 39 -4.72 -47.33 -7.75
C PHE B 39 -3.56 -48.08 -8.38
N ARG B 40 -2.86 -48.86 -7.57
CA ARG B 40 -1.78 -49.70 -8.07
C ARG B 40 -1.84 -51.04 -7.37
N GLN B 41 -1.39 -52.08 -8.07
CA GLN B 41 -1.42 -53.44 -7.56
C GLN B 41 -0.06 -54.07 -7.83
N ALA B 42 0.63 -54.45 -6.76
CA ALA B 42 1.92 -55.11 -6.84
C ALA B 42 1.74 -56.62 -6.93
N PRO B 43 2.77 -57.32 -7.40
CA PRO B 43 2.65 -58.78 -7.53
C PRO B 43 2.28 -59.43 -6.20
N GLY B 44 1.22 -60.23 -6.24
CA GLY B 44 0.75 -60.96 -5.08
C GLY B 44 -0.08 -60.17 -4.10
N LYS B 45 -0.09 -58.84 -4.18
CA LYS B 45 -0.85 -58.02 -3.26
C LYS B 45 -2.15 -57.52 -3.90
N GLU B 46 -2.97 -56.85 -3.09
CA GLU B 46 -4.25 -56.31 -3.50
C GLU B 46 -4.09 -54.86 -3.92
N ARG B 47 -5.04 -54.37 -4.71
CA ARG B 47 -5.00 -52.97 -5.12
C ARG B 47 -4.88 -52.06 -3.91
N GLU B 48 -4.09 -51.01 -4.05
CA GLU B 48 -3.97 -49.99 -3.02
C GLU B 48 -4.17 -48.62 -3.65
N PHE B 49 -4.65 -47.68 -2.84
CA PHE B 49 -4.91 -46.33 -3.29
C PHE B 49 -3.59 -45.61 -3.54
N VAL B 50 -3.53 -44.89 -4.66
CA VAL B 50 -2.40 -44.03 -4.98
C VAL B 50 -2.82 -42.55 -4.90
N ALA B 51 -3.82 -42.16 -5.68
CA ALA B 51 -4.22 -40.76 -5.68
C ALA B 51 -5.65 -40.62 -6.17
N ALA B 52 -6.23 -39.46 -5.90
CA ALA B 52 -7.58 -39.17 -6.35
C ALA B 52 -7.74 -37.68 -6.54
N ILE B 53 -8.66 -37.30 -7.44
CA ILE B 53 -8.88 -35.91 -7.81
C ILE B 53 -10.38 -35.68 -8.02
N SER B 54 -10.90 -34.61 -7.42
CA SER B 54 -12.32 -34.29 -7.51
C SER B 54 -12.67 -33.81 -8.92
N TRP B 55 -13.97 -33.57 -9.14
CA TRP B 55 -14.45 -33.26 -10.48
C TRP B 55 -13.84 -31.96 -11.00
N SER B 56 -13.69 -30.95 -10.14
CA SER B 56 -13.12 -29.68 -10.55
C SER B 56 -11.60 -29.71 -10.67
N GLY B 57 -10.96 -30.71 -10.07
CA GLY B 57 -9.52 -30.76 -10.01
C GLY B 57 -8.89 -30.00 -8.86
N HIS B 58 -9.68 -29.28 -8.07
CA HIS B 58 -9.12 -28.46 -6.99
C HIS B 58 -8.80 -29.26 -5.73
N VAL B 59 -9.44 -30.41 -5.52
CA VAL B 59 -9.26 -31.20 -4.31
C VAL B 59 -8.57 -32.50 -4.71
N THR B 60 -7.35 -32.69 -4.23
CA THR B 60 -6.56 -33.88 -4.51
C THR B 60 -6.22 -34.59 -3.21
N ASP B 61 -5.98 -35.90 -3.33
CA ASP B 61 -5.64 -36.74 -2.19
C ASP B 61 -4.62 -37.78 -2.63
N TYR B 62 -3.63 -38.04 -1.77
CA TYR B 62 -2.53 -38.93 -2.09
C TYR B 62 -2.28 -39.88 -0.93
N ALA B 63 -1.88 -41.11 -1.28
CA ALA B 63 -1.34 -42.03 -0.29
C ALA B 63 -0.04 -41.44 0.28
N ASP B 64 0.18 -41.69 1.57
CA ASP B 64 1.35 -41.12 2.23
C ASP B 64 2.64 -41.48 1.51
N SER B 65 2.73 -42.71 1.00
CA SER B 65 3.99 -43.20 0.44
C SER B 65 4.38 -42.50 -0.84
N VAL B 66 3.47 -41.79 -1.49
CA VAL B 66 3.77 -41.11 -2.75
C VAL B 66 3.62 -39.59 -2.65
N LYS B 67 3.08 -39.07 -1.55
CA LYS B 67 2.88 -37.64 -1.45
C LYS B 67 4.20 -36.91 -1.61
N GLY B 68 4.20 -35.85 -2.42
CA GLY B 68 5.39 -35.10 -2.72
C GLY B 68 6.13 -35.57 -3.95
N ARG B 69 6.02 -36.85 -4.29
CA ARG B 69 6.65 -37.39 -5.50
C ARG B 69 5.69 -37.49 -6.67
N PHE B 70 4.43 -37.86 -6.43
CA PHE B 70 3.44 -38.02 -7.48
C PHE B 70 2.48 -36.83 -7.47
N THR B 71 1.96 -36.50 -8.64
CA THR B 71 0.98 -35.43 -8.79
C THR B 71 -0.12 -35.91 -9.72
N ILE B 72 -1.35 -35.92 -9.25
CA ILE B 72 -2.50 -36.27 -10.08
C ILE B 72 -3.09 -34.99 -10.65
N SER B 73 -3.55 -35.05 -11.89
CA SER B 73 -4.18 -33.90 -12.52
C SER B 73 -5.20 -34.38 -13.53
N ARG B 74 -5.97 -33.45 -14.08
CA ARG B 74 -6.99 -33.82 -15.06
C ARG B 74 -7.19 -32.69 -16.05
N ASP B 75 -7.67 -33.06 -17.24
CA ASP B 75 -8.03 -32.13 -18.29
C ASP B 75 -9.51 -32.38 -18.59
N ASN B 76 -10.35 -31.43 -18.20
CA ASN B 76 -11.81 -31.56 -18.32
C ASN B 76 -12.31 -31.19 -19.71
N VAL B 77 -11.42 -30.76 -20.59
CA VAL B 77 -11.77 -30.57 -21.99
C VAL B 77 -11.48 -31.83 -22.80
N LYS B 78 -10.24 -32.32 -22.72
CA LYS B 78 -9.85 -33.58 -23.34
C LYS B 78 -10.39 -34.80 -22.60
N ASN B 79 -10.93 -34.61 -21.39
CA ASN B 79 -11.49 -35.69 -20.58
C ASN B 79 -10.46 -36.76 -20.27
N THR B 80 -9.33 -36.34 -19.71
CA THR B 80 -8.23 -37.25 -19.43
C THR B 80 -7.72 -37.05 -18.01
N VAL B 81 -7.26 -38.14 -17.40
CA VAL B 81 -6.62 -38.09 -16.09
C VAL B 81 -5.12 -38.33 -16.27
N TYR B 82 -4.31 -37.72 -15.40
CA TYR B 82 -2.86 -37.87 -15.46
C TYR B 82 -2.31 -38.13 -14.07
N LEU B 83 -1.24 -38.93 -14.02
CA LEU B 83 -0.45 -39.18 -12.82
C LEU B 83 1.03 -38.97 -13.18
N GLN B 84 1.56 -37.80 -12.83
CA GLN B 84 2.99 -37.51 -12.97
C GLN B 84 3.72 -38.19 -11.82
N MET B 85 4.72 -39.02 -12.15
CA MET B 85 5.43 -39.81 -11.17
C MET B 85 6.90 -39.40 -11.23
N ASN B 86 7.38 -38.73 -10.18
CA ASN B 86 8.76 -38.31 -10.08
C ASN B 86 9.44 -39.07 -8.95
N SER B 87 10.77 -39.04 -8.97
CA SER B 87 11.58 -39.71 -7.95
C SER B 87 11.13 -41.15 -7.74
N LEU B 88 10.92 -41.84 -8.83
CA LEU B 88 10.40 -43.20 -8.76
C LEU B 88 11.32 -44.10 -7.94
N LYS B 89 10.72 -44.99 -7.15
CA LYS B 89 11.43 -45.95 -6.32
C LYS B 89 11.07 -47.36 -6.75
N PRO B 90 11.95 -48.34 -6.52
CA PRO B 90 11.63 -49.73 -6.89
C PRO B 90 10.31 -50.23 -6.34
N GLU B 91 9.94 -49.84 -5.12
CA GLU B 91 8.69 -50.30 -4.53
C GLU B 91 7.46 -49.67 -5.19
N ASP B 92 7.65 -48.74 -6.12
CA ASP B 92 6.54 -48.23 -6.94
C ASP B 92 6.16 -49.19 -8.06
N THR B 93 6.96 -50.24 -8.28
CA THR B 93 6.66 -51.20 -9.33
C THR B 93 5.31 -51.85 -9.09
N ALA B 94 4.45 -51.82 -10.10
CA ALA B 94 3.10 -52.34 -9.98
C ALA B 94 2.35 -52.09 -11.27
N VAL B 95 1.14 -52.66 -11.34
CA VAL B 95 0.20 -52.33 -12.41
C VAL B 95 -0.69 -51.19 -11.89
N TYR B 96 -0.69 -50.06 -12.61
CA TYR B 96 -1.45 -48.88 -12.23
C TYR B 96 -2.75 -48.82 -13.02
N SER B 97 -3.86 -48.67 -12.31
CA SER B 97 -5.18 -48.65 -12.91
C SER B 97 -5.92 -47.38 -12.51
N CYS B 98 -6.74 -46.87 -13.42
CA CYS B 98 -7.57 -45.71 -13.19
C CYS B 98 -9.03 -46.14 -13.03
N ALA B 99 -9.76 -45.38 -12.23
CA ALA B 99 -11.15 -45.69 -11.93
C ALA B 99 -11.92 -44.39 -11.72
N ALA B 100 -13.21 -44.45 -12.01
CA ALA B 100 -14.12 -43.35 -11.75
C ALA B 100 -14.88 -43.64 -10.46
N ALA B 101 -15.06 -42.61 -9.64
CA ALA B 101 -15.82 -42.79 -8.42
C ALA B 101 -17.25 -43.22 -8.76
N LYS B 102 -17.74 -44.22 -8.03
CA LYS B 102 -19.14 -44.63 -8.19
C LYS B 102 -20.07 -43.47 -7.88
N SER B 103 -20.02 -42.98 -6.66
CA SER B 103 -20.83 -41.85 -6.25
C SER B 103 -20.35 -40.57 -6.93
N GLY B 104 -21.31 -39.76 -7.37
CA GLY B 104 -20.98 -38.47 -7.92
C GLY B 104 -20.75 -37.41 -6.85
N THR B 105 -20.40 -37.82 -5.63
CA THR B 105 -20.09 -36.90 -4.55
C THR B 105 -18.86 -37.35 -3.74
N TRP B 106 -17.73 -37.48 -4.42
CA TRP B 106 -16.49 -37.85 -3.76
C TRP B 106 -16.05 -36.81 -2.73
N TRP B 107 -15.45 -37.29 -1.64
CA TRP B 107 -14.81 -36.39 -0.66
C TRP B 107 -13.80 -37.22 0.13
N TYR B 108 -12.56 -37.27 -0.35
CA TYR B 108 -11.45 -37.94 0.33
C TYR B 108 -11.74 -39.42 0.60
N GLN B 109 -12.45 -40.06 -0.31
CA GLN B 109 -12.73 -41.49 -0.20
C GLN B 109 -11.64 -42.25 -0.94
N ARG B 110 -10.91 -43.09 -0.20
CA ARG B 110 -9.78 -43.83 -0.75
C ARG B 110 -10.08 -45.30 -1.01
N SER B 111 -11.24 -45.79 -0.61
CA SER B 111 -11.47 -47.22 -0.67
C SER B 111 -11.67 -47.69 -2.10
N GLU B 112 -11.11 -48.85 -2.41
CA GLU B 112 -11.29 -49.47 -3.71
C GLU B 112 -12.75 -49.65 -4.07
N ASN B 113 -13.61 -49.91 -3.07
CA ASN B 113 -15.02 -50.10 -3.34
C ASN B 113 -15.77 -48.81 -3.65
N ASP B 114 -15.16 -47.65 -3.39
CA ASP B 114 -15.78 -46.38 -3.74
C ASP B 114 -15.57 -46.01 -5.20
N PHE B 115 -14.83 -46.83 -5.94
CA PHE B 115 -14.50 -46.58 -7.34
C PHE B 115 -14.90 -47.77 -8.19
N GLY B 116 -15.26 -47.47 -9.44
CA GLY B 116 -15.66 -48.50 -10.38
C GLY B 116 -15.12 -48.28 -11.77
N SER B 117 -15.64 -49.04 -12.73
CA SER B 117 -15.21 -48.96 -14.11
C SER B 117 -13.68 -48.87 -14.16
N TRP B 118 -13.00 -49.99 -14.00
CA TRP B 118 -11.55 -49.99 -13.95
C TRP B 118 -11.03 -50.26 -15.36
N GLY B 119 -9.94 -49.59 -15.71
CA GLY B 119 -9.24 -49.90 -16.93
C GLY B 119 -8.42 -51.16 -16.77
N GLN B 120 -7.79 -51.57 -17.87
CA GLN B 120 -6.98 -52.78 -17.83
C GLN B 120 -5.66 -52.55 -17.10
N GLY B 121 -5.23 -51.30 -16.95
CA GLY B 121 -4.01 -50.99 -16.24
C GLY B 121 -2.81 -50.87 -17.17
N THR B 122 -1.73 -50.33 -16.62
CA THR B 122 -0.48 -50.20 -17.34
C THR B 122 0.65 -50.51 -16.39
N GLN B 123 1.65 -51.24 -16.88
CA GLN B 123 2.73 -51.73 -16.04
C GLN B 123 3.79 -50.66 -15.84
N VAL B 124 4.18 -50.46 -14.58
CA VAL B 124 5.27 -49.56 -14.22
C VAL B 124 6.29 -50.38 -13.47
N THR B 125 7.52 -50.39 -13.98
CA THR B 125 8.62 -51.14 -13.37
C THR B 125 9.78 -50.20 -13.10
N VAL B 126 10.29 -50.24 -11.87
CA VAL B 126 11.35 -49.34 -11.44
C VAL B 126 12.50 -50.17 -10.88
N SER B 127 13.70 -49.92 -11.38
CA SER B 127 14.90 -50.58 -10.91
C SER B 127 15.77 -49.61 -10.10
N MET C 13 -3.38 23.35 -37.82
CA MET C 13 -2.02 23.58 -37.40
C MET C 13 -1.14 23.63 -38.62
N ALA C 14 -0.28 22.64 -38.74
CA ALA C 14 0.62 22.51 -39.88
C ALA C 14 1.84 23.40 -39.68
N ILE C 15 1.79 24.36 -38.76
CA ILE C 15 2.90 25.28 -38.49
C ILE C 15 3.87 24.72 -37.45
N ILE C 16 3.44 23.75 -36.66
CA ILE C 16 4.29 23.09 -35.69
C ILE C 16 4.85 21.82 -36.33
N LYS C 17 6.15 21.84 -36.64
CA LYS C 17 6.79 20.68 -37.25
C LYS C 17 6.89 19.55 -36.23
N GLU C 18 7.18 18.35 -36.75
CA GLU C 18 7.29 17.15 -35.90
C GLU C 18 8.52 17.24 -35.00
N PHE C 19 9.52 18.04 -35.36
CA PHE C 19 10.68 18.31 -34.53
C PHE C 19 10.82 19.81 -34.43
N MET C 20 10.85 20.33 -33.19
CA MET C 20 10.91 21.76 -32.94
C MET C 20 11.98 22.05 -31.89
N ARG C 21 12.69 23.16 -32.08
CA ARG C 21 13.65 23.66 -31.11
C ARG C 21 13.05 24.88 -30.41
N PHE C 22 13.65 25.24 -29.27
CA PHE C 22 13.19 26.40 -28.55
C PHE C 22 14.34 26.96 -27.73
N LYS C 23 14.25 28.26 -27.44
CA LYS C 23 15.14 28.93 -26.51
C LYS C 23 14.33 29.61 -25.41
N VAL C 24 14.94 29.71 -24.23
CA VAL C 24 14.23 30.16 -23.04
C VAL C 24 15.13 31.08 -22.23
N HIS C 25 14.54 32.16 -21.73
CA HIS C 25 15.19 33.11 -20.84
C HIS C 25 14.35 33.21 -19.57
N MET C 26 15.00 33.13 -18.41
CA MET C 26 14.30 33.26 -17.14
C MET C 26 15.03 34.26 -16.27
N GLU C 27 14.28 35.22 -15.72
CA GLU C 27 14.75 36.11 -14.68
C GLU C 27 13.97 35.79 -13.42
N GLY C 28 14.66 35.63 -12.29
CA GLY C 28 13.93 35.24 -11.11
C GLY C 28 14.58 35.65 -9.80
N SER C 29 13.82 35.42 -8.73
CA SER C 29 14.22 35.69 -7.37
C SER C 29 13.52 34.70 -6.45
N VAL C 30 14.30 34.04 -5.59
CA VAL C 30 13.76 33.11 -4.61
C VAL C 30 14.25 33.55 -3.23
N ASN C 31 13.31 33.89 -2.35
CA ASN C 31 13.62 34.42 -1.01
C ASN C 31 14.64 35.53 -1.10
N GLY C 32 14.59 36.33 -2.18
CA GLY C 32 15.48 37.47 -2.35
C GLY C 32 16.72 37.19 -3.20
N HIS C 33 17.07 35.94 -3.42
CA HIS C 33 18.25 35.61 -4.22
C HIS C 33 17.90 35.72 -5.70
N GLU C 34 18.54 36.65 -6.41
CA GLU C 34 18.24 36.95 -7.80
C GLU C 34 19.17 36.20 -8.74
N PHE C 35 18.63 35.82 -9.90
CA PHE C 35 19.37 34.99 -10.82
C PHE C 35 18.76 35.09 -12.21
N GLU C 36 19.55 34.66 -13.20
CA GLU C 36 19.09 34.51 -14.57
C GLU C 36 19.51 33.15 -15.07
N ILE C 37 18.68 32.58 -15.94
CA ILE C 37 18.93 31.29 -16.56
C ILE C 37 18.67 31.42 -18.06
N GLU C 38 19.58 30.89 -18.86
CA GLU C 38 19.44 30.86 -20.31
C GLU C 38 19.48 29.40 -20.74
N GLY C 39 18.61 29.01 -21.67
CA GLY C 39 18.55 27.62 -22.05
C GLY C 39 18.11 27.40 -23.48
N GLU C 40 18.50 26.24 -24.01
CA GLU C 40 18.06 25.77 -25.31
C GLU C 40 17.35 24.42 -25.13
N GLY C 41 16.57 24.05 -26.12
CA GLY C 41 15.85 22.80 -26.01
C GLY C 41 15.34 22.32 -27.35
N GLU C 42 14.91 21.07 -27.36
CA GLU C 42 14.41 20.44 -28.56
C GLU C 42 13.33 19.43 -28.16
N GLY C 43 12.56 18.98 -29.14
CA GLY C 43 11.56 17.97 -28.86
C GLY C 43 10.66 17.71 -30.04
N ARG C 44 9.69 16.83 -29.79
CA ARG C 44 8.73 16.43 -30.81
C ARG C 44 7.33 16.77 -30.32
N PRO C 45 6.76 17.90 -30.75
CA PRO C 45 5.50 18.35 -30.14
C PRO C 45 4.38 17.33 -30.17
N TYR C 46 4.25 16.56 -31.25
CA TYR C 46 3.13 15.64 -31.38
C TYR C 46 3.38 14.33 -30.66
N GLU C 47 4.64 14.02 -30.35
CA GLU C 47 4.95 12.88 -29.49
C GLU C 47 4.88 13.24 -28.01
N GLY C 48 4.83 14.53 -27.68
CA GLY C 48 4.72 14.95 -26.30
C GLY C 48 5.99 14.81 -25.50
N THR C 49 7.15 14.87 -26.16
CA THR C 49 8.44 14.67 -25.50
C THR C 49 9.37 15.83 -25.82
N GLN C 50 10.17 16.21 -24.84
CA GLN C 50 11.12 17.30 -25.06
C GLN C 50 12.25 17.23 -24.04
N THR C 51 13.36 17.85 -24.41
CA THR C 51 14.52 17.98 -23.54
C THR C 51 15.01 19.43 -23.58
N ALA C 52 15.75 19.81 -22.55
CA ALA C 52 16.34 21.15 -22.51
C ALA C 52 17.64 21.13 -21.73
N LYS C 53 18.53 22.06 -22.08
CA LYS C 53 19.76 22.33 -21.33
C LYS C 53 19.71 23.77 -20.87
N LEU C 54 19.94 23.99 -19.58
CA LEU C 54 19.75 25.26 -18.90
C LEU C 54 21.03 25.62 -18.17
N LYS C 55 21.38 26.90 -18.19
CA LYS C 55 22.60 27.40 -17.58
C LYS C 55 22.26 28.61 -16.72
N VAL C 56 22.72 28.58 -15.48
CA VAL C 56 22.58 29.73 -14.59
C VAL C 56 23.64 30.73 -15.02
N THR C 57 23.21 31.81 -15.66
CA THR C 57 24.13 32.81 -16.18
C THR C 57 24.42 33.91 -15.19
N LYS C 58 23.56 34.10 -14.19
CA LYS C 58 23.78 35.07 -13.13
C LYS C 58 23.26 34.52 -11.80
N GLY C 59 24.01 34.76 -10.75
CA GLY C 59 23.59 34.42 -9.41
C GLY C 59 23.87 33.01 -8.95
N GLY C 60 24.63 32.25 -9.72
CA GLY C 60 24.98 30.90 -9.36
C GLY C 60 26.15 30.87 -8.41
N PRO C 61 26.25 29.80 -7.59
CA PRO C 61 25.27 28.69 -7.50
C PRO C 61 24.04 29.10 -6.71
N LEU C 62 22.89 28.52 -7.06
CA LEU C 62 21.65 28.85 -6.40
C LEU C 62 21.61 28.23 -5.01
N PRO C 63 21.14 28.98 -4.00
CA PRO C 63 21.10 28.43 -2.64
C PRO C 63 19.81 27.68 -2.32
N PHE C 64 19.07 27.27 -3.35
CA PHE C 64 17.79 26.60 -3.16
C PHE C 64 17.65 25.46 -4.16
N ALA C 65 16.64 24.62 -3.95
CA ALA C 65 16.46 23.43 -4.77
C ALA C 65 16.09 23.79 -6.20
N TRP C 66 16.80 23.21 -7.16
CA TRP C 66 16.49 23.43 -8.57
C TRP C 66 15.09 22.97 -8.95
N ASP C 67 14.51 22.03 -8.19
CA ASP C 67 13.25 21.41 -8.60
C ASP C 67 12.14 22.44 -8.77
N ILE C 68 12.07 23.42 -7.86
CA ILE C 68 10.99 24.40 -7.96
C ILE C 68 11.05 25.17 -9.28
N LEU C 69 12.20 25.18 -9.95
CA LEU C 69 12.34 25.85 -11.22
C LEU C 69 12.03 24.93 -12.41
N SER C 70 12.23 23.62 -12.26
CA SER C 70 12.20 22.75 -13.44
C SER C 70 10.84 22.77 -14.15
N PRO C 71 9.70 22.87 -13.48
CA PRO C 71 8.42 22.91 -14.20
C PRO C 71 8.16 24.21 -14.95
N GLN C 72 9.07 25.19 -14.91
CA GLN C 72 8.80 26.47 -15.55
C GLN C 72 9.46 26.57 -16.92
N PHE C 73 10.34 25.64 -17.26
CA PHE C 73 10.92 25.56 -18.61
C PHE C 73 10.18 24.41 -19.27
N1 NRQ C 74 9.88 23.51 -18.33
CE NRQ C 74 12.68 21.22 -20.50
SD NRQ C 74 11.23 20.14 -20.35
CG1 NRQ C 74 9.74 21.18 -20.37
CB1 NRQ C 74 9.42 21.31 -18.88
CA1 NRQ C 74 8.95 22.70 -18.50
C1 NRQ C 74 7.46 22.95 -18.22
N2 NRQ C 74 6.71 21.93 -17.57
OH NRQ C 74 5.28 18.23 -12.31
CD2 NRQ C 74 3.59 20.61 -14.57
CE2 NRQ C 74 3.82 19.77 -13.50
CZ NRQ C 74 5.03 19.08 -13.40
CE1 NRQ C 74 5.99 19.23 -14.39
CD1 NRQ C 74 5.76 20.07 -15.48
CG2 NRQ C 74 4.55 20.76 -15.56
CB2 NRQ C 74 4.39 21.64 -16.81
CA2 NRQ C 74 5.38 22.34 -17.34
C2 NRQ C 74 5.28 23.77 -17.89
O2 NRQ C 74 4.31 24.44 -17.89
N3 NRQ C 74 6.63 24.14 -18.42
CA3 NRQ C 74 6.96 25.43 -19.02
C3 NRQ C 74 6.69 25.43 -20.53
O3 NRQ C 74 6.75 26.50 -21.18
HE1A NRQ C 74 13.59 20.64 -20.43
HE2A NRQ C 74 12.66 21.96 -19.70
HE3 NRQ C 74 12.65 21.74 -21.46
HG11 NRQ C 74 9.93 22.14 -20.80
HG12 NRQ C 74 8.93 20.69 -20.89
HB11 NRQ C 74 10.31 21.07 -18.31
HB12 NRQ C 74 8.64 20.60 -18.62
HOH NRQ C 74 6.16 17.92 -12.37
HD2 NRQ C 74 2.64 21.15 -14.65
HE2 NRQ C 74 3.08 19.65 -12.73
HE1 NRQ C 74 6.93 18.70 -14.32
HD1 NRQ C 74 6.50 20.19 -16.25
HB2 NRQ C 74 3.42 21.70 -17.28
HA31 NRQ C 74 8.01 25.64 -18.85
HA32 NRQ C 74 6.36 26.20 -18.56
N SER C 75 6.39 24.29 -21.13
CA SER C 75 6.58 24.15 -22.57
C SER C 75 5.45 23.28 -23.13
N LYS C 76 4.21 23.80 -23.04
CA LYS C 76 3.02 23.03 -23.34
C LYS C 76 2.71 22.92 -24.82
N ALA C 77 3.58 23.43 -25.70
CA ALA C 77 3.47 23.08 -27.12
C ALA C 77 3.83 21.63 -27.36
N TYR C 78 4.51 21.00 -26.43
CA TYR C 78 4.97 19.62 -26.56
C TYR C 78 4.12 18.67 -25.71
N VAL C 79 2.82 18.63 -26.00
CA VAL C 79 1.89 17.73 -25.31
C VAL C 79 1.18 16.89 -26.36
N LYS C 80 1.29 15.57 -26.23
CA LYS C 80 0.57 14.67 -27.11
C LYS C 80 -0.92 14.73 -26.80
N HIS C 81 -1.73 15.02 -27.83
CA HIS C 81 -3.17 15.13 -27.66
C HIS C 81 -3.88 14.14 -28.57
N PRO C 82 -4.92 13.45 -28.07
CA PRO C 82 -5.78 12.68 -28.98
C PRO C 82 -6.41 13.59 -30.04
N ALA C 83 -6.84 12.97 -31.13
CA ALA C 83 -7.41 13.73 -32.24
C ALA C 83 -8.72 14.41 -31.88
N ASP C 84 -9.45 13.92 -30.90
CA ASP C 84 -10.73 14.51 -30.52
C ASP C 84 -10.61 15.54 -29.40
N ILE C 85 -9.40 15.79 -28.90
CA ILE C 85 -9.16 16.80 -27.89
C ILE C 85 -8.45 17.97 -28.56
N PRO C 86 -9.08 19.14 -28.69
CA PRO C 86 -8.40 20.26 -29.35
C PRO C 86 -7.08 20.60 -28.66
N ASP C 87 -6.01 20.68 -29.46
CA ASP C 87 -4.70 21.10 -28.95
C ASP C 87 -4.67 22.63 -28.97
N TYR C 88 -5.36 23.22 -27.98
CA TYR C 88 -5.54 24.68 -27.91
C TYR C 88 -4.22 25.42 -28.05
N LEU C 89 -3.17 24.94 -27.39
CA LEU C 89 -1.93 25.70 -27.33
C LEU C 89 -1.10 25.57 -28.60
N LYS C 90 -1.16 24.44 -29.29
CA LYS C 90 -0.48 24.34 -30.58
C LYS C 90 -1.15 25.26 -31.60
N LEU C 91 -2.48 25.35 -31.56
CA LEU C 91 -3.22 26.18 -32.48
C LEU C 91 -2.95 27.68 -32.29
N SER C 92 -2.53 28.08 -31.10
CA SER C 92 -2.32 29.51 -30.84
C SER C 92 -1.19 30.09 -31.68
N PHE C 93 -0.35 29.26 -32.30
CA PHE C 93 0.80 29.74 -33.05
C PHE C 93 0.41 30.09 -34.49
N PRO C 94 1.21 30.90 -35.19
CA PRO C 94 2.53 31.43 -34.81
C PRO C 94 2.53 32.55 -33.77
N GLU C 95 1.37 33.13 -33.48
CA GLU C 95 1.32 34.19 -32.48
C GLU C 95 1.79 33.68 -31.12
N GLY C 96 1.33 32.50 -30.72
CA GLY C 96 1.73 31.91 -29.47
C GLY C 96 0.71 32.12 -28.38
N PHE C 97 1.16 31.94 -27.14
CA PHE C 97 0.28 32.08 -25.99
C PHE C 97 1.09 32.59 -24.81
N LYS C 98 0.41 32.81 -23.69
CA LYS C 98 1.07 33.19 -22.45
C LYS C 98 0.44 32.39 -21.31
N TRP C 99 1.20 32.20 -20.25
CA TRP C 99 0.63 31.49 -19.10
C TRP C 99 1.17 32.07 -17.80
N GLU C 100 0.35 31.96 -16.76
CA GLU C 100 0.72 32.41 -15.43
C GLU C 100 0.36 31.34 -14.42
N ARG C 101 1.18 31.23 -13.37
CA ARG C 101 1.09 30.11 -12.44
C ARG C 101 1.36 30.55 -11.02
N VAL C 102 0.68 29.87 -10.08
CA VAL C 102 0.96 30.00 -8.65
C VAL C 102 1.07 28.60 -8.06
N MET C 103 2.16 28.36 -7.33
CA MET C 103 2.41 27.13 -6.60
C MET C 103 2.43 27.48 -5.11
N ASN C 104 1.51 26.89 -4.35
CA ASN C 104 1.44 27.08 -2.91
C ASN C 104 1.96 25.80 -2.25
N PHE C 105 3.13 25.88 -1.62
CA PHE C 105 3.71 24.72 -0.97
C PHE C 105 3.15 24.56 0.44
N GLU C 106 3.26 23.35 0.98
CA GLU C 106 2.57 23.04 2.22
C GLU C 106 3.17 23.79 3.41
N ASP C 107 4.44 24.16 3.36
CA ASP C 107 5.08 24.87 4.46
C ASP C 107 5.01 26.39 4.29
N GLY C 108 4.09 26.90 3.48
CA GLY C 108 3.93 28.32 3.31
C GLY C 108 4.67 28.93 2.13
N GLY C 109 5.65 28.22 1.56
CA GLY C 109 6.34 28.75 0.40
C GLY C 109 5.40 28.98 -0.77
N VAL C 110 5.70 30.01 -1.55
CA VAL C 110 4.88 30.40 -2.68
C VAL C 110 5.79 30.71 -3.87
N VAL C 111 5.45 30.17 -5.03
CA VAL C 111 6.12 30.48 -6.28
C VAL C 111 5.09 31.05 -7.26
N THR C 112 5.42 32.17 -7.86
CA THR C 112 4.59 32.80 -8.88
C THR C 112 5.41 32.89 -10.15
N VAL C 113 4.74 32.71 -11.29
CA VAL C 113 5.41 32.64 -12.58
C VAL C 113 4.55 33.34 -13.62
N THR C 114 5.20 34.09 -14.52
CA THR C 114 4.56 34.61 -15.72
C THR C 114 5.44 34.28 -16.91
N GLN C 115 4.80 33.93 -18.04
CA GLN C 115 5.56 33.38 -19.17
C GLN C 115 4.88 33.78 -20.48
N ASP C 116 5.72 34.05 -21.48
CA ASP C 116 5.30 34.30 -22.85
C ASP C 116 5.96 33.28 -23.77
N SER C 117 5.17 32.69 -24.67
CA SER C 117 5.64 31.71 -25.64
C SER C 117 5.26 32.25 -27.01
N SER C 118 6.25 32.42 -27.87
CA SER C 118 6.05 32.89 -29.24
C SER C 118 6.81 31.98 -30.21
N LEU C 119 6.68 32.26 -31.50
CA LEU C 119 7.33 31.51 -32.56
C LEU C 119 8.08 32.47 -33.46
N GLN C 120 9.38 32.21 -33.66
CA GLN C 120 10.22 33.12 -34.44
C GLN C 120 11.25 32.29 -35.19
N ASP C 121 11.36 32.52 -36.50
CA ASP C 121 12.35 31.83 -37.34
C ASP C 121 12.32 30.32 -37.12
N GLY C 122 11.12 29.78 -36.93
CA GLY C 122 10.95 28.34 -36.80
C GLY C 122 11.16 27.77 -35.42
N GLU C 123 11.62 28.58 -34.48
CA GLU C 123 11.86 28.15 -33.14
C GLU C 123 10.93 28.76 -32.08
N PHE C 124 10.57 28.04 -31.02
CA PHE C 124 9.78 28.63 -29.94
C PHE C 124 10.68 29.52 -29.09
N ILE C 125 10.15 30.67 -28.69
CA ILE C 125 10.84 31.61 -27.81
C ILE C 125 10.05 31.68 -26.53
N TYR C 126 10.71 31.36 -25.41
CA TYR C 126 10.09 31.36 -24.08
C TYR C 126 10.74 32.45 -23.24
N LYS C 127 9.91 33.34 -22.68
CA LYS C 127 10.37 34.36 -21.74
C LYS C 127 9.64 34.14 -20.42
N VAL C 128 10.41 33.96 -19.34
CA VAL C 128 9.87 33.58 -18.04
C VAL C 128 10.34 34.57 -16.97
N LYS C 129 9.43 34.92 -16.08
CA LYS C 129 9.76 35.62 -14.85
C LYS C 129 9.17 34.82 -13.70
N LEU C 130 9.94 34.70 -12.63
CA LEU C 130 9.58 33.83 -11.51
C LEU C 130 9.94 34.50 -10.20
N ARG C 131 9.12 34.27 -9.18
CA ARG C 131 9.40 34.76 -7.83
C ARG C 131 9.02 33.70 -6.81
N GLY C 132 9.95 33.38 -5.91
CA GLY C 132 9.68 32.52 -4.76
C GLY C 132 9.80 33.31 -3.47
N THR C 133 8.90 33.05 -2.53
CA THR C 133 8.90 33.77 -1.26
C THR C 133 8.30 32.90 -0.16
N ASN C 134 8.65 33.20 1.05
CA ASN C 134 8.09 32.56 2.16
C ASN C 134 8.50 31.19 2.39
N PHE C 135 9.61 30.86 1.86
CA PHE C 135 10.16 29.52 2.06
C PHE C 135 10.89 29.49 3.40
N PRO C 136 10.54 28.59 4.31
CA PRO C 136 11.28 28.50 5.58
C PRO C 136 12.77 28.33 5.34
N SER C 137 13.57 28.98 6.19
CA SER C 137 15.02 28.91 6.06
C SER C 137 15.52 27.47 6.17
N ASP C 138 14.92 26.68 7.05
CA ASP C 138 15.30 25.30 7.27
C ASP C 138 14.44 24.33 6.47
N GLY C 139 13.61 24.81 5.56
CA GLY C 139 12.75 23.96 4.77
C GLY C 139 13.53 23.20 3.71
N PRO C 140 12.87 22.23 3.08
CA PRO C 140 13.57 21.41 2.07
C PRO C 140 13.99 22.18 0.83
N VAL C 141 13.32 23.29 0.52
CA VAL C 141 13.69 24.06 -0.67
C VAL C 141 14.98 24.82 -0.44
N MET C 142 15.04 25.61 0.64
CA MET C 142 16.25 26.39 0.92
C MET C 142 17.39 25.50 1.41
N GLN C 143 17.10 24.27 1.82
CA GLN C 143 18.14 23.34 2.25
C GLN C 143 18.45 22.29 1.20
N LYS C 144 17.78 22.34 0.05
CA LYS C 144 18.05 21.43 -1.05
C LYS C 144 17.89 19.96 -0.61
N LYS C 145 16.68 19.65 -0.14
CA LYS C 145 16.36 18.31 0.34
C LYS C 145 15.40 17.57 -0.59
N THR C 146 15.30 17.99 -1.84
CA THR C 146 14.34 17.44 -2.79
C THR C 146 15.04 16.57 -3.82
N MET C 147 14.31 15.59 -4.33
CA MET C 147 14.82 14.59 -5.27
C MET C 147 14.00 14.56 -6.56
N GLY C 148 13.41 15.68 -6.94
CA GLY C 148 12.64 15.74 -8.17
C GLY C 148 11.17 15.44 -7.95
N TRP C 149 10.41 15.65 -9.01
CA TRP C 149 8.96 15.55 -8.95
C TRP C 149 8.48 14.14 -9.25
N GLU C 150 7.36 13.83 -8.69
CA GLU C 150 6.70 12.64 -9.00
C GLU C 150 5.86 12.85 -10.23
N ALA C 151 5.53 11.82 -10.95
CA ALA C 151 4.62 11.96 -12.08
C ALA C 151 3.38 12.70 -11.62
N SER C 152 2.91 13.61 -12.47
CA SER C 152 1.79 14.47 -12.14
C SER C 152 0.72 14.35 -13.21
N SER C 153 -0.51 14.73 -12.85
CA SER C 153 -1.61 14.78 -13.80
C SER C 153 -2.30 16.13 -13.58
N GLU C 154 -2.27 16.99 -14.57
CA GLU C 154 -2.85 18.32 -14.51
C GLU C 154 -4.29 18.23 -15.01
N ARG C 155 -5.24 18.60 -14.16
CA ARG C 155 -6.65 18.70 -14.55
C ARG C 155 -6.84 19.98 -15.34
N MET C 156 -7.09 19.85 -16.65
CA MET C 156 -7.31 20.98 -17.52
C MET C 156 -8.81 21.17 -17.77
N TYR C 157 -9.24 22.43 -17.82
CA TYR C 157 -10.64 22.74 -18.06
C TYR C 157 -10.74 24.17 -18.58
N PRO C 158 -11.74 24.47 -19.41
CA PRO C 158 -11.91 25.84 -19.89
C PRO C 158 -12.63 26.71 -18.87
N GLU C 159 -12.23 27.98 -18.81
CA GLU C 159 -12.85 28.93 -17.89
C GLU C 159 -12.33 30.33 -18.16
N ASP C 160 -13.21 31.31 -18.06
CA ASP C 160 -12.87 32.72 -18.27
C ASP C 160 -12.28 32.98 -19.65
N GLY C 161 -12.60 32.14 -20.62
CA GLY C 161 -12.05 32.27 -21.96
C GLY C 161 -10.65 31.75 -22.13
N ALA C 162 -10.09 31.07 -21.13
CA ALA C 162 -8.75 30.53 -21.19
C ALA C 162 -8.79 29.06 -20.77
N LEU C 163 -7.62 28.42 -20.78
CA LEU C 163 -7.48 27.03 -20.38
C LEU C 163 -6.77 27.02 -19.03
N LYS C 164 -7.47 26.59 -17.99
CA LYS C 164 -6.91 26.51 -16.66
C LYS C 164 -6.48 25.08 -16.37
N GLY C 165 -5.48 24.95 -15.50
CA GLY C 165 -4.99 23.66 -15.07
C GLY C 165 -4.71 23.65 -13.59
N GLU C 166 -5.12 22.58 -12.91
CA GLU C 166 -4.88 22.41 -11.49
C GLU C 166 -4.09 21.13 -11.26
N ILE C 167 -3.15 21.18 -10.32
CA ILE C 167 -2.31 20.04 -10.02
C ILE C 167 -2.09 19.97 -8.51
N LYS C 168 -2.03 18.76 -8.00
CA LYS C 168 -1.51 18.49 -6.66
C LYS C 168 -0.15 17.86 -6.91
N GLN C 169 0.90 18.62 -6.87
CA GLN C 169 2.21 18.15 -7.17
C GLN C 169 2.97 17.71 -5.99
N ARG C 170 3.88 16.84 -6.16
CA ARG C 170 4.58 16.27 -5.09
C ARG C 170 6.03 16.20 -5.33
N LEU C 171 6.84 16.77 -4.47
CA LEU C 171 8.28 16.68 -4.56
C LEU C 171 8.79 15.58 -3.65
N LYS C 172 9.74 14.81 -4.16
CA LYS C 172 10.33 13.77 -3.36
C LYS C 172 11.36 14.37 -2.44
N LEU C 173 11.37 13.91 -1.19
CA LEU C 173 12.34 14.33 -0.20
C LEU C 173 13.41 13.27 -0.07
N LYS C 174 14.66 13.70 0.11
CA LYS C 174 15.78 12.76 0.19
C LYS C 174 15.65 11.80 1.37
N ASP C 175 14.88 12.17 2.39
CA ASP C 175 14.66 11.29 3.53
C ASP C 175 13.57 10.26 3.27
N GLY C 176 13.04 10.18 2.05
CA GLY C 176 11.99 9.25 1.73
C GLY C 176 10.58 9.79 1.89
N GLY C 177 10.44 11.03 2.33
CA GLY C 177 9.14 11.65 2.51
C GLY C 177 8.72 12.41 1.28
N HIS C 178 7.72 13.27 1.40
CA HIS C 178 7.18 14.05 0.28
C HIS C 178 6.89 15.48 0.71
N TYR C 179 6.96 16.45 -0.20
CA TYR C 179 6.77 17.88 0.01
C TYR C 179 5.73 18.36 -0.99
N ASP C 180 4.57 18.79 -0.48
CA ASP C 180 3.43 18.99 -1.36
C ASP C 180 3.26 20.44 -1.81
N ALA C 181 2.58 20.59 -2.91
CA ALA C 181 2.26 21.86 -3.46
C ALA C 181 0.98 21.84 -4.26
N GLU C 182 0.21 22.90 -4.24
CA GLU C 182 -0.97 22.96 -5.01
C GLU C 182 -0.73 23.94 -6.06
N VAL C 183 -0.92 23.62 -7.30
CA VAL C 183 -0.59 24.47 -8.35
C VAL C 183 -1.74 24.83 -9.20
N LYS C 184 -1.85 26.07 -9.58
CA LYS C 184 -2.88 26.52 -10.49
C LYS C 184 -2.23 27.35 -11.60
N THR C 185 -2.59 27.06 -12.84
CA THR C 185 -2.02 27.72 -14.00
C THR C 185 -3.15 28.14 -14.94
N THR C 186 -2.93 29.24 -15.64
CA THR C 186 -3.85 29.71 -16.67
C THR C 186 -3.05 29.95 -17.93
N TYR C 187 -3.46 29.29 -19.02
CA TYR C 187 -2.86 29.41 -20.33
C TYR C 187 -3.86 30.10 -21.25
N LYS C 188 -3.39 31.05 -22.04
CA LYS C 188 -4.25 31.86 -22.88
C LYS C 188 -3.57 32.13 -24.20
N ALA C 189 -4.22 31.74 -25.29
CA ALA C 189 -3.70 32.01 -26.62
C ALA C 189 -3.76 33.50 -26.91
N LYS C 190 -2.77 33.99 -27.66
CA LYS C 190 -2.76 35.39 -28.06
C LYS C 190 -3.74 35.69 -29.18
N LYS C 191 -4.50 34.70 -29.62
CA LYS C 191 -5.54 34.83 -30.64
C LYS C 191 -6.68 33.91 -30.29
N PRO C 192 -7.87 34.13 -30.86
CA PRO C 192 -9.03 33.32 -30.50
C PRO C 192 -8.89 31.90 -31.02
N VAL C 193 -9.02 30.94 -30.11
CA VAL C 193 -8.96 29.53 -30.43
C VAL C 193 -10.01 28.81 -29.60
N GLN C 194 -10.57 27.74 -30.18
CA GLN C 194 -11.57 26.95 -29.47
C GLN C 194 -10.91 26.24 -28.30
N LEU C 195 -11.51 26.35 -27.14
CA LEU C 195 -11.00 25.68 -25.95
C LEU C 195 -11.48 24.23 -25.92
N PRO C 196 -10.68 23.32 -25.38
CA PRO C 196 -11.13 21.93 -25.25
C PRO C 196 -12.00 21.76 -24.01
N GLY C 197 -12.63 20.60 -23.93
CA GLY C 197 -13.32 20.22 -22.72
C GLY C 197 -12.36 19.71 -21.67
N ALA C 198 -12.89 19.53 -20.47
CA ALA C 198 -12.07 19.06 -19.36
C ALA C 198 -11.37 17.77 -19.73
N TYR C 199 -10.09 17.69 -19.40
CA TYR C 199 -9.33 16.46 -19.61
C TYR C 199 -8.14 16.49 -18.65
N ASN C 200 -7.23 15.54 -18.82
CA ASN C 200 -6.06 15.45 -17.97
C ASN C 200 -4.82 15.43 -18.84
N VAL C 201 -3.74 15.97 -18.30
CA VAL C 201 -2.43 15.90 -18.95
C VAL C 201 -1.49 15.23 -17.98
N ASN C 202 -0.92 14.13 -18.39
CA ASN C 202 0.00 13.42 -17.59
C ASN C 202 1.35 13.89 -17.90
N ILE C 203 2.12 14.16 -16.89
CA ILE C 203 3.40 14.84 -17.04
C ILE C 203 4.43 14.10 -16.21
N LYS C 204 5.56 13.81 -16.83
CA LYS C 204 6.72 13.25 -16.14
C LYS C 204 7.88 14.17 -16.45
N LEU C 205 8.53 14.68 -15.40
CA LEU C 205 9.63 15.63 -15.52
C LEU C 205 10.81 15.06 -14.76
N ASP C 206 11.97 15.04 -15.42
CA ASP C 206 13.15 14.44 -14.83
C ASP C 206 14.35 15.31 -15.10
N ILE C 207 15.26 15.39 -14.13
CA ILE C 207 16.56 15.97 -14.33
C ILE C 207 17.44 14.83 -14.84
N THR C 208 17.90 14.93 -16.09
CA THR C 208 18.69 13.86 -16.69
C THR C 208 20.17 14.07 -16.49
N SER C 209 20.62 15.31 -16.35
CA SER C 209 22.04 15.59 -16.13
C SER C 209 22.17 16.93 -15.44
N HIS C 210 23.29 17.10 -14.73
CA HIS C 210 23.58 18.35 -14.04
C HIS C 210 25.03 18.33 -13.60
N ASN C 211 25.66 19.51 -13.64
CA ASN C 211 27.03 19.64 -13.15
C ASN C 211 26.99 19.61 -11.63
N GLU C 212 28.12 19.84 -10.98
CA GLU C 212 28.20 19.62 -9.54
C GLU C 212 27.30 20.58 -8.77
N ASP C 213 27.30 21.87 -9.11
CA ASP C 213 26.55 22.86 -8.34
C ASP C 213 25.27 23.30 -9.04
N TYR C 214 24.78 22.52 -10.00
CA TYR C 214 23.52 22.78 -10.69
C TYR C 214 23.50 24.15 -11.38
N THR C 215 24.66 24.61 -11.85
CA THR C 215 24.72 25.76 -12.75
C THR C 215 24.52 25.36 -14.20
N ILE C 216 24.62 24.08 -14.52
CA ILE C 216 24.23 23.52 -15.81
C ILE C 216 23.37 22.31 -15.53
N VAL C 217 22.17 22.29 -16.10
CA VAL C 217 21.17 21.26 -15.79
C VAL C 217 20.45 20.87 -17.07
N GLU C 218 20.26 19.57 -17.26
CA GLU C 218 19.51 19.06 -18.40
C GLU C 218 18.24 18.39 -17.92
N GLN C 219 17.14 18.64 -18.62
CA GLN C 219 15.82 18.17 -18.22
C GLN C 219 15.17 17.43 -19.37
N TYR C 220 14.26 16.52 -19.01
CA TYR C 220 13.39 15.82 -19.94
C TYR C 220 11.97 15.89 -19.42
N GLU C 221 11.02 16.17 -20.31
CA GLU C 221 9.61 16.12 -19.93
C GLU C 221 8.81 15.39 -20.98
N ARG C 222 7.84 14.61 -20.51
CA ARG C 222 6.87 13.93 -21.36
C ARG C 222 5.46 14.24 -20.89
N ALA C 223 4.61 14.65 -21.83
CA ALA C 223 3.26 15.09 -21.53
C ALA C 223 2.30 14.42 -22.49
N GLU C 224 1.19 13.91 -21.96
CA GLU C 224 0.23 13.12 -22.72
C GLU C 224 -1.17 13.41 -22.22
N GLY C 225 -2.08 13.72 -23.15
CA GLY C 225 -3.45 14.01 -22.78
C GLY C 225 -4.34 12.79 -22.76
N ARG C 226 -5.24 12.75 -21.78
CA ARG C 226 -6.18 11.65 -21.61
C ARG C 226 -7.54 12.19 -21.16
N HIS C 227 -8.58 11.36 -21.34
CA HIS C 227 -9.93 11.76 -20.96
C HIS C 227 -10.19 11.51 -19.47
N SER C 228 -11.31 12.05 -19.00
CA SER C 228 -11.76 11.87 -17.62
C SER C 228 -10.63 11.99 -16.60
N VAL D 4 -11.05 52.54 -21.93
CA VAL D 4 -11.44 53.93 -21.92
C VAL D 4 -12.21 54.31 -20.66
N GLN D 5 -12.95 53.36 -20.07
CA GLN D 5 -13.79 53.67 -18.92
C GLN D 5 -13.60 52.66 -17.79
N LEU D 6 -13.17 53.15 -16.63
CA LEU D 6 -13.11 52.39 -15.38
C LEU D 6 -13.98 53.11 -14.36
N VAL D 7 -14.89 52.38 -13.74
CA VAL D 7 -15.87 52.96 -12.80
C VAL D 7 -15.78 52.19 -11.49
N GLU D 8 -15.35 52.87 -10.43
CA GLU D 8 -15.28 52.28 -9.10
C GLU D 8 -16.61 52.43 -8.38
N SER D 9 -16.87 51.50 -7.48
CA SER D 9 -18.07 51.50 -6.67
C SER D 9 -17.80 50.69 -5.42
N GLY D 10 -18.73 50.77 -4.46
CA GLY D 10 -18.65 50.01 -3.24
C GLY D 10 -18.14 50.76 -2.03
N GLY D 11 -17.74 52.03 -2.19
CA GLY D 11 -17.25 52.81 -1.08
C GLY D 11 -18.36 53.06 -0.06
N GLY D 12 -17.95 53.69 1.02
CA GLY D 12 -18.89 54.01 2.09
C GLY D 12 -18.18 54.42 3.37
N LEU D 13 -18.96 54.49 4.44
CA LEU D 13 -18.49 54.91 5.75
C LEU D 13 -18.82 53.81 6.75
N VAL D 14 -17.79 53.31 7.44
CA VAL D 14 -17.95 52.12 8.26
C VAL D 14 -17.17 52.25 9.55
N GLN D 15 -17.55 51.41 10.51
CA GLN D 15 -16.90 51.35 11.81
C GLN D 15 -15.54 50.68 11.69
N ALA D 16 -14.59 51.12 12.51
CA ALA D 16 -13.31 50.43 12.58
C ALA D 16 -13.54 48.95 12.85
N GLY D 17 -12.74 48.11 12.20
CA GLY D 17 -12.92 46.67 12.29
C GLY D 17 -13.90 46.08 11.29
N GLY D 18 -14.69 46.91 10.62
CA GLY D 18 -15.65 46.44 9.65
C GLY D 18 -15.01 46.09 8.32
N SER D 19 -15.87 45.85 7.34
CA SER D 19 -15.42 45.42 6.02
C SER D 19 -16.16 46.17 4.92
N LEU D 20 -15.48 46.32 3.79
CA LEU D 20 -16.09 46.82 2.57
C LEU D 20 -15.62 45.95 1.41
N ARG D 21 -16.26 46.10 0.26
CA ARG D 21 -15.84 45.42 -0.97
C ARG D 21 -15.95 46.42 -2.12
N LEU D 22 -14.82 46.94 -2.57
CA LEU D 22 -14.81 47.81 -3.73
C LEU D 22 -14.82 46.97 -4.99
N SER D 23 -15.49 47.49 -6.02
CA SER D 23 -15.49 46.90 -7.35
C SER D 23 -15.13 47.99 -8.36
N CYS D 24 -14.63 47.56 -9.51
CA CYS D 24 -14.30 48.45 -10.61
C CYS D 24 -14.71 47.79 -11.90
N ALA D 25 -15.73 48.35 -12.55
CA ALA D 25 -16.19 47.87 -13.85
C ALA D 25 -15.38 48.53 -14.95
N THR D 26 -14.99 47.74 -15.94
CA THR D 26 -14.11 48.19 -17.00
C THR D 26 -14.80 48.07 -18.37
N SER D 27 -14.36 48.90 -19.30
CA SER D 27 -14.86 48.84 -20.67
C SER D 27 -13.92 49.64 -21.56
N GLY D 28 -13.71 49.13 -22.78
CA GLY D 28 -12.91 49.82 -23.77
C GLY D 28 -11.54 49.24 -24.02
N PHE D 29 -11.27 48.03 -23.54
CA PHE D 29 -9.98 47.36 -23.75
C PHE D 29 -10.13 45.91 -23.31
N THR D 30 -9.23 45.07 -23.80
CA THR D 30 -9.25 43.66 -23.42
C THR D 30 -8.80 43.51 -21.98
N PHE D 31 -9.78 43.54 -21.06
CA PHE D 31 -9.47 43.50 -19.63
C PHE D 31 -8.55 42.35 -19.28
N SER D 32 -8.80 41.18 -19.85
CA SER D 32 -8.06 39.98 -19.46
C SER D 32 -6.61 39.98 -19.92
N ASP D 33 -6.13 41.02 -20.61
CA ASP D 33 -4.74 41.09 -21.04
C ASP D 33 -3.89 42.01 -20.17
N TYR D 34 -4.49 42.77 -19.25
CA TYR D 34 -3.79 43.79 -18.51
C TYR D 34 -3.83 43.49 -17.02
N ALA D 35 -2.73 43.78 -16.34
CA ALA D 35 -2.73 43.84 -14.89
C ALA D 35 -3.49 45.07 -14.43
N MET D 36 -4.11 44.96 -13.25
CA MET D 36 -4.92 46.03 -12.68
C MET D 36 -4.37 46.39 -11.31
N GLY D 37 -4.56 47.65 -10.92
CA GLY D 37 -4.06 48.12 -9.65
C GLY D 37 -5.04 49.01 -8.90
N TRP D 38 -5.06 48.89 -7.58
CA TRP D 38 -5.79 49.78 -6.69
C TRP D 38 -4.79 50.67 -5.98
N PHE D 39 -5.04 51.98 -6.04
CA PHE D 39 -4.28 52.98 -5.31
C PHE D 39 -5.24 53.74 -4.40
N ARG D 40 -4.69 54.43 -3.42
CA ARG D 40 -5.52 55.26 -2.57
C ARG D 40 -4.80 56.56 -2.25
N GLN D 41 -5.59 57.61 -2.02
CA GLN D 41 -5.08 58.93 -1.72
C GLN D 41 -5.85 59.49 -0.53
N ALA D 42 -5.16 59.77 0.56
CA ALA D 42 -5.78 60.35 1.72
C ALA D 42 -5.82 61.86 1.58
N PRO D 43 -6.70 62.53 2.33
CA PRO D 43 -6.82 63.99 2.19
C PRO D 43 -5.50 64.69 2.46
N GLY D 44 -5.06 65.50 1.49
CA GLY D 44 -3.86 66.29 1.61
C GLY D 44 -2.55 65.56 1.38
N LYS D 45 -2.55 64.23 1.40
CA LYS D 45 -1.34 63.46 1.22
C LYS D 45 -1.33 62.92 -0.21
N GLU D 46 -0.27 62.23 -0.58
CA GLU D 46 -0.14 61.79 -1.97
C GLU D 46 -0.69 60.37 -2.17
N ARG D 47 -1.09 60.10 -3.42
CA ARG D 47 -1.56 58.80 -3.82
C ARG D 47 -0.51 57.72 -3.53
N GLU D 48 -0.97 56.59 -3.03
CA GLU D 48 -0.09 55.46 -2.74
C GLU D 48 -0.67 54.14 -3.25
N PHE D 49 0.25 53.20 -3.49
CA PHE D 49 -0.11 51.88 -3.99
C PHE D 49 -0.80 51.06 -2.90
N VAL D 50 -1.87 50.38 -3.28
CA VAL D 50 -2.58 49.47 -2.38
C VAL D 50 -2.40 48.01 -2.83
N ALA D 51 -2.77 47.71 -4.07
CA ALA D 51 -2.71 46.32 -4.51
C ALA D 51 -2.62 46.28 -6.02
N ALA D 52 -2.22 45.13 -6.53
CA ALA D 52 -2.12 44.88 -7.96
C ALA D 52 -2.33 43.40 -8.22
N ILE D 53 -2.84 43.10 -9.41
CA ILE D 53 -3.19 41.74 -9.80
C ILE D 53 -2.87 41.55 -11.29
N SER D 54 -2.18 40.45 -11.60
CA SER D 54 -1.79 40.13 -12.96
C SER D 54 -3.02 39.75 -13.79
N TRP D 55 -2.79 39.52 -15.08
CA TRP D 55 -3.91 39.30 -15.99
C TRP D 55 -4.67 38.03 -15.63
N SER D 56 -3.96 36.98 -15.25
CA SER D 56 -4.60 35.73 -14.88
C SER D 56 -5.23 35.77 -13.49
N GLY D 57 -4.83 36.73 -12.66
CA GLY D 57 -5.28 36.74 -11.28
C GLY D 57 -4.43 35.92 -10.33
N HIS D 58 -3.46 35.17 -10.85
CA HIS D 58 -2.65 34.30 -9.99
C HIS D 58 -1.54 35.04 -9.26
N VAL D 59 -1.09 36.20 -9.75
CA VAL D 59 0.01 36.94 -9.16
C VAL D 59 -0.56 38.23 -8.58
N THR D 60 -0.52 38.36 -7.25
CA THR D 60 -1.01 39.54 -6.56
C THR D 60 0.13 40.20 -5.78
N ASP D 61 -0.02 41.50 -5.54
CA ASP D 61 0.96 42.25 -4.78
C ASP D 61 0.24 43.27 -3.92
N TYR D 62 0.69 43.41 -2.67
CA TYR D 62 0.03 44.26 -1.70
C TYR D 62 1.02 45.16 -0.97
N ALA D 63 0.59 46.37 -0.65
CA ALA D 63 1.34 47.21 0.27
C ALA D 63 1.40 46.55 1.64
N ASP D 64 2.53 46.75 2.32
CA ASP D 64 2.72 46.11 3.63
C ASP D 64 1.59 46.49 4.59
N SER D 65 1.13 47.74 4.53
CA SER D 65 0.15 48.22 5.49
C SER D 65 -1.22 47.58 5.33
N VAL D 66 -1.49 46.92 4.21
CA VAL D 66 -2.78 46.27 3.99
C VAL D 66 -2.66 44.77 3.81
N LYS D 67 -1.45 44.24 3.66
CA LYS D 67 -1.28 42.81 3.45
C LYS D 67 -1.90 42.02 4.60
N GLY D 68 -2.66 40.99 4.25
CA GLY D 68 -3.37 40.20 5.22
C GLY D 68 -4.76 40.70 5.53
N ARG D 69 -5.02 42.00 5.36
CA ARG D 69 -6.33 42.58 5.57
C ARG D 69 -7.10 42.74 4.27
N PHE D 70 -6.43 43.10 3.18
CA PHE D 70 -7.09 43.32 1.90
C PHE D 70 -6.81 42.15 0.96
N THR D 71 -7.75 41.90 0.06
CA THR D 71 -7.58 40.90 -0.97
C THR D 71 -8.03 41.49 -2.30
N ILE D 72 -7.16 41.52 -3.28
CA ILE D 72 -7.48 41.95 -4.63
C ILE D 72 -7.83 40.73 -5.45
N SER D 73 -8.82 40.86 -6.33
CA SER D 73 -9.24 39.76 -7.20
C SER D 73 -9.81 40.35 -8.47
N ARG D 74 -10.12 39.47 -9.43
CA ARG D 74 -10.65 39.93 -10.70
C ARG D 74 -11.55 38.88 -11.30
N ASP D 75 -12.50 39.34 -12.12
CA ASP D 75 -13.39 38.48 -12.91
C ASP D 75 -13.17 38.85 -14.37
N ASN D 76 -12.54 37.94 -15.11
CA ASN D 76 -12.18 38.19 -16.50
C ASN D 76 -13.34 37.94 -17.47
N VAL D 77 -14.49 37.49 -16.97
CA VAL D 77 -15.70 37.40 -17.77
C VAL D 77 -16.49 38.70 -17.66
N LYS D 78 -16.80 39.10 -16.41
CA LYS D 78 -17.45 40.38 -16.21
C LYS D 78 -16.52 41.56 -16.44
N ASN D 79 -15.21 41.31 -16.55
CA ASN D 79 -14.21 42.35 -16.73
C ASN D 79 -14.24 43.36 -15.57
N THR D 80 -14.12 42.84 -14.35
CA THR D 80 -14.21 43.67 -13.15
C THR D 80 -13.08 43.34 -12.17
N VAL D 81 -12.64 44.36 -11.45
CA VAL D 81 -11.65 44.19 -10.40
C VAL D 81 -12.35 44.36 -9.05
N TYR D 82 -11.87 43.63 -8.04
CA TYR D 82 -12.45 43.72 -6.70
C TYR D 82 -11.34 43.91 -5.67
N LEU D 83 -11.67 44.66 -4.62
CA LEU D 83 -10.80 44.84 -3.46
C LEU D 83 -11.66 44.59 -2.21
N GLN D 84 -11.52 43.40 -1.63
CA GLN D 84 -12.14 43.06 -0.36
C GLN D 84 -11.28 43.67 0.75
N MET D 85 -11.89 44.48 1.60
CA MET D 85 -11.18 45.22 2.65
C MET D 85 -11.76 44.77 3.99
N ASN D 86 -10.96 44.07 4.78
CA ASN D 86 -11.35 43.58 6.09
C ASN D 86 -10.53 44.28 7.18
N SER D 87 -11.02 44.17 8.41
CA SER D 87 -10.35 44.75 9.58
C SER D 87 -9.95 46.21 9.32
N LEU D 88 -10.89 46.97 8.77
CA LEU D 88 -10.61 48.34 8.37
C LEU D 88 -10.12 49.17 9.55
N LYS D 89 -9.15 50.03 9.29
CA LYS D 89 -8.57 50.93 10.27
C LYS D 89 -8.81 52.39 9.87
N PRO D 90 -8.79 53.30 10.84
CA PRO D 90 -9.00 54.72 10.49
C PRO D 90 -8.08 55.23 9.41
N GLU D 91 -6.81 54.81 9.40
CA GLU D 91 -5.87 55.25 8.38
C GLU D 91 -6.15 54.65 7.00
N ASP D 92 -7.13 53.74 6.87
CA ASP D 92 -7.55 53.32 5.53
C ASP D 92 -8.46 54.35 4.87
N THR D 93 -8.90 55.37 5.61
CA THR D 93 -9.74 56.41 5.04
C THR D 93 -9.00 57.08 3.89
N ALA D 94 -9.65 57.14 2.73
CA ALA D 94 -9.03 57.71 1.54
C ALA D 94 -9.99 57.57 0.37
N VAL D 95 -9.60 58.16 -0.75
CA VAL D 95 -10.26 57.91 -2.02
C VAL D 95 -9.50 56.80 -2.71
N TYR D 96 -10.20 55.70 -3.03
CA TYR D 96 -9.59 54.54 -3.66
C TYR D 96 -9.91 54.54 -5.16
N SER D 97 -8.87 54.42 -5.98
CA SER D 97 -9.04 54.45 -7.43
C SER D 97 -8.38 53.24 -8.06
N CYS D 98 -8.98 52.76 -9.15
CA CYS D 98 -8.48 51.64 -9.90
C CYS D 98 -7.84 52.11 -11.21
N ALA D 99 -6.85 51.36 -11.68
CA ALA D 99 -6.13 51.73 -12.88
C ALA D 99 -5.69 50.46 -13.60
N ALA D 100 -5.56 50.57 -14.92
CA ALA D 100 -5.03 49.49 -15.74
C ALA D 100 -3.57 49.77 -16.04
N ALA D 101 -2.75 48.73 -16.00
CA ALA D 101 -1.33 48.89 -16.29
C ALA D 101 -1.13 49.41 -17.71
N LYS D 102 -0.20 50.35 -17.87
CA LYS D 102 0.20 50.85 -19.17
C LYS D 102 0.69 49.66 -19.99
N SER D 103 1.88 49.17 -19.65
CA SER D 103 2.45 48.01 -20.32
C SER D 103 1.60 46.77 -20.03
N GLY D 104 1.59 45.86 -21.00
CA GLY D 104 0.85 44.62 -20.82
C GLY D 104 1.73 43.43 -20.50
N THR D 105 2.82 43.68 -19.77
CA THR D 105 3.70 42.63 -19.27
C THR D 105 4.11 42.98 -17.83
N TRP D 106 3.09 43.16 -16.99
CA TRP D 106 3.30 43.51 -15.59
C TRP D 106 4.08 42.45 -14.82
N TRP D 107 4.91 42.91 -13.87
CA TRP D 107 5.55 41.98 -12.93
C TRP D 107 5.98 42.76 -11.67
N TYR D 108 5.07 42.82 -10.69
CA TYR D 108 5.33 43.42 -9.38
C TYR D 108 5.73 44.88 -9.49
N GLN D 109 5.16 45.59 -10.45
CA GLN D 109 5.38 47.02 -10.61
C GLN D 109 4.32 47.77 -9.82
N ARG D 110 4.77 48.56 -8.84
CA ARG D 110 3.88 49.28 -7.94
C ARG D 110 3.79 50.76 -8.26
N SER D 111 4.61 51.26 -9.18
CA SER D 111 4.73 52.70 -9.35
C SER D 111 3.48 53.27 -10.01
N GLU D 112 3.08 54.45 -9.55
CA GLU D 112 1.93 55.14 -10.12
C GLU D 112 2.08 55.35 -11.61
N ASN D 113 3.31 55.52 -12.09
CA ASN D 113 3.58 55.74 -13.50
C ASN D 113 3.46 54.49 -14.36
N ASP D 114 3.40 53.31 -13.75
CA ASP D 114 3.20 52.08 -14.52
C ASP D 114 1.73 51.80 -14.81
N PHE D 115 0.83 52.64 -14.33
CA PHE D 115 -0.59 52.46 -14.52
C PHE D 115 -1.21 53.70 -15.13
N GLY D 116 -2.23 53.48 -15.96
CA GLY D 116 -2.93 54.56 -16.63
C GLY D 116 -4.43 54.31 -16.64
N SER D 117 -5.14 55.22 -17.30
CA SER D 117 -6.59 55.14 -17.36
C SER D 117 -7.18 54.96 -15.97
N TRP D 118 -7.29 56.05 -15.23
CA TRP D 118 -7.75 56.01 -13.85
C TRP D 118 -9.24 56.32 -13.80
N GLY D 119 -9.95 55.65 -12.89
CA GLY D 119 -11.31 56.04 -12.60
C GLY D 119 -11.33 57.27 -11.71
N GLN D 120 -12.55 57.75 -11.44
CA GLN D 120 -12.68 58.91 -10.58
C GLN D 120 -12.48 58.58 -9.10
N GLY D 121 -12.55 57.30 -8.74
CA GLY D 121 -12.35 56.89 -7.37
C GLY D 121 -13.64 56.76 -6.60
N THR D 122 -13.54 56.13 -5.43
CA THR D 122 -14.68 55.97 -4.53
C THR D 122 -14.19 56.20 -3.10
N GLN D 123 -15.02 56.88 -2.30
CA GLN D 123 -14.61 57.30 -0.98
C GLN D 123 -14.82 56.20 0.05
N VAL D 124 -13.80 55.98 0.87
CA VAL D 124 -13.85 55.04 1.99
C VAL D 124 -13.50 55.83 3.24
N THR D 125 -14.40 55.83 4.22
CA THR D 125 -14.19 56.49 5.50
C THR D 125 -14.39 55.46 6.61
N VAL D 126 -13.44 55.41 7.54
CA VAL D 126 -13.43 54.43 8.62
C VAL D 126 -13.36 55.20 9.94
N SER D 127 -14.30 54.90 10.83
CA SER D 127 -14.32 55.52 12.16
C SER D 127 -13.95 54.52 13.26
N MET E 13 35.25 1.66 -1.95
CA MET E 13 34.65 1.52 -3.27
C MET E 13 34.91 2.79 -4.10
N ALA E 14 36.15 3.27 -4.08
CA ALA E 14 36.53 4.50 -4.78
C ALA E 14 36.79 4.27 -6.27
N ILE E 15 36.41 3.12 -6.82
CA ILE E 15 36.61 2.87 -8.24
C ILE E 15 35.38 3.26 -9.08
N ILE E 16 34.20 3.31 -8.47
CA ILE E 16 33.01 3.82 -9.14
C ILE E 16 32.91 5.29 -8.76
N LYS E 17 33.27 6.17 -9.70
CA LYS E 17 33.24 7.60 -9.46
C LYS E 17 31.81 8.11 -9.39
N GLU E 18 31.65 9.32 -8.85
CA GLU E 18 30.32 9.91 -8.77
C GLU E 18 29.76 10.21 -10.16
N PHE E 19 30.63 10.33 -11.16
CA PHE E 19 30.24 10.50 -12.55
C PHE E 19 31.00 9.46 -13.36
N MET E 20 30.27 8.64 -14.12
CA MET E 20 30.87 7.55 -14.88
C MET E 20 30.30 7.52 -16.30
N ARG E 21 31.17 7.20 -17.26
CA ARG E 21 30.80 7.01 -18.64
C ARG E 21 30.82 5.52 -18.97
N PHE E 22 30.20 5.17 -20.11
CA PHE E 22 30.22 3.79 -20.57
C PHE E 22 30.05 3.75 -22.07
N LYS E 23 30.54 2.65 -22.66
CA LYS E 23 30.37 2.35 -24.07
C LYS E 23 29.69 0.99 -24.16
N VAL E 24 28.86 0.79 -25.19
CA VAL E 24 28.05 -0.41 -25.29
C VAL E 24 27.99 -0.87 -26.74
N HIS E 25 28.06 -2.20 -26.92
CA HIS E 25 27.91 -2.86 -28.20
C HIS E 25 26.80 -3.91 -28.08
N MET E 26 25.90 -3.93 -29.06
CA MET E 26 24.83 -4.91 -29.11
C MET E 26 24.79 -5.56 -30.50
N GLU E 27 24.75 -6.89 -30.52
CA GLU E 27 24.44 -7.65 -31.72
C GLU E 27 23.12 -8.37 -31.49
N GLY E 28 22.22 -8.30 -32.47
CA GLY E 28 20.92 -8.90 -32.22
C GLY E 28 20.19 -9.31 -33.47
N SER E 29 19.08 -10.01 -33.24
CA SER E 29 18.18 -10.45 -34.31
C SER E 29 16.77 -10.48 -33.73
N VAL E 30 15.84 -9.89 -34.47
CA VAL E 30 14.42 -9.89 -34.08
C VAL E 30 13.62 -10.42 -35.25
N ASN E 31 12.93 -11.55 -35.04
CA ASN E 31 12.13 -12.20 -36.08
C ASN E 31 12.93 -12.33 -37.38
N GLY E 32 14.24 -12.58 -37.24
CA GLY E 32 15.11 -12.83 -38.36
C GLY E 32 15.89 -11.63 -38.86
N HIS E 33 15.46 -10.41 -38.50
CA HIS E 33 16.16 -9.21 -38.94
C HIS E 33 17.35 -8.97 -38.01
N GLU E 34 18.56 -9.02 -38.56
CA GLU E 34 19.78 -8.88 -37.79
C GLU E 34 20.24 -7.43 -37.79
N PHE E 35 20.92 -7.04 -36.70
CA PHE E 35 21.35 -5.67 -36.55
C PHE E 35 22.47 -5.59 -35.54
N GLU E 36 23.18 -4.45 -35.59
CA GLU E 36 24.19 -4.10 -34.60
C GLU E 36 23.94 -2.67 -34.14
N ILE E 37 24.24 -2.41 -32.87
CA ILE E 37 24.06 -1.10 -32.28
C ILE E 37 25.31 -0.75 -31.48
N GLU E 38 25.78 0.49 -31.63
CA GLU E 38 26.90 1.03 -30.87
C GLU E 38 26.41 2.25 -30.11
N GLY E 39 26.85 2.40 -28.86
CA GLY E 39 26.37 3.51 -28.07
C GLY E 39 27.37 3.98 -27.06
N GLU E 40 27.20 5.25 -26.67
CA GLU E 40 27.95 5.88 -25.60
C GLU E 40 26.96 6.32 -24.53
N GLY E 41 27.44 6.54 -23.32
CA GLY E 41 26.53 6.95 -22.27
C GLY E 41 27.27 7.49 -21.08
N GLU E 42 26.52 8.15 -20.21
CA GLU E 42 27.07 8.76 -19.00
C GLU E 42 26.01 8.75 -17.91
N GLY E 43 26.45 9.00 -16.68
CA GLY E 43 25.50 9.07 -15.58
C GLY E 43 26.21 9.21 -14.26
N ARG E 44 25.40 9.20 -13.20
CA ARG E 44 25.91 9.33 -11.83
C ARG E 44 25.53 8.08 -11.06
N PRO E 45 26.44 7.11 -10.93
CA PRO E 45 26.04 5.79 -10.39
C PRO E 45 25.36 5.84 -9.03
N TYR E 46 25.79 6.73 -8.14
CA TYR E 46 25.23 6.78 -6.80
C TYR E 46 23.94 7.57 -6.74
N GLU E 47 23.66 8.39 -7.75
CA GLU E 47 22.36 9.05 -7.86
C GLU E 47 21.32 8.18 -8.57
N GLY E 48 21.75 7.14 -9.26
CA GLY E 48 20.83 6.26 -9.95
C GLY E 48 20.25 6.81 -11.23
N THR E 49 20.99 7.69 -11.91
CA THR E 49 20.52 8.33 -13.13
C THR E 49 21.54 8.14 -14.23
N GLN E 50 21.04 7.94 -15.45
CA GLN E 50 21.97 7.77 -16.56
C GLN E 50 21.27 8.08 -17.88
N THR E 51 22.08 8.42 -18.88
CA THR E 51 21.63 8.65 -20.24
C THR E 51 22.57 7.94 -21.20
N ALA E 52 22.05 7.66 -22.39
CA ALA E 52 22.85 7.01 -23.42
C ALA E 52 22.38 7.48 -24.79
N LYS E 53 23.31 7.49 -25.74
CA LYS E 53 23.04 7.76 -27.15
C LYS E 53 23.47 6.52 -27.93
N LEU E 54 22.57 6.00 -28.76
CA LEU E 54 22.72 4.73 -29.43
C LEU E 54 22.49 4.91 -30.93
N LYS E 55 23.27 4.20 -31.72
CA LYS E 55 23.22 4.27 -33.18
C LYS E 55 23.17 2.86 -33.74
N VAL E 56 22.21 2.61 -34.62
CA VAL E 56 22.13 1.34 -35.33
C VAL E 56 23.20 1.39 -36.43
N THR E 57 24.24 0.63 -36.23
CA THR E 57 25.32 0.57 -37.14
C THR E 57 25.09 -0.40 -38.26
N LYS E 58 24.27 -1.40 -38.09
CA LYS E 58 23.99 -2.31 -39.17
C LYS E 58 22.59 -2.79 -39.10
N GLY E 59 21.96 -2.93 -40.23
CA GLY E 59 20.61 -3.42 -40.29
C GLY E 59 19.54 -2.37 -40.13
N GLY E 60 19.92 -1.09 -40.07
CA GLY E 60 18.94 -0.02 -39.91
C GLY E 60 18.32 0.37 -41.22
N PRO E 61 17.09 0.87 -41.20
CA PRO E 61 16.23 1.04 -40.01
C PRO E 61 15.61 -0.26 -39.52
N LEU E 62 15.39 -0.36 -38.22
CA LEU E 62 14.81 -1.58 -37.65
C LEU E 62 13.32 -1.65 -37.98
N PRO E 63 12.82 -2.84 -38.38
CA PRO E 63 11.40 -2.94 -38.71
C PRO E 63 10.52 -3.29 -37.52
N PHE E 64 11.02 -3.04 -36.31
CA PHE E 64 10.31 -3.38 -35.09
C PHE E 64 10.48 -2.26 -34.07
N ALA E 65 9.67 -2.32 -33.01
CA ALA E 65 9.65 -1.26 -32.02
C ALA E 65 10.96 -1.20 -31.26
N TRP E 66 11.55 0.00 -31.18
CA TRP E 66 12.79 0.19 -30.45
C TRP E 66 12.64 -0.13 -28.97
N ASP E 67 11.41 -0.12 -28.45
CA ASP E 67 11.22 -0.25 -27.01
C ASP E 67 11.79 -1.57 -26.48
N ILE E 68 11.60 -2.66 -27.22
CA ILE E 68 12.09 -3.95 -26.73
C ILE E 68 13.60 -3.94 -26.51
N LEU E 69 14.31 -3.02 -27.16
CA LEU E 69 15.76 -2.93 -26.98
C LEU E 69 16.16 -2.02 -25.82
N SER E 70 15.34 -1.01 -25.49
CA SER E 70 15.82 0.02 -24.58
C SER E 70 16.19 -0.53 -23.20
N PRO E 71 15.49 -1.51 -22.63
CA PRO E 71 15.89 -2.02 -21.31
C PRO E 71 17.20 -2.79 -21.30
N GLN E 72 17.87 -2.96 -22.44
CA GLN E 72 19.09 -3.76 -22.49
C GLN E 72 20.36 -2.91 -22.48
N PHE E 73 20.26 -1.59 -22.59
CA PHE E 73 21.44 -0.72 -22.46
C PHE E 73 21.54 -0.01 -21.10
N1 NRQ E 74 20.66 -0.78 -20.52
CE NRQ E 74 21.13 4.07 -20.96
SD NRQ E 74 19.56 3.74 -20.11
CG1 NRQ E 74 19.63 2.15 -19.20
CB1 NRQ E 74 18.97 1.04 -20.00
CA1 NRQ E 74 19.67 -0.33 -19.88
C1 NRQ E 74 19.04 -1.28 -18.85
N2 NRQ E 74 17.82 -1.03 -18.17
OH NRQ E 74 11.14 -0.91 -17.77
CD2 NRQ E 74 13.99 -2.72 -16.31
CE2 NRQ E 74 12.69 -2.36 -16.64
CZ NRQ E 74 12.45 -1.26 -17.45
CE1 NRQ E 74 13.52 -0.50 -17.92
CD1 NRQ E 74 14.83 -0.86 -17.59
CG2 NRQ E 74 15.05 -1.97 -16.79
CB2 NRQ E 74 16.51 -2.28 -16.46
CA2 NRQ E 74 17.53 -2.12 -17.29
C2 NRQ E 74 18.68 -3.13 -17.47
O2 NRQ E 74 18.79 -4.17 -16.93
N3 NRQ E 74 19.61 -2.58 -18.47
CA3 NRQ E 74 20.83 -3.21 -18.96
C3 NRQ E 74 22.04 -2.80 -18.12
O3 NRQ E 74 23.16 -3.37 -18.24
HE1A NRQ E 74 21.21 3.42 -21.83
HE2A NRQ E 74 21.16 5.11 -21.29
HE3 NRQ E 74 21.95 3.88 -20.29
HG11 NRQ E 74 20.67 1.91 -19.04
HG12 NRQ E 74 19.13 2.27 -18.25
HB11 NRQ E 74 17.95 0.94 -19.66
HB12 NRQ E 74 18.97 1.33 -21.05
HOH NRQ E 74 11.14 -0.11 -18.27
HD2 NRQ E 74 14.18 -3.58 -15.68
HE2 NRQ E 74 11.86 -2.95 -16.26
HE1 NRQ E 74 13.33 0.35 -18.55
HD1 NRQ E 74 15.66 -0.27 -17.96
HB2 NRQ E 74 16.75 -2.64 -15.47
HA31 NRQ E 74 20.72 -4.29 -18.91
HA32 NRQ E 74 21.01 -2.91 -19.99
N SER E 75 21.90 -1.80 -17.26
CA SER E 75 23.01 -0.96 -16.85
C SER E 75 22.84 -0.64 -15.37
N LYS E 76 22.86 -1.69 -14.55
CA LYS E 76 22.49 -1.61 -13.14
C LYS E 76 23.62 -1.15 -12.25
N ALA E 77 24.77 -0.74 -12.80
CA ALA E 77 25.74 -0.02 -11.98
C ALA E 77 25.21 1.35 -11.58
N TYR E 78 24.21 1.87 -12.28
CA TYR E 78 23.65 3.19 -12.01
C TYR E 78 22.31 3.06 -11.28
N VAL E 79 22.37 2.47 -10.10
CA VAL E 79 21.20 2.30 -9.24
C VAL E 79 21.52 2.91 -7.88
N LYS E 80 20.71 3.86 -7.44
CA LYS E 80 20.84 4.44 -6.11
C LYS E 80 20.43 3.40 -5.07
N HIS E 81 21.34 3.10 -4.13
CA HIS E 81 21.08 2.08 -3.14
C HIS E 81 21.15 2.69 -1.73
N PRO E 82 20.22 2.31 -0.85
CA PRO E 82 20.36 2.72 0.56
C PRO E 82 21.67 2.22 1.14
N ALA E 83 22.09 2.87 2.22
CA ALA E 83 23.36 2.51 2.85
C ALA E 83 23.31 1.12 3.48
N ASP E 84 22.14 0.61 3.83
CA ASP E 84 21.99 -0.68 4.48
C ASP E 84 21.69 -1.82 3.49
N ILE E 85 21.60 -1.54 2.20
CA ILE E 85 21.43 -2.57 1.17
C ILE E 85 22.73 -2.68 0.39
N PRO E 86 23.45 -3.81 0.47
CA PRO E 86 24.70 -3.95 -0.28
C PRO E 86 24.48 -3.74 -1.77
N ASP E 87 25.29 -2.86 -2.36
CA ASP E 87 25.25 -2.58 -3.79
C ASP E 87 26.07 -3.64 -4.52
N TYR E 88 25.47 -4.83 -4.64
CA TYR E 88 26.16 -5.99 -5.19
C TYR E 88 26.82 -5.68 -6.52
N LEU E 89 26.12 -5.00 -7.42
CA LEU E 89 26.64 -4.82 -8.77
C LEU E 89 27.72 -3.74 -8.86
N LYS E 90 27.68 -2.72 -8.00
CA LYS E 90 28.79 -1.78 -7.96
C LYS E 90 30.06 -2.44 -7.43
N LEU E 91 29.91 -3.29 -6.40
CA LEU E 91 31.06 -3.95 -5.79
C LEU E 91 31.76 -4.93 -6.72
N SER E 92 31.07 -5.46 -7.72
CA SER E 92 31.68 -6.46 -8.59
C SER E 92 32.85 -5.93 -9.39
N PHE E 93 33.00 -4.62 -9.47
CA PHE E 93 34.04 -4.03 -10.31
C PHE E 93 35.36 -3.94 -9.56
N PRO E 94 36.49 -3.81 -10.26
CA PRO E 94 36.62 -3.61 -11.72
C PRO E 94 36.37 -4.84 -12.59
N GLU E 95 36.29 -6.04 -12.00
CA GLU E 95 36.05 -7.23 -12.80
C GLU E 95 34.74 -7.12 -13.55
N GLY E 96 33.70 -6.70 -12.87
CA GLY E 96 32.39 -6.54 -13.46
C GLY E 96 31.49 -7.72 -13.17
N PHE E 97 30.43 -7.82 -13.98
CA PHE E 97 29.44 -8.87 -13.79
C PHE E 97 28.85 -9.23 -15.14
N LYS E 98 27.96 -10.22 -15.14
CA LYS E 98 27.25 -10.62 -16.34
C LYS E 98 25.80 -10.81 -15.96
N TRP E 99 24.91 -10.66 -16.92
CA TRP E 99 23.50 -10.90 -16.66
C TRP E 99 22.84 -11.51 -17.87
N GLU E 100 21.79 -12.29 -17.60
CA GLU E 100 21.00 -12.91 -18.65
C GLU E 100 19.53 -12.73 -18.33
N ARG E 101 18.74 -12.56 -19.39
CA ARG E 101 17.36 -12.11 -19.24
C ARG E 101 16.47 -12.80 -20.27
N VAL E 102 15.23 -13.06 -19.84
CA VAL E 102 14.18 -13.52 -20.75
C VAL E 102 12.93 -12.67 -20.49
N MET E 103 12.38 -12.11 -21.58
CA MET E 103 11.12 -11.38 -21.58
C MET E 103 10.10 -12.18 -22.38
N ASN E 104 9.04 -12.61 -21.71
CA ASN E 104 7.95 -13.34 -22.35
C ASN E 104 6.77 -12.38 -22.46
N PHE E 105 6.44 -11.98 -23.68
CA PHE E 105 5.34 -11.05 -23.92
C PHE E 105 4.03 -11.82 -24.03
N GLU E 106 2.93 -11.10 -23.82
CA GLU E 106 1.64 -11.77 -23.71
C GLU E 106 1.15 -12.36 -25.03
N ASP E 107 1.59 -11.82 -26.17
CA ASP E 107 1.17 -12.34 -27.46
C ASP E 107 2.14 -13.40 -28.00
N GLY E 108 2.94 -14.00 -27.14
CA GLY E 108 3.85 -15.06 -27.54
C GLY E 108 5.26 -14.60 -27.88
N GLY E 109 5.48 -13.31 -28.10
CA GLY E 109 6.81 -12.84 -28.40
C GLY E 109 7.78 -13.09 -27.26
N VAL E 110 9.02 -13.39 -27.61
CA VAL E 110 10.05 -13.70 -26.62
C VAL E 110 11.35 -12.98 -26.97
N VAL E 111 11.95 -12.34 -25.97
CA VAL E 111 13.25 -11.69 -26.10
C VAL E 111 14.20 -12.36 -25.12
N THR E 112 15.37 -12.74 -25.60
CA THR E 112 16.43 -13.30 -24.77
C THR E 112 17.66 -12.43 -24.88
N VAL E 113 18.36 -12.27 -23.77
CA VAL E 113 19.48 -11.33 -23.72
C VAL E 113 20.58 -11.94 -22.86
N THR E 114 21.83 -11.76 -23.30
CA THR E 114 23.00 -12.06 -22.50
C THR E 114 23.95 -10.86 -22.57
N GLN E 115 24.60 -10.56 -21.45
CA GLN E 115 25.35 -9.32 -21.36
C GLN E 115 26.54 -9.50 -20.44
N ASP E 116 27.63 -8.84 -20.80
CA ASP E 116 28.83 -8.75 -19.99
C ASP E 116 29.14 -7.28 -19.72
N SER E 117 29.42 -6.95 -18.46
CA SER E 117 29.76 -5.61 -18.03
C SER E 117 31.13 -5.66 -17.37
N SER E 118 32.06 -4.85 -17.87
CA SER E 118 33.41 -4.77 -17.33
C SER E 118 33.79 -3.29 -17.18
N LEU E 119 34.99 -3.05 -16.65
CA LEU E 119 35.49 -1.70 -16.42
C LEU E 119 36.87 -1.55 -17.04
N GLN E 120 37.03 -0.53 -17.87
CA GLN E 120 38.27 -0.33 -18.60
C GLN E 120 38.54 1.16 -18.73
N ASP E 121 39.75 1.58 -18.34
CA ASP E 121 40.16 2.98 -18.44
C ASP E 121 39.12 3.92 -17.84
N GLY E 122 38.50 3.50 -16.75
CA GLY E 122 37.56 4.34 -16.05
C GLY E 122 36.14 4.32 -16.58
N GLU E 123 35.87 3.62 -17.68
CA GLU E 123 34.54 3.56 -18.26
C GLU E 123 34.00 2.13 -18.21
N PHE E 124 32.68 2.02 -18.11
CA PHE E 124 32.03 0.72 -18.18
C PHE E 124 31.96 0.28 -19.64
N ILE E 125 32.20 -1.02 -19.86
CA ILE E 125 32.12 -1.61 -21.19
C ILE E 125 30.99 -2.65 -21.16
N TYR E 126 30.02 -2.48 -22.05
CA TYR E 126 28.86 -3.34 -22.14
C TYR E 126 28.89 -4.12 -23.45
N LYS E 127 28.79 -5.44 -23.35
CA LYS E 127 28.67 -6.33 -24.51
C LYS E 127 27.33 -7.04 -24.40
N VAL E 128 26.48 -6.88 -25.41
CA VAL E 128 25.12 -7.39 -25.37
C VAL E 128 24.86 -8.25 -26.61
N LYS E 129 24.20 -9.39 -26.39
CA LYS E 129 23.63 -10.18 -27.46
C LYS E 129 22.15 -10.37 -27.15
N LEU E 130 21.32 -10.25 -28.19
CA LEU E 130 19.88 -10.25 -28.05
C LEU E 130 19.23 -11.00 -29.19
N ARG E 131 18.14 -11.68 -28.88
CA ARG E 131 17.34 -12.36 -29.89
C ARG E 131 15.88 -12.14 -29.57
N GLY E 132 15.11 -11.69 -30.56
CA GLY E 132 13.66 -11.59 -30.46
C GLY E 132 13.04 -12.55 -31.45
N THR E 133 11.97 -13.21 -31.03
CA THR E 133 11.37 -14.23 -31.89
C THR E 133 9.92 -14.43 -31.51
N ASN E 134 9.18 -15.02 -32.46
CA ASN E 134 7.77 -15.37 -32.30
C ASN E 134 6.92 -14.14 -32.02
N PHE E 135 7.34 -12.99 -32.53
CA PHE E 135 6.52 -11.79 -32.46
C PHE E 135 5.53 -11.77 -33.62
N PRO E 136 4.23 -11.70 -33.37
CA PRO E 136 3.26 -11.65 -34.48
C PRO E 136 3.61 -10.55 -35.47
N SER E 137 3.45 -10.87 -36.77
CA SER E 137 3.77 -9.91 -37.82
C SER E 137 2.93 -8.65 -37.69
N ASP E 138 1.66 -8.80 -37.32
CA ASP E 138 0.76 -7.67 -37.14
C ASP E 138 0.70 -7.20 -35.69
N GLY E 139 1.56 -7.72 -34.83
CA GLY E 139 1.57 -7.33 -33.43
C GLY E 139 2.15 -5.95 -33.24
N PRO E 140 2.03 -5.43 -32.02
CA PRO E 140 2.52 -4.06 -31.77
C PRO E 140 4.03 -3.91 -31.88
N VAL E 141 4.80 -4.99 -31.70
CA VAL E 141 6.25 -4.90 -31.78
C VAL E 141 6.68 -4.75 -33.23
N MET E 142 6.25 -5.66 -34.10
CA MET E 142 6.67 -5.62 -35.49
C MET E 142 6.00 -4.49 -36.27
N GLN E 143 4.93 -3.91 -35.73
CA GLN E 143 4.24 -2.79 -36.37
C GLN E 143 4.55 -1.44 -35.74
N LYS E 144 5.40 -1.42 -34.72
CA LYS E 144 5.83 -0.19 -34.06
C LYS E 144 4.63 0.61 -33.54
N LYS E 145 3.85 -0.04 -32.68
CA LYS E 145 2.69 0.58 -32.06
C LYS E 145 2.88 0.83 -30.56
N THR E 146 4.13 0.94 -30.12
CA THR E 146 4.46 1.07 -28.72
C THR E 146 4.90 2.49 -28.40
N MET E 147 4.66 2.91 -27.15
CA MET E 147 4.95 4.27 -26.71
C MET E 147 5.89 4.30 -25.51
N GLY E 148 6.75 3.32 -25.35
CA GLY E 148 7.67 3.31 -24.24
C GLY E 148 7.12 2.61 -23.02
N TRP E 149 7.99 2.42 -22.04
CA TRP E 149 7.66 1.61 -20.88
C TRP E 149 7.07 2.44 -19.75
N GLU E 150 6.14 1.83 -19.02
CA GLU E 150 5.70 2.39 -17.76
C GLU E 150 6.74 2.11 -16.69
N ALA E 151 6.75 2.97 -15.66
CA ALA E 151 7.60 2.72 -14.50
C ALA E 151 7.39 1.30 -14.01
N SER E 152 8.49 0.66 -13.62
CA SER E 152 8.47 -0.73 -13.21
C SER E 152 9.13 -0.87 -11.85
N SER E 153 8.85 -2.01 -11.22
CA SER E 153 9.43 -2.34 -9.92
C SER E 153 9.98 -3.75 -10.03
N GLU E 154 11.32 -3.89 -10.02
CA GLU E 154 11.96 -5.19 -10.11
C GLU E 154 12.20 -5.75 -8.72
N ARG E 155 11.63 -6.93 -8.46
CA ARG E 155 11.83 -7.64 -7.21
C ARG E 155 13.16 -8.39 -7.30
N MET E 156 14.14 -7.97 -6.50
CA MET E 156 15.45 -8.57 -6.45
C MET E 156 15.54 -9.47 -5.23
N TYR E 157 16.22 -10.61 -5.38
CA TYR E 157 16.42 -11.53 -4.29
C TYR E 157 17.65 -12.38 -4.56
N PRO E 158 18.40 -12.78 -3.53
CA PRO E 158 19.58 -13.61 -3.76
C PRO E 158 19.21 -15.07 -3.95
N GLU E 159 19.95 -15.74 -4.84
CA GLU E 159 19.69 -17.15 -5.11
C GLU E 159 20.79 -17.69 -6.01
N ASP E 160 21.20 -18.92 -5.73
CA ASP E 160 22.21 -19.60 -6.52
C ASP E 160 23.54 -18.85 -6.52
N GLY E 161 23.78 -18.06 -5.49
CA GLY E 161 24.99 -17.26 -5.42
C GLY E 161 24.98 -16.01 -6.29
N ALA E 162 23.82 -15.69 -6.87
CA ALA E 162 23.66 -14.54 -7.75
C ALA E 162 22.46 -13.73 -7.26
N LEU E 163 22.18 -12.63 -7.94
CA LEU E 163 21.04 -11.77 -7.64
C LEU E 163 20.03 -11.91 -8.77
N LYS E 164 18.85 -12.44 -8.45
CA LYS E 164 17.80 -12.59 -9.45
C LYS E 164 16.80 -11.45 -9.33
N GLY E 165 16.17 -11.13 -10.46
CA GLY E 165 15.18 -10.08 -10.50
C GLY E 165 14.00 -10.45 -11.36
N GLU E 166 12.81 -10.15 -10.87
CA GLU E 166 11.57 -10.40 -11.59
C GLU E 166 10.82 -9.10 -11.78
N ILE E 167 10.20 -8.92 -12.94
CA ILE E 167 9.46 -7.72 -13.26
C ILE E 167 8.22 -8.11 -14.05
N LYS E 168 7.18 -7.32 -13.93
CA LYS E 168 6.01 -7.44 -14.73
C LYS E 168 5.99 -6.11 -15.37
N GLN E 169 6.45 -6.01 -16.59
CA GLN E 169 6.63 -4.79 -17.35
C GLN E 169 5.44 -4.55 -18.28
N ARG E 170 5.14 -3.28 -18.52
CA ARG E 170 3.99 -2.88 -19.32
C ARG E 170 4.44 -1.85 -20.34
N LEU E 171 4.20 -2.13 -21.62
CA LEU E 171 4.48 -1.19 -22.70
C LEU E 171 3.20 -0.45 -23.07
N LYS E 172 3.32 0.86 -23.24
CA LYS E 172 2.18 1.66 -23.66
C LYS E 172 1.92 1.50 -25.16
N LEU E 173 0.65 1.35 -25.49
CA LEU E 173 0.19 1.24 -26.88
C LEU E 173 -0.36 2.57 -27.36
N LYS E 174 -0.10 2.91 -28.61
CA LYS E 174 -0.52 4.19 -29.16
C LYS E 174 -2.03 4.35 -29.15
N ASP E 175 -2.78 3.26 -29.12
CA ASP E 175 -4.24 3.31 -29.03
C ASP E 175 -4.73 3.50 -27.60
N GLY E 176 -3.82 3.71 -26.64
CA GLY E 176 -4.20 3.90 -25.26
C GLY E 176 -4.20 2.67 -24.38
N GLY E 177 -3.90 1.50 -24.93
CA GLY E 177 -3.89 0.27 -24.19
C GLY E 177 -2.53 -0.08 -23.63
N HIS E 178 -2.35 -1.38 -23.34
CA HIS E 178 -1.11 -1.86 -22.75
C HIS E 178 -0.74 -3.22 -23.31
N TYR E 179 0.56 -3.50 -23.32
CA TYR E 179 1.16 -4.70 -23.88
C TYR E 179 2.08 -5.26 -22.81
N ASP E 180 1.73 -6.40 -22.25
CA ASP E 180 2.37 -6.89 -21.05
C ASP E 180 3.53 -7.82 -21.36
N ALA E 181 4.48 -7.88 -20.41
CA ALA E 181 5.63 -8.77 -20.52
C ALA E 181 6.07 -9.18 -19.13
N GLU E 182 6.59 -10.36 -19.01
CA GLU E 182 7.14 -10.86 -17.78
C GLU E 182 8.56 -11.00 -18.02
N VAL E 183 9.38 -10.39 -17.19
CA VAL E 183 10.82 -10.33 -17.35
C VAL E 183 11.46 -10.99 -16.15
N LYS E 184 12.43 -11.86 -16.39
CA LYS E 184 13.23 -12.50 -15.38
C LYS E 184 14.66 -12.32 -15.74
N THR E 185 15.50 -11.93 -14.82
CA THR E 185 16.90 -11.64 -15.08
C THR E 185 17.74 -12.21 -13.96
N THR E 186 18.96 -12.61 -14.30
CA THR E 186 19.93 -13.06 -13.32
C THR E 186 21.20 -12.25 -13.52
N TYR E 187 21.68 -11.61 -12.45
CA TYR E 187 22.92 -10.85 -12.45
C TYR E 187 23.91 -11.56 -11.54
N LYS E 188 25.14 -11.76 -12.01
CA LYS E 188 26.12 -12.54 -11.28
C LYS E 188 27.49 -11.90 -11.46
N ALA E 189 28.12 -11.54 -10.34
CA ALA E 189 29.44 -10.95 -10.36
C ALA E 189 30.50 -11.97 -10.76
N LYS E 190 31.53 -11.48 -11.44
CA LYS E 190 32.68 -12.28 -11.84
C LYS E 190 33.62 -12.58 -10.67
N LYS E 191 33.30 -12.12 -9.47
CA LYS E 191 34.08 -12.40 -8.28
C LYS E 191 33.13 -12.51 -7.12
N PRO E 192 33.53 -13.15 -6.01
CA PRO E 192 32.63 -13.27 -4.86
C PRO E 192 32.41 -11.90 -4.25
N VAL E 193 31.14 -11.51 -4.14
CA VAL E 193 30.74 -10.20 -3.65
C VAL E 193 29.56 -10.37 -2.72
N GLN E 194 29.43 -9.48 -1.79
CA GLN E 194 28.38 -9.53 -0.86
C GLN E 194 27.03 -9.43 -1.51
N LEU E 195 26.13 -10.33 -1.23
CA LEU E 195 24.78 -10.32 -1.77
C LEU E 195 23.83 -9.59 -0.83
N PRO E 196 22.87 -8.84 -1.35
CA PRO E 196 21.85 -8.24 -0.50
C PRO E 196 20.70 -9.21 -0.24
N GLY E 197 19.86 -8.82 0.72
CA GLY E 197 18.59 -9.48 0.89
C GLY E 197 17.59 -8.99 -0.14
N ALA E 198 16.44 -9.66 -0.20
CA ALA E 198 15.42 -9.28 -1.16
C ALA E 198 15.04 -7.81 -0.97
N TYR E 199 14.90 -7.10 -2.08
CA TYR E 199 14.46 -5.71 -2.06
C TYR E 199 13.84 -5.40 -3.41
N ASN E 200 13.53 -4.13 -3.66
CA ASN E 200 12.91 -3.71 -4.90
C ASN E 200 13.73 -2.61 -5.55
N VAL E 201 13.67 -2.54 -6.88
CA VAL E 201 14.31 -1.48 -7.64
C VAL E 201 13.25 -0.83 -8.51
N ASN E 202 12.95 0.45 -8.23
CA ASN E 202 12.03 1.22 -9.05
C ASN E 202 12.79 1.83 -10.22
N ILE E 203 12.25 1.66 -11.42
CA ILE E 203 12.94 1.98 -12.66
C ILE E 203 11.99 2.78 -13.53
N LYS E 204 12.49 3.89 -14.07
CA LYS E 204 11.79 4.68 -15.07
C LYS E 204 12.72 4.82 -16.26
N LEU E 205 12.26 4.40 -17.43
CA LEU E 205 13.06 4.41 -18.65
C LEU E 205 12.29 5.15 -19.73
N ASP E 206 12.95 6.09 -20.39
CA ASP E 206 12.32 6.89 -21.42
C ASP E 206 13.26 7.12 -22.58
N ILE E 207 12.69 7.17 -23.79
CA ILE E 207 13.41 7.65 -24.97
C ILE E 207 13.24 9.16 -24.99
N THR E 208 14.34 9.88 -24.83
CA THR E 208 14.32 11.33 -24.75
C THR E 208 14.51 12.00 -26.10
N SER E 209 15.16 11.33 -27.04
CA SER E 209 15.35 11.87 -28.38
C SER E 209 15.55 10.72 -29.35
N HIS E 210 15.19 10.96 -30.61
CA HIS E 210 15.38 9.97 -31.66
C HIS E 210 15.14 10.64 -33.01
N ASN E 211 15.91 10.21 -34.01
CA ASN E 211 15.72 10.69 -35.37
C ASN E 211 14.47 10.03 -35.96
N GLU E 212 14.20 10.27 -37.24
CA GLU E 212 12.93 9.82 -37.82
C GLU E 212 12.81 8.30 -37.83
N ASP E 213 13.86 7.59 -38.23
CA ASP E 213 13.79 6.14 -38.39
C ASP E 213 14.44 5.38 -37.23
N TYR E 214 14.66 6.05 -36.11
CA TYR E 214 15.19 5.42 -34.90
C TYR E 214 16.54 4.74 -35.14
N THR E 215 17.33 5.29 -36.06
CA THR E 215 18.71 4.87 -36.22
C THR E 215 19.65 5.60 -35.28
N ILE E 216 19.19 6.69 -34.66
CA ILE E 216 19.88 7.34 -33.54
C ILE E 216 18.83 7.59 -32.47
N VAL E 217 19.09 7.10 -31.26
CA VAL E 217 18.12 7.16 -30.18
C VAL E 217 18.84 7.52 -28.88
N GLU E 218 18.26 8.40 -28.09
CA GLU E 218 18.79 8.77 -26.80
C GLU E 218 17.84 8.31 -25.71
N GLN E 219 18.40 7.78 -24.63
CA GLN E 219 17.62 7.20 -23.55
C GLN E 219 18.04 7.79 -22.22
N TYR E 220 17.10 7.80 -21.29
CA TYR E 220 17.34 8.17 -19.91
C TYR E 220 16.70 7.12 -19.00
N GLU E 221 17.43 6.74 -17.94
CA GLU E 221 16.89 5.83 -16.96
C GLU E 221 17.19 6.33 -15.55
N ARG E 222 16.21 6.13 -14.67
CA ARG E 222 16.33 6.43 -13.24
C ARG E 222 15.98 5.17 -12.47
N ALA E 223 16.89 4.73 -11.59
CA ALA E 223 16.73 3.49 -10.85
C ALA E 223 17.07 3.72 -9.39
N GLU E 224 16.22 3.21 -8.50
CA GLU E 224 16.37 3.45 -7.07
C GLU E 224 15.96 2.21 -6.29
N GLY E 225 16.83 1.80 -5.36
CA GLY E 225 16.54 0.63 -4.54
C GLY E 225 15.81 1.00 -3.26
N ARG E 226 14.87 0.15 -2.87
CA ARG E 226 14.04 0.32 -1.68
C ARG E 226 13.80 -1.03 -1.03
N HIS E 227 13.40 -0.99 0.23
CA HIS E 227 13.19 -2.22 0.98
C HIS E 227 11.84 -2.84 0.68
N SER E 228 11.70 -4.09 1.12
CA SER E 228 10.49 -4.90 0.96
C SER E 228 9.26 -4.18 0.43
N VAL F 4 34.35 -32.24 -15.26
CA VAL F 4 35.16 -33.40 -15.57
C VAL F 4 34.27 -34.65 -15.58
N GLN F 5 33.19 -34.65 -14.79
CA GLN F 5 32.34 -35.84 -14.67
C GLN F 5 30.87 -35.44 -14.83
N LEU F 6 30.24 -36.02 -15.86
CA LEU F 6 28.81 -35.87 -16.11
C LEU F 6 28.18 -37.26 -16.14
N VAL F 7 27.10 -37.45 -15.39
CA VAL F 7 26.43 -38.74 -15.30
C VAL F 7 24.95 -38.53 -15.61
N GLU F 8 24.50 -39.09 -16.74
CA GLU F 8 23.09 -39.03 -17.11
C GLU F 8 22.32 -40.19 -16.50
N SER F 9 21.04 -39.96 -16.24
CA SER F 9 20.15 -41.01 -15.74
C SER F 9 18.72 -40.60 -16.06
N GLY F 10 17.79 -41.52 -15.81
CA GLY F 10 16.39 -41.29 -16.06
C GLY F 10 15.87 -41.91 -17.34
N GLY F 11 16.75 -42.49 -18.16
CA GLY F 11 16.34 -43.14 -19.38
C GLY F 11 15.48 -44.34 -19.05
N GLY F 12 15.00 -44.97 -20.10
CA GLY F 12 14.16 -46.14 -19.92
C GLY F 12 13.43 -46.52 -21.20
N LEU F 13 12.43 -47.37 -21.03
CA LEU F 13 11.63 -47.90 -22.13
C LEU F 13 10.19 -47.54 -21.80
N VAL F 14 9.54 -46.79 -22.69
CA VAL F 14 8.24 -46.20 -22.41
C VAL F 14 7.34 -46.25 -23.63
N GLN F 15 6.04 -46.14 -23.35
CA GLN F 15 5.04 -46.14 -24.41
C GLN F 15 5.03 -44.81 -25.14
N ALA F 16 4.76 -44.86 -26.44
CA ALA F 16 4.57 -43.64 -27.21
C ALA F 16 3.52 -42.77 -26.54
N GLY F 17 3.74 -41.46 -26.56
CA GLY F 17 2.85 -40.53 -25.89
C GLY F 17 3.18 -40.32 -24.42
N GLY F 18 4.00 -41.18 -23.84
CA GLY F 18 4.36 -41.07 -22.44
C GLY F 18 5.42 -40.03 -22.22
N SER F 19 5.95 -40.02 -21.01
CA SER F 19 6.93 -39.02 -20.61
C SER F 19 8.10 -39.68 -19.88
N LEU F 20 9.26 -39.04 -20.01
CA LEU F 20 10.43 -39.36 -19.23
C LEU F 20 11.06 -38.07 -18.74
N ARG F 21 11.99 -38.18 -17.81
CA ARG F 21 12.71 -37.00 -17.33
C ARG F 21 14.17 -37.40 -17.17
N LEU F 22 15.02 -36.95 -18.10
CA LEU F 22 16.45 -37.19 -17.98
C LEU F 22 17.07 -36.17 -17.03
N SER F 23 18.04 -36.62 -16.26
CA SER F 23 18.82 -35.73 -15.44
C SER F 23 20.30 -36.01 -15.69
N CYS F 24 21.12 -35.01 -15.43
CA CYS F 24 22.56 -35.12 -15.61
C CYS F 24 23.21 -34.46 -14.41
N ALA F 25 23.81 -35.28 -13.56
CA ALA F 25 24.57 -34.80 -12.41
C ALA F 25 25.98 -34.47 -12.85
N THR F 26 26.50 -33.36 -12.37
CA THR F 26 27.81 -32.87 -12.77
C THR F 26 28.72 -32.74 -11.54
N SER F 27 30.02 -32.80 -11.80
CA SER F 27 31.01 -32.62 -10.75
C SER F 27 32.36 -32.33 -11.41
N GLY F 28 33.13 -31.44 -10.77
CA GLY F 28 34.46 -31.10 -11.21
C GLY F 28 34.61 -29.75 -11.88
N PHE F 29 33.61 -28.88 -11.79
CA PHE F 29 33.70 -27.56 -12.38
C PHE F 29 32.54 -26.74 -11.85
N THR F 30 32.68 -25.41 -11.92
CA THR F 30 31.61 -24.52 -11.48
C THR F 30 30.45 -24.58 -12.47
N PHE F 31 29.50 -25.49 -12.19
CA PHE F 31 28.38 -25.73 -13.09
C PHE F 31 27.67 -24.44 -13.50
N SER F 32 27.49 -23.52 -12.55
CA SER F 32 26.66 -22.34 -12.78
C SER F 32 27.23 -21.35 -13.78
N ASP F 33 28.41 -21.60 -14.34
CA ASP F 33 29.02 -20.67 -15.29
C ASP F 33 28.94 -21.13 -16.74
N TYR F 34 28.47 -22.34 -16.99
CA TYR F 34 28.53 -22.93 -18.32
C TYR F 34 27.14 -23.26 -18.85
N ALA F 35 26.97 -23.02 -20.15
CA ALA F 35 25.82 -23.55 -20.86
C ALA F 35 25.96 -25.06 -20.98
N MET F 36 24.82 -25.75 -20.95
CA MET F 36 24.76 -27.21 -21.03
C MET F 36 23.90 -27.62 -22.21
N GLY F 37 24.22 -28.77 -22.79
CA GLY F 37 23.50 -29.25 -23.95
C GLY F 37 23.17 -30.72 -23.88
N TRP F 38 22.01 -31.07 -24.41
CA TRP F 38 21.61 -32.46 -24.60
C TRP F 38 21.69 -32.79 -26.09
N PHE F 39 22.35 -33.90 -26.41
CA PHE F 39 22.44 -34.46 -27.74
C PHE F 39 21.88 -35.88 -27.70
N ARG F 40 21.55 -36.43 -28.86
CA ARG F 40 21.06 -37.80 -28.93
C ARG F 40 21.71 -38.49 -30.12
N GLN F 41 21.87 -39.81 -29.98
CA GLN F 41 22.64 -40.61 -30.92
C GLN F 41 21.92 -41.91 -31.24
N ALA F 42 21.68 -42.15 -32.52
CA ALA F 42 21.12 -43.39 -32.99
C ALA F 42 22.25 -44.41 -33.21
N PRO F 43 21.94 -45.71 -33.19
CA PRO F 43 23.03 -46.71 -33.31
C PRO F 43 23.82 -46.52 -34.59
N GLY F 44 25.15 -46.42 -34.43
CA GLY F 44 26.05 -46.29 -35.55
C GLY F 44 26.15 -44.89 -36.14
N LYS F 45 25.25 -43.98 -35.76
CA LYS F 45 25.17 -42.65 -36.35
C LYS F 45 25.85 -41.62 -35.45
N GLU F 46 25.84 -40.37 -35.92
CA GLU F 46 26.47 -39.29 -35.19
C GLU F 46 25.48 -38.58 -34.27
N ARG F 47 26.03 -37.96 -33.24
CA ARG F 47 25.23 -37.15 -32.34
C ARG F 47 24.49 -36.07 -33.09
N GLU F 48 23.27 -35.79 -32.65
CA GLU F 48 22.50 -34.67 -33.17
C GLU F 48 22.06 -33.81 -31.99
N PHE F 49 21.89 -32.52 -32.25
CA PHE F 49 21.51 -31.58 -31.19
C PHE F 49 20.06 -31.78 -30.78
N VAL F 50 19.81 -31.81 -29.48
CA VAL F 50 18.46 -31.86 -28.93
C VAL F 50 18.08 -30.55 -28.25
N ALA F 51 18.87 -30.11 -27.27
CA ALA F 51 18.52 -28.90 -26.54
C ALA F 51 19.76 -28.29 -25.90
N ALA F 52 19.64 -27.02 -25.52
CA ALA F 52 20.73 -26.32 -24.84
C ALA F 52 20.15 -25.24 -23.93
N ILE F 53 20.90 -24.92 -22.87
CA ILE F 53 20.47 -23.99 -21.83
C ILE F 53 21.67 -23.18 -21.36
N SER F 54 21.51 -21.86 -21.30
CA SER F 54 22.58 -20.96 -20.89
C SER F 54 22.87 -21.07 -19.39
N TRP F 55 23.88 -20.33 -18.93
CA TRP F 55 24.32 -20.49 -17.55
C TRP F 55 23.23 -20.08 -16.58
N SER F 56 22.51 -19.00 -16.89
CA SER F 56 21.44 -18.55 -15.99
C SER F 56 20.19 -19.41 -16.08
N GLY F 57 20.03 -20.17 -17.17
CA GLY F 57 18.82 -20.92 -17.40
C GLY F 57 17.73 -20.17 -18.13
N HIS F 58 17.92 -18.88 -18.39
CA HIS F 58 16.88 -18.08 -19.02
C HIS F 58 16.85 -18.25 -20.53
N VAL F 59 17.95 -18.67 -21.14
CA VAL F 59 18.07 -18.76 -22.59
C VAL F 59 18.11 -20.25 -22.94
N THR F 60 17.09 -20.73 -23.65
CA THR F 60 17.00 -22.11 -24.08
C THR F 60 16.90 -22.19 -25.60
N ASP F 61 17.34 -23.33 -26.14
CA ASP F 61 17.31 -23.59 -27.57
C ASP F 61 16.96 -25.06 -27.77
N TYR F 62 16.12 -25.34 -28.78
CA TYR F 62 15.63 -26.69 -29.03
C TYR F 62 15.71 -27.03 -30.51
N ALA F 63 16.01 -28.29 -30.81
CA ALA F 63 15.81 -28.79 -32.16
C ALA F 63 14.33 -28.71 -32.51
N ASP F 64 14.04 -28.42 -33.77
CA ASP F 64 12.65 -28.26 -34.20
C ASP F 64 11.82 -29.49 -33.90
N SER F 65 12.42 -30.68 -34.06
CA SER F 65 11.64 -31.92 -33.91
C SER F 65 11.20 -32.15 -32.48
N VAL F 66 11.78 -31.45 -31.51
CA VAL F 66 11.42 -31.63 -30.10
C VAL F 66 10.82 -30.38 -29.48
N LYS F 67 10.88 -29.23 -30.14
CA LYS F 67 10.34 -28.01 -29.55
C LYS F 67 8.85 -28.19 -29.26
N GLY F 68 8.43 -27.77 -28.08
CA GLY F 68 7.07 -27.93 -27.63
C GLY F 68 6.81 -29.19 -26.84
N ARG F 69 7.59 -30.24 -27.11
CA ARG F 69 7.47 -31.50 -26.37
C ARG F 69 8.51 -31.62 -25.27
N PHE F 70 9.74 -31.15 -25.51
CA PHE F 70 10.81 -31.25 -24.54
C PHE F 70 11.06 -29.89 -23.88
N THR F 71 11.49 -29.94 -22.62
CA THR F 71 11.84 -28.74 -21.87
C THR F 71 13.15 -28.99 -21.14
N ILE F 72 14.16 -28.18 -21.43
CA ILE F 72 15.45 -28.27 -20.74
C ILE F 72 15.44 -27.29 -19.59
N SER F 73 16.04 -27.69 -18.47
CA SER F 73 16.14 -26.83 -17.31
C SER F 73 17.41 -27.17 -16.54
N ARG F 74 17.70 -26.39 -15.51
CA ARG F 74 18.90 -26.63 -14.71
C ARG F 74 18.70 -26.18 -13.28
N ASP F 75 19.46 -26.81 -12.38
CA ASP F 75 19.51 -26.49 -10.96
C ASP F 75 20.95 -26.12 -10.64
N ASN F 76 21.19 -24.84 -10.38
CA ASN F 76 22.55 -24.33 -10.16
C ASN F 76 23.01 -24.50 -8.73
N VAL F 77 22.14 -25.00 -7.84
CA VAL F 77 22.57 -25.40 -6.50
C VAL F 77 22.96 -26.86 -6.48
N LYS F 78 22.07 -27.73 -6.97
CA LYS F 78 22.37 -29.15 -7.15
C LYS F 78 23.35 -29.39 -8.29
N ASN F 79 23.59 -28.39 -9.14
CA ASN F 79 24.49 -28.53 -10.28
C ASN F 79 24.06 -29.67 -11.19
N THR F 80 22.80 -29.63 -11.60
CA THR F 80 22.21 -30.69 -12.40
C THR F 80 21.47 -30.11 -13.59
N VAL F 81 21.47 -30.84 -14.70
CA VAL F 81 20.70 -30.47 -15.89
C VAL F 81 19.54 -31.45 -16.00
N TYR F 82 18.42 -30.96 -16.54
CA TYR F 82 17.23 -31.78 -16.72
C TYR F 82 16.68 -31.62 -18.12
N LEU F 83 16.11 -32.71 -18.64
CA LEU F 83 15.39 -32.72 -19.90
C LEU F 83 14.06 -33.43 -19.65
N GLN F 84 12.99 -32.66 -19.46
CA GLN F 84 11.65 -33.23 -19.36
C GLN F 84 11.19 -33.53 -20.79
N MET F 85 10.81 -34.78 -21.04
CA MET F 85 10.45 -35.25 -22.37
C MET F 85 8.98 -35.69 -22.30
N ASN F 86 8.10 -34.95 -22.96
CA ASN F 86 6.68 -35.25 -23.00
C ASN F 86 6.28 -35.65 -24.42
N SER F 87 5.11 -36.28 -24.53
CA SER F 87 4.58 -36.72 -25.83
C SER F 87 5.64 -37.48 -26.62
N LEU F 88 6.33 -38.40 -25.96
CA LEU F 88 7.42 -39.10 -26.61
C LEU F 88 6.94 -39.85 -27.83
N LYS F 89 7.75 -39.82 -28.88
CA LYS F 89 7.48 -40.50 -30.13
C LYS F 89 8.54 -41.56 -30.38
N PRO F 90 8.22 -42.60 -31.16
CA PRO F 90 9.24 -43.61 -31.49
C PRO F 90 10.52 -43.02 -32.06
N GLU F 91 10.44 -41.96 -32.88
CA GLU F 91 11.66 -41.40 -33.46
C GLU F 91 12.51 -40.66 -32.42
N ASP F 92 12.03 -40.54 -31.18
CA ASP F 92 12.89 -40.03 -30.11
C ASP F 92 13.81 -41.11 -29.56
N THR F 93 13.64 -42.38 -29.96
CA THR F 93 14.48 -43.46 -29.47
C THR F 93 15.95 -43.19 -29.83
N ALA F 94 16.82 -43.21 -28.82
CA ALA F 94 18.24 -42.93 -29.02
C ALA F 94 18.92 -42.97 -27.65
N VAL F 95 20.24 -42.83 -27.68
CA VAL F 95 21.02 -42.60 -26.46
C VAL F 95 21.21 -41.10 -26.29
N TYR F 96 20.75 -40.56 -25.16
CA TYR F 96 20.83 -39.13 -24.89
C TYR F 96 22.02 -38.85 -23.98
N SER F 97 22.86 -37.90 -24.38
CA SER F 97 24.04 -37.53 -23.63
C SER F 97 24.06 -36.03 -23.37
N CYS F 98 24.63 -35.65 -22.24
CA CYS F 98 24.77 -34.26 -21.85
C CYS F 98 26.22 -33.82 -21.96
N ALA F 99 26.40 -32.53 -22.24
CA ALA F 99 27.74 -31.98 -22.43
C ALA F 99 27.77 -30.54 -21.96
N ALA F 100 28.95 -30.09 -21.53
CA ALA F 100 29.17 -28.71 -21.14
C ALA F 100 29.84 -27.97 -22.29
N ALA F 101 29.40 -26.74 -22.54
CA ALA F 101 29.99 -25.95 -23.60
C ALA F 101 31.46 -25.67 -23.32
N LYS F 102 32.28 -25.78 -24.37
CA LYS F 102 33.68 -25.38 -24.28
C LYS F 102 33.79 -23.91 -23.90
N SER F 103 33.18 -23.06 -24.71
CA SER F 103 33.18 -21.62 -24.48
C SER F 103 32.37 -21.28 -23.23
N GLY F 104 32.78 -20.21 -22.55
CA GLY F 104 32.07 -19.74 -21.39
C GLY F 104 31.23 -18.52 -21.74
N THR F 105 30.93 -18.38 -23.03
CA THR F 105 30.04 -17.34 -23.56
C THR F 105 29.13 -17.92 -24.64
N TRP F 106 28.35 -18.94 -24.25
CA TRP F 106 27.42 -19.57 -25.17
C TRP F 106 26.36 -18.60 -25.69
N TRP F 107 25.97 -18.78 -26.95
CA TRP F 107 24.83 -18.04 -27.49
C TRP F 107 24.31 -18.81 -28.71
N TYR F 108 23.38 -19.74 -28.44
CA TYR F 108 22.69 -20.51 -29.49
C TYR F 108 23.64 -21.33 -30.35
N GLN F 109 24.68 -21.88 -29.75
CA GLN F 109 25.57 -22.79 -30.43
C GLN F 109 25.03 -24.21 -30.30
N ARG F 110 24.72 -24.85 -31.43
CA ARG F 110 24.16 -26.19 -31.46
C ARG F 110 25.15 -27.27 -31.89
N SER F 111 26.34 -26.90 -32.32
CA SER F 111 27.25 -27.87 -32.92
C SER F 111 27.87 -28.79 -31.88
N GLU F 112 28.05 -30.05 -32.25
CA GLU F 112 28.72 -30.99 -31.36
C GLU F 112 30.10 -30.47 -31.00
N ASN F 113 30.74 -29.72 -31.91
CA ASN F 113 32.06 -29.17 -31.67
C ASN F 113 32.06 -28.03 -30.67
N ASP F 114 30.91 -27.44 -30.38
CA ASP F 114 30.83 -26.37 -29.40
C ASP F 114 30.73 -26.89 -27.97
N PHE F 115 30.68 -28.20 -27.80
CA PHE F 115 30.53 -28.80 -26.49
C PHE F 115 31.63 -29.81 -26.23
N GLY F 116 32.00 -29.92 -24.95
CA GLY F 116 33.03 -30.85 -24.53
C GLY F 116 32.59 -31.53 -23.24
N SER F 117 33.39 -32.45 -22.78
CA SER F 117 33.12 -33.20 -21.59
C SER F 117 31.80 -33.82 -21.75
N TRP F 118 31.73 -34.96 -22.36
CA TRP F 118 30.48 -35.65 -22.61
C TRP F 118 30.29 -36.75 -21.59
N GLY F 119 29.04 -36.96 -21.18
CA GLY F 119 28.70 -38.12 -20.38
C GLY F 119 28.59 -39.37 -21.23
N GLN F 120 28.39 -40.50 -20.55
CA GLN F 120 28.24 -41.77 -21.26
C GLN F 120 26.87 -41.93 -21.90
N GLY F 121 25.88 -41.18 -21.44
CA GLY F 121 24.56 -41.23 -22.03
C GLY F 121 23.63 -42.19 -21.29
N THR F 122 22.35 -42.06 -21.60
CA THR F 122 21.31 -42.90 -21.02
C THR F 122 20.36 -43.24 -22.15
N GLN F 123 19.92 -44.49 -22.18
CA GLN F 123 19.14 -45.00 -23.30
C GLN F 123 17.68 -44.64 -23.12
N VAL F 124 17.07 -44.09 -24.18
CA VAL F 124 15.66 -43.77 -24.21
C VAL F 124 15.05 -44.52 -25.38
N THR F 125 14.07 -45.38 -25.09
CA THR F 125 13.38 -46.16 -26.11
C THR F 125 11.89 -45.94 -25.97
N VAL F 126 11.23 -45.63 -27.09
CA VAL F 126 9.81 -45.32 -27.11
C VAL F 126 9.15 -46.25 -28.10
N SER F 127 8.14 -46.99 -27.65
CA SER F 127 7.43 -47.91 -28.52
C SER F 127 6.01 -47.43 -28.83
N MET G 13 -13.18 3.35 31.20
CA MET G 13 -14.41 3.39 30.41
C MET G 13 -15.20 2.09 30.59
N ALA G 14 -15.14 1.52 31.79
CA ALA G 14 -15.80 0.24 32.07
C ALA G 14 -17.31 0.33 31.92
N ILE G 15 -17.90 1.53 31.98
CA ILE G 15 -19.34 1.67 31.83
C ILE G 15 -19.82 1.27 30.43
N ILE G 16 -18.94 1.26 29.44
CA ILE G 16 -19.27 0.79 28.10
C ILE G 16 -18.88 -0.68 28.02
N LYS G 17 -19.86 -1.56 28.03
CA LYS G 17 -19.58 -3.00 27.96
C LYS G 17 -19.11 -3.38 26.55
N GLU G 18 -18.48 -4.56 26.47
CA GLU G 18 -18.04 -5.07 25.18
C GLU G 18 -19.20 -5.41 24.28
N PHE G 19 -20.40 -5.58 24.83
CA PHE G 19 -21.63 -5.69 24.05
C PHE G 19 -22.61 -4.67 24.58
N MET G 20 -23.08 -3.77 23.71
CA MET G 20 -24.00 -2.70 24.08
C MET G 20 -25.13 -2.59 23.09
N ARG G 21 -26.32 -2.31 23.60
CA ARG G 21 -27.50 -2.01 22.80
C ARG G 21 -27.79 -0.52 22.83
N PHE G 22 -28.65 -0.06 21.94
CA PHE G 22 -29.04 1.31 21.87
C PHE G 22 -30.37 1.50 21.24
N LYS G 23 -31.10 2.54 21.58
CA LYS G 23 -32.36 2.84 20.91
C LYS G 23 -32.25 4.14 20.17
N VAL G 24 -33.10 4.44 19.21
CA VAL G 24 -32.97 5.69 18.52
C VAL G 24 -34.22 6.21 17.96
N HIS G 25 -34.41 7.51 18.04
CA HIS G 25 -35.61 8.17 17.54
C HIS G 25 -35.15 9.26 16.59
N MET G 26 -35.80 9.35 15.42
CA MET G 26 -35.46 10.38 14.45
C MET G 26 -36.74 11.06 14.00
N GLU G 27 -36.72 12.39 14.02
CA GLU G 27 -37.75 13.21 13.39
C GLU G 27 -37.10 13.98 12.24
N GLY G 28 -37.74 13.99 11.09
CA GLY G 28 -37.09 14.64 9.96
C GLY G 28 -38.04 15.11 8.89
N SER G 29 -37.47 15.81 7.92
CA SER G 29 -38.20 16.28 6.75
C SER G 29 -37.22 16.37 5.59
N VAL G 30 -37.61 15.83 4.44
CA VAL G 30 -36.80 15.86 3.23
C VAL G 30 -37.66 16.42 2.10
N ASN G 31 -37.23 17.55 1.53
CA ASN G 31 -37.99 18.23 0.48
C ASN G 31 -39.46 18.40 0.86
N GLY G 32 -39.71 18.60 2.15
CA GLY G 32 -41.03 18.86 2.66
C GLY G 32 -41.75 17.64 3.20
N HIS G 33 -41.31 16.44 2.84
CA HIS G 33 -41.95 15.23 3.34
C HIS G 33 -41.41 14.92 4.74
N GLU G 34 -42.29 14.96 5.73
CA GLU G 34 -41.94 14.77 7.12
C GLU G 34 -42.13 13.32 7.52
N PHE G 35 -41.34 12.87 8.50
CA PHE G 35 -41.35 11.48 8.89
C PHE G 35 -40.76 11.31 10.28
N GLU G 36 -41.03 10.16 10.87
CA GLU G 36 -40.39 9.72 12.11
C GLU G 36 -39.92 8.28 11.94
N ILE G 37 -38.81 7.95 12.59
CA ILE G 37 -38.23 6.62 12.55
C ILE G 37 -37.87 6.20 13.96
N GLU G 38 -38.20 4.97 14.32
CA GLU G 38 -37.86 4.37 15.60
C GLU G 38 -37.00 3.15 15.35
N GLY G 39 -35.93 2.96 16.13
CA GLY G 39 -35.05 1.84 15.89
C GLY G 39 -34.33 1.38 17.13
N GLU G 40 -33.82 0.15 17.06
CA GLU G 40 -32.96 -0.42 18.08
C GLU G 40 -31.74 -0.97 17.42
N GLY G 41 -30.73 -1.20 18.18
CA GLY G 41 -29.49 -1.69 17.61
C GLY G 41 -28.63 -2.29 18.70
N GLU G 42 -27.58 -2.98 18.26
CA GLU G 42 -26.65 -3.63 19.15
C GLU G 42 -25.29 -3.60 18.51
N GLY G 43 -24.26 -3.92 19.29
CA GLY G 43 -22.93 -3.97 18.73
C GLY G 43 -21.89 -4.17 19.82
N ARG G 44 -20.63 -4.11 19.39
CA ARG G 44 -19.49 -4.30 20.28
C ARG G 44 -18.64 -3.04 20.22
N PRO G 45 -18.81 -2.11 21.17
CA PRO G 45 -18.17 -0.79 21.04
C PRO G 45 -16.66 -0.86 20.82
N TYR G 46 -15.98 -1.78 21.48
CA TYR G 46 -14.53 -1.88 21.40
C TYR G 46 -14.06 -2.60 20.15
N GLU G 47 -14.93 -3.37 19.51
CA GLU G 47 -14.61 -3.97 18.22
C GLU G 47 -14.92 -3.04 17.04
N GLY G 48 -15.70 -1.99 17.28
CA GLY G 48 -16.04 -1.06 16.22
C GLY G 48 -17.08 -1.57 15.24
N THR G 49 -17.96 -2.45 15.68
CA THR G 49 -18.99 -3.04 14.82
C THR G 49 -20.36 -2.89 15.47
N GLN G 50 -21.37 -2.68 14.65
CA GLN G 50 -22.72 -2.54 15.17
C GLN G 50 -23.73 -2.81 14.07
N THR G 51 -24.95 -3.15 14.49
CA THR G 51 -26.09 -3.33 13.62
C THR G 51 -27.29 -2.62 14.22
N ALA G 52 -28.27 -2.32 13.36
CA ALA G 52 -29.49 -1.66 13.80
C ALA G 52 -30.66 -2.09 12.94
N LYS G 53 -31.85 -2.08 13.53
CA LYS G 53 -33.11 -2.28 12.84
C LYS G 53 -33.97 -1.04 13.08
N LEU G 54 -34.49 -0.46 11.98
CA LEU G 54 -35.16 0.83 11.97
C LEU G 54 -36.50 0.69 11.27
N LYS G 55 -37.51 1.33 11.82
CA LYS G 55 -38.82 1.33 11.22
C LYS G 55 -39.38 2.72 11.05
N VAL G 56 -39.95 3.01 9.91
CA VAL G 56 -40.62 4.29 9.65
C VAL G 56 -41.98 4.27 10.33
N THR G 57 -42.11 5.04 11.42
CA THR G 57 -43.35 5.06 12.19
C THR G 57 -44.33 6.12 11.73
N LYS G 58 -43.87 7.15 11.04
CA LYS G 58 -44.71 8.22 10.54
C LYS G 58 -44.21 8.64 9.17
N GLY G 59 -45.13 8.88 8.25
CA GLY G 59 -44.73 9.39 6.95
C GLY G 59 -44.27 8.35 5.95
N GLY G 60 -44.37 7.07 6.28
CA GLY G 60 -43.95 6.03 5.38
C GLY G 60 -45.04 5.70 4.36
N PRO G 61 -44.63 5.21 3.18
CA PRO G 61 -43.24 5.00 2.73
C PRO G 61 -42.55 6.31 2.31
N LEU G 62 -41.23 6.37 2.52
CA LEU G 62 -40.50 7.59 2.19
C LEU G 62 -40.34 7.73 0.69
N PRO G 63 -40.53 8.95 0.14
CA PRO G 63 -40.39 9.12 -1.31
C PRO G 63 -38.98 9.47 -1.74
N PHE G 64 -38.00 9.15 -0.89
CA PHE G 64 -36.61 9.47 -1.18
C PHE G 64 -35.72 8.32 -0.75
N ALA G 65 -34.46 8.37 -1.19
CA ALA G 65 -33.53 7.29 -0.93
C ALA G 65 -33.20 7.18 0.55
N TRP G 66 -33.32 5.98 1.10
CA TRP G 66 -33.00 5.74 2.49
C TRP G 66 -31.54 6.03 2.80
N ASP G 67 -30.65 6.01 1.80
CA ASP G 67 -29.22 6.10 2.06
C ASP G 67 -28.86 7.40 2.78
N ILE G 68 -29.47 8.53 2.39
CA ILE G 68 -29.12 9.80 3.03
C ILE G 68 -29.38 9.75 4.53
N LEU G 69 -30.24 8.85 4.99
CA LEU G 69 -30.52 8.72 6.41
C LEU G 69 -29.58 7.76 7.10
N SER G 70 -29.07 6.74 6.38
CA SER G 70 -28.38 5.65 7.05
C SER G 70 -27.17 6.11 7.86
N PRO G 71 -26.36 7.08 7.42
CA PRO G 71 -25.21 7.49 8.24
C PRO G 71 -25.59 8.24 9.52
N GLN G 72 -26.86 8.43 9.82
CA GLN G 72 -27.27 9.22 10.97
C GLN G 72 -27.64 8.39 12.19
N PHE G 73 -27.62 7.06 12.10
CA PHE G 73 -27.91 6.29 13.30
C PHE G 73 -26.81 5.62 14.14
N1 NRQ G 74 -25.57 5.29 13.77
CE NRQ G 74 -26.28 1.13 13.26
SD NRQ G 74 -25.76 1.64 11.60
CG1 NRQ G 74 -24.77 3.14 11.77
CB1 NRQ G 74 -25.64 4.39 11.53
CA1 NRQ G 74 -25.18 5.39 12.59
C1 NRQ G 74 -24.12 6.43 12.25
N2 NRQ G 74 -23.10 6.23 11.26
OH NRQ G 74 -20.50 6.53 4.91
CD2 NRQ G 74 -20.27 8.24 8.16
CE2 NRQ G 74 -20.10 7.95 6.82
CZ NRQ G 74 -20.67 6.82 6.28
CE1 NRQ G 74 -21.40 5.95 7.09
CD1 NRQ G 74 -21.56 6.23 8.44
CG2 NRQ G 74 -21.00 7.39 8.97
CB2 NRQ G 74 -21.20 7.63 10.47
CA2 NRQ G 74 -22.26 7.38 11.21
C2 NRQ G 74 -22.80 8.34 12.29
O2 NRQ G 74 -22.35 9.39 12.56
N3 NRQ G 74 -23.97 7.71 12.94
CA3 NRQ G 74 -24.79 8.27 14.00
C3 NRQ G 74 -24.27 7.86 15.38
O3 NRQ G 74 -24.76 8.41 16.42
HE1A NRQ G 74 -25.43 1.15 13.93
HE2A NRQ G 74 -27.05 1.82 13.63
HE3 NRQ G 74 -26.70 0.13 13.22
HG11 NRQ G 74 -23.96 3.13 11.06
HG12 NRQ G 74 -24.37 3.20 12.77
HB11 NRQ G 74 -26.70 4.16 11.65
HB12 NRQ G 74 -25.48 4.79 10.53
HOH NRQ G 74 -21.34 6.44 4.51
HD2 NRQ G 74 -19.82 9.13 8.58
HE2 NRQ G 74 -19.53 8.63 6.19
HE1 NRQ G 74 -21.84 5.06 6.67
HD1 NRQ G 74 -22.12 5.55 9.08
HB2 NRQ G 74 -20.35 8.07 10.99
HA31 NRQ G 74 -24.78 9.35 13.92
HA32 NRQ G 74 -25.80 7.90 13.89
N SER G 75 -23.34 6.95 15.51
CA SER G 75 -23.20 6.01 16.63
C SER G 75 -21.72 5.78 16.87
N LYS G 76 -21.01 6.86 17.24
CA LYS G 76 -19.56 6.83 17.26
C LYS G 76 -18.99 6.29 18.56
N ALA G 77 -19.83 5.82 19.48
CA ALA G 77 -19.31 5.04 20.58
C ALA G 77 -18.80 3.67 20.11
N TYR G 78 -19.20 3.24 18.92
CA TYR G 78 -18.80 1.93 18.39
C TYR G 78 -17.71 2.09 17.33
N VAL G 79 -16.57 2.65 17.73
CA VAL G 79 -15.43 2.80 16.84
C VAL G 79 -14.23 2.15 17.51
N LYS G 80 -13.61 1.19 16.83
CA LYS G 80 -12.40 0.56 17.33
C LYS G 80 -11.27 1.58 17.30
N HIS G 81 -10.65 1.81 18.46
CA HIS G 81 -9.60 2.81 18.58
C HIS G 81 -8.30 2.16 19.06
N PRO G 82 -7.15 2.55 18.50
CA PRO G 82 -5.88 2.13 19.09
C PRO G 82 -5.79 2.58 20.54
N ALA G 83 -4.95 1.88 21.30
CA ALA G 83 -4.80 2.22 22.71
C ALA G 83 -4.16 3.59 22.92
N ASP G 84 -3.41 4.07 21.93
CA ASP G 84 -2.73 5.35 22.05
C ASP G 84 -3.53 6.51 21.49
N ILE G 85 -4.72 6.26 20.97
CA ILE G 85 -5.63 7.30 20.49
C ILE G 85 -6.79 7.39 21.46
N PRO G 86 -6.93 8.48 22.21
CA PRO G 86 -8.06 8.60 23.15
C PRO G 86 -9.40 8.45 22.45
N ASP G 87 -10.24 7.57 22.99
CA ASP G 87 -11.59 7.37 22.47
C ASP G 87 -12.49 8.43 23.11
N TYR G 88 -12.38 9.64 22.57
CA TYR G 88 -13.05 10.82 23.13
C TYR G 88 -14.52 10.57 23.41
N LEU G 89 -15.23 9.93 22.48
CA LEU G 89 -16.67 9.80 22.60
C LEU G 89 -17.09 8.68 23.53
N LYS G 90 -16.29 7.62 23.66
CA LYS G 90 -16.59 6.60 24.65
C LYS G 90 -16.45 7.16 26.06
N LEU G 91 -15.42 7.99 26.27
CA LEU G 91 -15.18 8.58 27.58
C LEU G 91 -16.29 9.55 28.00
N SER G 92 -17.01 10.12 27.04
CA SER G 92 -18.04 11.11 27.35
C SER G 92 -19.19 10.54 28.16
N PHE G 93 -19.30 9.23 28.24
CA PHE G 93 -20.40 8.56 28.93
C PHE G 93 -20.08 8.36 30.40
N PRO G 94 -21.08 8.13 31.26
CA PRO G 94 -22.51 7.94 30.93
C PRO G 94 -23.28 9.19 30.52
N GLU G 95 -22.67 10.36 30.70
CA GLU G 95 -23.37 11.59 30.34
C GLU G 95 -23.68 11.62 28.86
N GLY G 96 -22.71 11.25 28.02
CA GLY G 96 -22.89 11.23 26.58
C GLY G 96 -22.30 12.43 25.89
N PHE G 97 -22.72 12.62 24.64
CA PHE G 97 -22.22 13.71 23.81
C PHE G 97 -23.32 14.13 22.84
N LYS G 98 -23.00 15.06 21.98
CA LYS G 98 -23.91 15.51 20.98
C LYS G 98 -23.15 15.87 19.74
N TRP G 99 -23.77 15.77 18.60
CA TRP G 99 -23.07 16.07 17.35
C TRP G 99 -24.00 16.73 16.35
N GLU G 100 -23.41 17.53 15.48
CA GLU G 100 -24.14 18.21 14.42
C GLU G 100 -23.38 18.07 13.12
N ARG G 101 -24.13 17.97 12.03
CA ARG G 101 -23.56 17.59 10.75
C ARG G 101 -24.24 18.32 9.60
N VAL G 102 -23.45 18.58 8.56
CA VAL G 102 -23.95 19.08 7.28
C VAL G 102 -23.34 18.24 6.16
N MET G 103 -24.19 17.74 5.27
CA MET G 103 -23.80 17.03 4.07
C MET G 103 -24.23 17.88 2.88
N ASN G 104 -23.26 18.31 2.08
CA ASN G 104 -23.51 19.09 0.88
C ASN G 104 -23.27 18.19 -0.32
N PHE G 105 -24.34 17.84 -1.02
CA PHE G 105 -24.24 16.95 -2.17
C PHE G 105 -23.91 17.75 -3.42
N GLU G 106 -23.37 17.05 -4.42
CA GLU G 106 -22.87 17.74 -5.60
C GLU G 106 -23.99 18.37 -6.42
N ASP G 107 -25.21 17.82 -6.33
CA ASP G 107 -26.34 18.35 -7.08
C ASP G 107 -27.13 19.40 -6.31
N GLY G 108 -26.54 20.01 -5.29
CA GLY G 108 -27.18 21.07 -4.54
C GLY G 108 -27.95 20.61 -3.32
N GLY G 109 -28.25 19.32 -3.22
CA GLY G 109 -28.96 18.83 -2.05
C GLY G 109 -28.16 19.05 -0.78
N VAL G 110 -28.87 19.32 0.31
CA VAL G 110 -28.25 19.58 1.59
C VAL G 110 -28.98 18.80 2.66
N VAL G 111 -28.23 18.14 3.54
CA VAL G 111 -28.76 17.44 4.70
C VAL G 111 -28.13 18.05 5.93
N THR G 112 -28.94 18.40 6.91
CA THR G 112 -28.47 18.92 8.19
C THR G 112 -29.01 18.03 9.30
N VAL G 113 -28.17 17.77 10.30
CA VAL G 113 -28.52 16.83 11.34
C VAL G 113 -28.03 17.34 12.68
N THR G 114 -28.85 17.19 13.70
CA THR G 114 -28.41 17.44 15.08
C THR G 114 -28.83 16.25 15.93
N GLN G 115 -27.97 15.87 16.87
CA GLN G 115 -28.15 14.60 17.55
C GLN G 115 -27.63 14.69 18.98
N ASP G 116 -28.32 14.01 19.88
CA ASP G 116 -27.92 13.84 21.26
C ASP G 116 -27.79 12.35 21.58
N SER G 117 -26.68 11.98 22.22
CA SER G 117 -26.40 10.60 22.61
C SER G 117 -26.17 10.57 24.11
N SER G 118 -26.96 9.75 24.81
CA SER G 118 -26.85 9.60 26.26
C SER G 118 -26.86 8.11 26.60
N LEU G 119 -26.68 7.79 27.89
CA LEU G 119 -26.66 6.41 28.36
C LEU G 119 -27.59 6.26 29.56
N GLN G 120 -28.53 5.32 29.46
CA GLN G 120 -29.49 5.09 30.53
C GLN G 120 -29.90 3.62 30.54
N ASP G 121 -29.96 3.05 31.75
CA ASP G 121 -30.34 1.65 31.96
C ASP G 121 -29.50 0.72 31.12
N GLY G 122 -28.21 1.06 30.98
CA GLY G 122 -27.28 0.21 30.28
C GLY G 122 -27.28 0.36 28.79
N GLU G 123 -28.22 1.13 28.22
CA GLU G 123 -28.34 1.26 26.78
C GLU G 123 -28.09 2.70 26.35
N PHE G 124 -27.56 2.85 25.14
CA PHE G 124 -27.39 4.17 24.53
C PHE G 124 -28.74 4.66 24.01
N ILE G 125 -29.00 5.95 24.20
CA ILE G 125 -30.20 6.60 23.71
C ILE G 125 -29.79 7.68 22.71
N TYR G 126 -30.31 7.58 21.49
CA TYR G 126 -30.02 8.51 20.41
C TYR G 126 -31.27 9.30 20.07
N LYS G 127 -31.15 10.63 20.07
CA LYS G 127 -32.22 11.52 19.65
C LYS G 127 -31.70 12.30 18.44
N VAL G 128 -32.39 12.17 17.31
CA VAL G 128 -31.90 12.74 16.05
C VAL G 128 -32.98 13.62 15.45
N LYS G 129 -32.57 14.78 14.92
CA LYS G 129 -33.41 15.62 14.07
C LYS G 129 -32.65 15.86 12.78
N LEU G 130 -33.36 15.80 11.66
CA LEU G 130 -32.74 15.84 10.34
C LEU G 130 -33.60 16.64 9.39
N ARG G 131 -32.93 17.36 8.48
CA ARG G 131 -33.61 18.11 7.44
C ARG G 131 -32.86 17.93 6.14
N GLY G 132 -33.57 17.55 5.09
CA GLY G 132 -33.03 17.48 3.75
C GLY G 132 -33.75 18.50 2.89
N THR G 133 -33.01 19.17 2.02
CA THR G 133 -33.61 20.22 1.23
C THR G 133 -32.82 20.44 -0.05
N ASN G 134 -33.46 21.12 -1.01
CA ASN G 134 -32.84 21.49 -2.28
C ASN G 134 -32.38 20.27 -3.06
N PHE G 135 -33.06 19.15 -2.90
CA PHE G 135 -32.78 17.98 -3.72
C PHE G 135 -33.53 18.09 -5.04
N PRO G 136 -32.85 18.02 -6.19
CA PRO G 136 -33.56 18.10 -7.47
C PRO G 136 -34.69 17.09 -7.55
N SER G 137 -35.79 17.51 -8.18
CA SER G 137 -36.98 16.67 -8.28
C SER G 137 -36.66 15.36 -9.01
N ASP G 138 -35.85 15.43 -10.05
CA ASP G 138 -35.46 14.27 -10.83
C ASP G 138 -34.14 13.66 -10.40
N GLY G 139 -33.59 14.13 -9.28
CA GLY G 139 -32.30 13.66 -8.83
C GLY G 139 -32.33 12.25 -8.29
N PRO G 140 -31.15 11.69 -8.05
CA PRO G 140 -31.09 10.30 -7.56
C PRO G 140 -31.66 10.12 -6.17
N VAL G 141 -31.68 11.17 -5.35
CA VAL G 141 -32.20 11.04 -4.00
C VAL G 141 -33.72 10.91 -4.03
N MET G 142 -34.40 11.87 -4.68
CA MET G 142 -35.86 11.83 -4.73
C MET G 142 -36.38 10.75 -5.65
N GLN G 143 -35.52 10.18 -6.51
CA GLN G 143 -35.92 9.12 -7.43
C GLN G 143 -35.45 7.73 -6.96
N LYS G 144 -34.77 7.64 -5.83
CA LYS G 144 -34.32 6.37 -5.27
C LYS G 144 -33.44 5.61 -6.27
N LYS G 145 -32.36 6.26 -6.68
CA LYS G 145 -31.42 5.69 -7.64
C LYS G 145 -30.07 5.36 -7.01
N THR G 146 -30.02 5.18 -5.69
CA THR G 146 -28.77 4.97 -4.98
C THR G 146 -28.66 3.52 -4.50
N MET G 147 -27.41 3.05 -4.39
CA MET G 147 -27.12 1.67 -4.00
C MET G 147 -26.24 1.59 -2.76
N GLY G 148 -26.34 2.57 -1.87
CA GLY G 148 -25.56 2.56 -0.65
C GLY G 148 -24.24 3.29 -0.78
N TRP G 149 -23.57 3.42 0.37
CA TRP G 149 -22.34 4.21 0.45
C TRP G 149 -21.11 3.35 0.22
N GLU G 150 -20.12 3.94 -0.43
CA GLU G 150 -18.80 3.34 -0.47
C GLU G 150 -18.06 3.60 0.84
N ALA G 151 -17.10 2.72 1.13
CA ALA G 151 -16.26 2.91 2.30
C ALA G 151 -15.71 4.33 2.33
N SER G 152 -15.65 4.90 3.53
CA SER G 152 -15.28 6.30 3.72
C SER G 152 -14.13 6.40 4.70
N SER G 153 -13.45 7.55 4.66
CA SER G 153 -12.40 7.86 5.61
C SER G 153 -12.70 9.24 6.17
N GLU G 154 -13.08 9.28 7.45
CA GLU G 154 -13.38 10.54 8.13
C GLU G 154 -12.09 11.04 8.78
N ARG G 155 -11.62 12.18 8.37
CA ARG G 155 -10.46 12.77 8.95
C ARG G 155 -10.89 13.51 10.21
N MET G 156 -10.48 13.08 11.35
CA MET G 156 -10.85 13.63 12.64
C MET G 156 -9.72 14.52 13.16
N TYR G 157 -10.09 15.62 13.81
CA TYR G 157 -9.11 16.52 14.40
C TYR G 157 -9.77 17.36 15.47
N PRO G 158 -9.04 17.72 16.53
CA PRO G 158 -9.62 18.59 17.55
C PRO G 158 -9.62 20.06 17.13
N GLU G 159 -10.66 20.77 17.54
CA GLU G 159 -10.82 22.18 17.22
C GLU G 159 -11.98 22.73 18.01
N ASP G 160 -11.82 23.98 18.50
CA ASP G 160 -12.86 24.66 19.27
C ASP G 160 -13.24 23.88 20.52
N GLY G 161 -12.32 23.07 21.03
CA GLY G 161 -12.62 22.24 22.19
C GLY G 161 -13.47 21.02 21.92
N ALA G 162 -13.72 20.71 20.66
CA ALA G 162 -14.53 19.56 20.27
C ALA G 162 -13.76 18.73 19.26
N LEU G 163 -14.36 17.64 18.81
CA LEU G 163 -13.74 16.77 17.80
C LEU G 163 -14.49 16.96 16.49
N LYS G 164 -13.82 17.51 15.49
CA LYS G 164 -14.42 17.73 14.19
C LYS G 164 -14.00 16.63 13.23
N GLY G 165 -14.87 16.36 12.26
CA GLY G 165 -14.60 15.36 11.24
C GLY G 165 -15.02 15.81 9.86
N GLU G 166 -14.18 15.55 8.87
CA GLU G 166 -14.49 15.86 7.47
C GLU G 166 -14.45 14.59 6.64
N ILE G 167 -15.38 14.48 5.69
CA ILE G 167 -15.48 13.30 4.84
C ILE G 167 -15.83 13.69 3.42
N LYS G 168 -15.29 12.95 2.46
CA LYS G 168 -15.72 12.98 1.06
C LYS G 168 -16.49 11.67 0.87
N GLN G 169 -17.80 11.67 0.94
CA GLN G 169 -18.53 10.46 0.82
C GLN G 169 -19.05 10.29 -0.54
N ARG G 170 -19.26 9.07 -0.93
CA ARG G 170 -19.64 8.73 -2.30
C ARG G 170 -20.77 7.70 -2.23
N LEU G 171 -21.88 8.02 -2.88
CA LEU G 171 -23.03 7.12 -2.98
C LEU G 171 -22.98 6.39 -4.31
N LYS G 172 -23.23 5.09 -4.27
CA LYS G 172 -23.29 4.28 -5.47
C LYS G 172 -24.60 4.53 -6.21
N LEU G 173 -24.51 4.74 -7.52
CA LEU G 173 -25.68 4.92 -8.38
C LEU G 173 -25.96 3.64 -9.14
N LYS G 174 -27.25 3.33 -9.31
CA LYS G 174 -27.63 2.08 -9.98
C LYS G 174 -27.16 2.02 -11.42
N ASP G 175 -26.89 3.17 -12.04
CA ASP G 175 -26.36 3.19 -13.40
C ASP G 175 -24.86 3.00 -13.45
N GLY G 176 -24.22 2.70 -12.32
CA GLY G 176 -22.79 2.48 -12.27
C GLY G 176 -21.96 3.71 -11.94
N GLY G 177 -22.59 4.86 -11.75
CA GLY G 177 -21.88 6.09 -11.46
C GLY G 177 -21.73 6.34 -9.97
N HIS G 178 -21.52 7.61 -9.63
CA HIS G 178 -21.30 8.00 -8.25
C HIS G 178 -21.93 9.37 -7.98
N TYR G 179 -22.31 9.56 -6.71
CA TYR G 179 -23.01 10.76 -6.25
C TYR G 179 -22.24 11.28 -5.05
N ASP G 180 -21.58 12.42 -5.21
CA ASP G 180 -20.62 12.88 -4.22
C ASP G 180 -21.24 13.81 -3.18
N ALA G 181 -20.61 13.84 -2.00
CA ALA G 181 -21.06 14.70 -0.92
C ALA G 181 -19.88 15.08 -0.03
N GLU G 182 -19.90 16.32 0.44
CA GLU G 182 -18.94 16.80 1.43
C GLU G 182 -19.63 16.82 2.80
N VAL G 183 -19.06 16.12 3.76
CA VAL G 183 -19.67 15.98 5.08
C VAL G 183 -18.76 16.65 6.10
N LYS G 184 -19.35 17.52 6.92
CA LYS G 184 -18.64 18.13 8.04
C LYS G 184 -19.45 17.87 9.29
N THR G 185 -18.79 17.38 10.33
CA THR G 185 -19.44 17.01 11.57
C THR G 185 -18.64 17.55 12.75
N THR G 186 -19.35 17.87 13.83
CA THR G 186 -18.73 18.27 15.08
C THR G 186 -19.33 17.42 16.18
N TYR G 187 -18.48 16.75 16.95
CA TYR G 187 -18.87 15.92 18.07
C TYR G 187 -18.36 16.58 19.34
N LYS G 188 -19.17 16.64 20.37
CA LYS G 188 -18.79 17.30 21.56
C LYS G 188 -19.31 16.63 22.75
N ALA G 189 -18.46 16.29 23.66
CA ALA G 189 -18.82 15.61 24.90
C ALA G 189 -19.58 16.55 25.82
N LYS G 190 -20.55 15.98 26.54
CA LYS G 190 -21.27 16.74 27.54
C LYS G 190 -20.45 16.97 28.79
N LYS G 191 -19.21 16.51 28.82
CA LYS G 191 -18.30 16.77 29.93
C LYS G 191 -16.91 16.91 29.33
N PRO G 192 -16.03 17.46 30.04
CA PRO G 192 -14.74 17.63 29.46
C PRO G 192 -13.89 16.38 29.52
N VAL G 193 -13.30 16.01 28.40
CA VAL G 193 -12.52 14.78 28.25
C VAL G 193 -11.32 15.05 27.34
N GLN G 194 -10.30 14.19 27.48
CA GLN G 194 -9.11 14.32 26.65
C GLN G 194 -9.46 14.21 25.17
N LEU G 195 -9.04 15.23 24.41
CA LEU G 195 -9.21 15.16 22.97
C LEU G 195 -8.03 14.45 22.33
N PRO G 196 -8.23 13.69 21.27
CA PRO G 196 -7.09 13.07 20.57
C PRO G 196 -6.47 14.04 19.58
N GLY G 197 -5.31 13.65 19.07
CA GLY G 197 -4.74 14.34 17.94
C GLY G 197 -5.42 13.92 16.65
N ALA G 198 -5.09 14.62 15.57
CA ALA G 198 -5.68 14.32 14.28
C ALA G 198 -5.42 12.85 13.90
N TYR G 199 -6.45 12.20 13.38
CA TYR G 199 -6.32 10.82 12.89
C TYR G 199 -7.42 10.57 11.87
N ASN G 200 -7.57 9.32 11.44
CA ASN G 200 -8.57 8.95 10.46
C ASN G 200 -9.43 7.82 11.02
N VAL G 201 -10.68 7.78 10.58
CA VAL G 201 -11.59 6.69 10.93
C VAL G 201 -12.12 6.10 9.64
N ASN G 202 -11.80 4.83 9.38
CA ASN G 202 -12.30 4.12 8.22
C ASN G 202 -13.67 3.55 8.57
N ILE G 203 -14.65 3.77 7.69
CA ILE G 203 -16.04 3.47 7.97
C ILE G 203 -16.62 2.71 6.79
N LYS G 204 -17.33 1.62 7.08
CA LYS G 204 -18.10 0.89 6.08
C LYS G 204 -19.52 0.73 6.60
N LEU G 205 -20.49 1.17 5.80
CA LEU G 205 -21.90 1.14 6.17
C LEU G 205 -22.71 0.46 5.07
N ASP G 206 -23.54 -0.50 5.45
CA ASP G 206 -24.35 -1.22 4.48
C ASP G 206 -25.75 -1.49 5.02
N ILE G 207 -26.73 -1.43 4.13
CA ILE G 207 -28.07 -1.91 4.43
C ILE G 207 -28.12 -3.40 4.15
N THR G 208 -28.34 -4.18 5.21
CA THR G 208 -28.30 -5.64 5.13
C THR G 208 -29.65 -6.26 4.80
N SER G 209 -30.75 -5.60 5.15
CA SER G 209 -32.07 -6.13 4.81
C SER G 209 -33.05 -4.97 4.78
N HIS G 210 -34.13 -5.17 4.03
CA HIS G 210 -35.16 -4.15 3.92
C HIS G 210 -36.40 -4.76 3.27
N ASN G 211 -37.57 -4.30 3.71
CA ASN G 211 -38.81 -4.73 3.09
C ASN G 211 -38.96 -4.04 1.73
N GLU G 212 -40.12 -4.21 1.10
CA GLU G 212 -40.30 -3.72 -0.27
C GLU G 212 -40.19 -2.20 -0.34
N ASP G 213 -40.85 -1.49 0.57
CA ASP G 213 -40.91 -0.03 0.52
C ASP G 213 -40.01 0.64 1.54
N TYR G 214 -39.02 -0.08 2.09
CA TYR G 214 -38.03 0.50 3.00
C TYR G 214 -38.68 1.13 4.23
N THR G 215 -39.78 0.56 4.72
CA THR G 215 -40.36 1.01 5.98
C THR G 215 -39.76 0.26 7.17
N ILE G 216 -39.06 -0.85 6.93
CA ILE G 216 -38.20 -1.52 7.92
C ILE G 216 -36.87 -1.79 7.24
N VAL G 217 -35.80 -1.39 7.89
CA VAL G 217 -34.46 -1.44 7.28
C VAL G 217 -33.46 -1.85 8.33
N GLU G 218 -32.55 -2.75 7.97
CA GLU G 218 -31.47 -3.14 8.88
C GLU G 218 -30.14 -2.68 8.31
N GLN G 219 -29.26 -2.22 9.19
CA GLN G 219 -27.98 -1.63 8.82
C GLN G 219 -26.88 -2.29 9.61
N TYR G 220 -25.68 -2.28 9.02
CA TYR G 220 -24.45 -2.71 9.66
C TYR G 220 -23.39 -1.64 9.42
N GLU G 221 -22.62 -1.35 10.46
CA GLU G 221 -21.51 -0.41 10.34
C GLU G 221 -20.28 -0.97 11.03
N ARG G 222 -19.13 -0.73 10.40
CA ARG G 222 -17.83 -1.04 10.94
C ARG G 222 -16.95 0.20 10.86
N ALA G 223 -16.37 0.58 12.01
CA ALA G 223 -15.58 1.79 12.10
C ALA G 223 -14.30 1.49 12.86
N GLU G 224 -13.18 1.97 12.34
CA GLU G 224 -11.87 1.66 12.90
C GLU G 224 -10.96 2.86 12.77
N GLY G 225 -10.33 3.27 13.86
CA GLY G 225 -9.45 4.42 13.86
C GLY G 225 -8.00 4.06 13.58
N ARG G 226 -7.32 4.93 12.84
CA ARG G 226 -5.92 4.75 12.49
C ARG G 226 -5.22 6.12 12.50
N HIS G 227 -3.90 6.07 12.52
CA HIS G 227 -3.11 7.29 12.55
C HIS G 227 -2.97 7.88 11.15
N SER G 228 -2.49 9.11 11.09
CA SER G 228 -2.27 9.80 9.83
C SER G 228 -1.26 9.05 8.96
N VAL H 4 -25.28 38.10 29.55
CA VAL H 4 -25.01 39.46 29.94
C VAL H 4 -24.93 40.48 28.79
N GLN H 5 -23.96 40.25 27.92
CA GLN H 5 -23.69 41.18 26.88
C GLN H 5 -23.40 40.76 25.48
N LEU H 6 -24.05 41.35 24.51
CA LEU H 6 -23.81 41.11 23.14
C LEU H 6 -23.55 42.46 22.56
N VAL H 7 -22.52 42.62 21.78
CA VAL H 7 -22.14 43.91 21.22
C VAL H 7 -21.92 43.74 19.72
N GLU H 8 -22.77 44.35 18.91
CA GLU H 8 -22.65 44.32 17.47
C GLU H 8 -21.76 45.46 16.98
N SER H 9 -21.11 45.24 15.84
CA SER H 9 -20.27 46.25 15.21
C SER H 9 -20.16 45.90 13.73
N GLY H 10 -19.59 46.82 12.96
CA GLY H 10 -19.38 46.62 11.54
C GLY H 10 -20.40 47.29 10.63
N GLY H 11 -21.43 47.89 11.19
CA GLY H 11 -22.41 48.58 10.39
C GLY H 11 -21.82 49.80 9.70
N GLY H 12 -22.66 50.44 8.90
CA GLY H 12 -22.21 51.63 8.19
C GLY H 12 -23.17 52.01 7.08
N LEU H 13 -22.68 52.88 6.19
CA LEU H 13 -23.42 53.43 5.08
C LEU H 13 -22.62 53.11 3.82
N VAL H 14 -23.23 52.38 2.89
CA VAL H 14 -22.50 51.85 1.75
C VAL H 14 -23.35 51.93 0.49
N GLN H 15 -22.66 51.89 -0.64
CA GLN H 15 -23.35 51.92 -1.93
C GLN H 15 -24.03 50.60 -2.22
N ALA H 16 -25.19 50.68 -2.90
CA ALA H 16 -25.87 49.48 -3.35
C ALA H 16 -24.91 48.60 -4.14
N GLY H 17 -25.03 47.29 -3.94
CA GLY H 17 -24.11 46.35 -4.56
C GLY H 17 -22.84 46.08 -3.77
N GLY H 18 -22.55 46.90 -2.76
CA GLY H 18 -21.38 46.72 -1.95
C GLY H 18 -21.56 45.60 -0.92
N SER H 19 -20.60 45.53 0.00
CA SER H 19 -20.57 44.49 1.01
C SER H 19 -20.22 45.11 2.36
N LEU H 20 -20.72 44.48 3.41
CA LEU H 20 -20.36 44.82 4.78
C LEU H 20 -20.12 43.51 5.52
N ARG H 21 -19.57 43.61 6.72
CA ARG H 21 -19.38 42.43 7.56
C ARG H 21 -19.72 42.83 9.00
N LEU H 22 -20.88 42.39 9.48
CA LEU H 22 -21.24 42.60 10.87
C LEU H 22 -20.58 41.56 11.75
N SER H 23 -20.20 41.97 12.95
CA SER H 23 -19.70 41.07 13.98
C SER H 23 -20.44 41.35 15.27
N CYS H 24 -20.49 40.35 16.14
CA CYS H 24 -21.12 40.47 17.45
C CYS H 24 -20.26 39.73 18.46
N ALA H 25 -19.63 40.48 19.37
CA ALA H 25 -18.87 39.91 20.46
C ALA H 25 -19.79 39.63 21.63
N THR H 26 -19.61 38.46 22.25
CA THR H 26 -20.50 38.02 23.31
C THR H 26 -19.71 37.80 24.59
N SER H 27 -20.43 37.84 25.70
CA SER H 27 -19.81 37.61 27.00
C SER H 27 -20.89 37.29 28.02
N GLY H 28 -20.59 36.35 28.91
CA GLY H 28 -21.46 36.02 30.01
C GLY H 28 -22.25 34.73 29.89
N PHE H 29 -21.93 33.86 28.96
CA PHE H 29 -22.66 32.60 28.82
C PHE H 29 -21.86 31.68 27.92
N THR H 30 -22.13 30.38 28.04
CA THR H 30 -21.44 29.39 27.22
C THR H 30 -21.86 29.55 25.77
N PHE H 31 -21.12 30.41 25.06
CA PHE H 31 -21.46 30.73 23.67
C PHE H 31 -21.64 29.47 22.84
N SER H 32 -20.76 28.49 23.02
CA SER H 32 -20.75 27.29 22.19
C SER H 32 -21.93 26.37 22.42
N ASP H 33 -22.84 26.70 23.34
CA ASP H 33 -24.00 25.85 23.61
C ASP H 33 -25.29 26.41 22.99
N TYR H 34 -25.25 27.63 22.46
CA TYR H 34 -26.46 28.33 22.05
C TYR H 34 -26.41 28.60 20.55
N ALA H 35 -27.56 28.45 19.91
CA ALA H 35 -27.73 28.99 18.56
C ALA H 35 -27.77 30.51 18.64
N MET H 36 -27.31 31.17 17.58
CA MET H 36 -27.27 32.62 17.52
C MET H 36 -28.05 33.07 16.29
N GLY H 37 -28.65 34.25 16.38
CA GLY H 37 -29.48 34.76 15.31
C GLY H 37 -29.24 36.24 15.05
N TRP H 38 -29.35 36.61 13.77
CA TRP H 38 -29.37 37.99 13.33
C TRP H 38 -30.78 38.35 12.92
N PHE H 39 -31.28 39.48 13.43
CA PHE H 39 -32.56 40.08 13.09
C PHE H 39 -32.33 41.50 12.57
N ARG H 40 -33.33 42.06 11.90
CA ARG H 40 -33.25 43.43 11.43
C ARG H 40 -34.57 44.13 11.67
N GLN H 41 -34.48 45.44 11.87
CA GLN H 41 -35.61 46.25 12.32
C GLN H 41 -35.65 47.57 11.54
N ALA H 42 -36.80 47.83 10.91
CA ALA H 42 -37.07 49.06 10.19
C ALA H 42 -37.63 50.11 11.15
N PRO H 43 -37.56 51.39 10.78
CA PRO H 43 -38.03 52.44 11.72
C PRO H 43 -39.48 52.21 12.11
N GLY H 44 -39.73 52.16 13.42
CA GLY H 44 -41.08 52.04 13.93
C GLY H 44 -41.70 50.65 13.86
N LYS H 45 -41.08 49.71 13.12
CA LYS H 45 -41.64 48.39 12.88
C LYS H 45 -41.00 47.35 13.80
N GLU H 46 -41.45 46.11 13.64
CA GLU H 46 -40.96 45.03 14.48
C GLU H 46 -39.76 44.30 13.86
N ARG H 47 -38.96 43.70 14.72
CA ARG H 47 -37.84 42.90 14.29
C ARG H 47 -38.29 41.80 13.33
N GLU H 48 -37.47 41.51 12.32
CA GLU H 48 -37.74 40.41 11.42
C GLU H 48 -36.49 39.53 11.34
N PHE H 49 -36.71 38.24 11.11
CA PHE H 49 -35.62 37.29 11.06
C PHE H 49 -34.75 37.50 9.83
N VAL H 50 -33.44 37.47 10.02
CA VAL H 50 -32.48 37.53 8.93
C VAL H 50 -31.75 36.20 8.78
N ALA H 51 -31.11 35.72 9.85
CA ALA H 51 -30.35 34.50 9.76
C ALA H 51 -30.18 33.88 11.14
N ALA H 52 -29.81 32.61 11.15
CA ALA H 52 -29.55 31.89 12.39
C ALA H 52 -28.53 30.79 12.11
N ILE H 53 -27.78 30.44 13.16
CA ILE H 53 -26.70 29.47 13.07
C ILE H 53 -26.67 28.66 14.35
N SER H 54 -26.58 27.36 14.26
CA SER H 54 -26.56 26.48 15.41
C SER H 54 -25.28 26.43 16.10
N TRP H 55 -25.17 25.75 17.20
CA TRP H 55 -23.93 25.68 17.88
C TRP H 55 -22.67 25.19 17.11
N SER H 56 -22.66 24.14 16.26
CA SER H 56 -21.59 23.70 15.58
C SER H 56 -21.30 24.66 14.48
N GLY H 57 -22.20 25.53 14.11
CA GLY H 57 -22.04 26.27 12.87
C GLY H 57 -22.45 25.52 11.63
N HIS H 58 -22.79 24.24 11.74
CA HIS H 58 -23.11 23.44 10.56
C HIS H 58 -24.55 23.62 10.08
N VAL H 59 -25.46 24.04 10.96
CA VAL H 59 -26.86 24.19 10.60
C VAL H 59 -27.17 25.69 10.59
N THR H 60 -27.43 26.22 9.41
CA THR H 60 -27.76 27.62 9.21
C THR H 60 -29.13 27.75 8.56
N ASP H 61 -29.76 28.89 8.79
CA ASP H 61 -31.08 29.19 8.27
C ASP H 61 -31.11 30.67 7.90
N TYR H 62 -31.74 30.98 6.76
CA TYR H 62 -31.76 32.34 6.26
C TYR H 62 -33.16 32.75 5.84
N ALA H 63 -33.49 34.02 6.02
CA ALA H 63 -34.67 34.57 5.39
C ALA H 63 -34.51 34.50 3.88
N ASP H 64 -35.61 34.23 3.17
CA ASP H 64 -35.54 34.07 1.72
C ASP H 64 -34.95 35.30 1.04
N SER H 65 -35.26 36.50 1.54
CA SER H 65 -34.85 37.72 0.86
C SER H 65 -33.35 37.94 0.87
N VAL H 66 -32.61 37.25 1.73
CA VAL H 66 -31.16 37.42 1.84
C VAL H 66 -30.40 36.15 1.51
N LYS H 67 -31.07 35.02 1.38
CA LYS H 67 -30.37 33.77 1.10
C LYS H 67 -29.55 33.89 -0.17
N GLY H 68 -28.29 33.44 -0.12
CA GLY H 68 -27.38 33.56 -1.22
C GLY H 68 -26.52 34.80 -1.21
N ARG H 69 -27.01 35.88 -0.61
CA ARG H 69 -26.26 37.11 -0.47
C ARG H 69 -25.60 37.25 0.90
N PHE H 70 -26.26 36.78 1.96
CA PHE H 70 -25.73 36.88 3.30
C PHE H 70 -25.19 35.52 3.75
N THR H 71 -24.18 35.55 4.62
CA THR H 71 -23.62 34.33 5.19
C THR H 71 -23.39 34.56 6.68
N ILE H 72 -24.03 33.73 7.51
CA ILE H 72 -23.83 33.79 8.95
C ILE H 72 -22.76 32.78 9.33
N SER H 73 -21.92 33.14 10.31
CA SER H 73 -20.88 32.25 10.78
C SER H 73 -20.60 32.55 12.24
N ARG H 74 -19.76 31.72 12.86
CA ARG H 74 -19.44 31.93 14.27
C ARG H 74 -18.05 31.40 14.56
N ASP H 75 -17.45 31.96 15.61
CA ASP H 75 -16.16 31.52 16.14
C ASP H 75 -16.42 31.15 17.59
N ASN H 76 -16.34 29.84 17.89
CA ASN H 76 -16.67 29.32 19.20
C ASN H 76 -15.51 29.43 20.19
N VAL H 77 -14.35 29.86 19.73
CA VAL H 77 -13.26 30.21 20.65
C VAL H 77 -13.32 31.68 21.02
N LYS H 78 -13.39 32.56 20.01
CA LYS H 78 -13.59 33.99 20.28
C LYS H 78 -15.00 34.30 20.78
N ASN H 79 -15.93 33.36 20.66
CA ASN H 79 -17.31 33.57 21.06
C ASN H 79 -17.93 34.76 20.34
N THR H 80 -17.85 34.71 19.01
CA THR H 80 -18.31 35.81 18.18
C THR H 80 -19.20 35.29 17.05
N VAL H 81 -20.18 36.10 16.68
CA VAL H 81 -21.05 35.81 15.54
C VAL H 81 -20.71 36.78 14.42
N TYR H 82 -20.86 36.32 13.17
CA TYR H 82 -20.56 37.15 12.01
C TYR H 82 -21.68 37.06 10.98
N LEU H 83 -21.92 38.18 10.29
CA LEU H 83 -22.85 38.23 9.16
C LEU H 83 -22.16 38.95 8.01
N GLN H 84 -21.65 38.18 7.04
CA GLN H 84 -21.11 38.75 5.81
C GLN H 84 -22.28 39.09 4.89
N MET H 85 -22.34 40.33 4.44
CA MET H 85 -23.45 40.83 3.63
C MET H 85 -22.88 41.26 2.29
N ASN H 86 -23.23 40.55 1.22
CA ASN H 86 -22.79 40.87 -0.12
C ASN H 86 -23.97 41.30 -0.98
N SER H 87 -23.65 41.96 -2.09
CA SER H 87 -24.67 42.43 -3.03
C SER H 87 -25.78 43.17 -2.30
N LEU H 88 -25.37 44.08 -1.41
CA LEU H 88 -26.34 44.79 -0.59
C LEU H 88 -27.33 45.55 -1.46
N LYS H 89 -28.59 45.55 -1.02
CA LYS H 89 -29.67 46.26 -1.70
C LYS H 89 -30.22 47.33 -0.77
N PRO H 90 -30.81 48.40 -1.31
CA PRO H 90 -31.39 49.43 -0.44
C PRO H 90 -32.38 48.88 0.57
N GLU H 91 -33.17 47.87 0.19
CA GLU H 91 -34.15 47.29 1.09
C GLU H 91 -33.52 46.47 2.22
N ASP H 92 -32.20 46.28 2.20
CA ASP H 92 -31.50 45.72 3.35
C ASP H 92 -31.26 46.76 4.45
N THR H 93 -31.56 48.04 4.17
CA THR H 93 -31.38 49.10 5.16
C THR H 93 -32.22 48.83 6.40
N ALA H 94 -31.58 48.84 7.57
CA ALA H 94 -32.27 48.53 8.83
C ALA H 94 -31.23 48.53 9.94
N VAL H 95 -31.71 48.40 11.18
CA VAL H 95 -30.85 48.14 12.33
C VAL H 95 -30.76 46.64 12.53
N TYR H 96 -29.55 46.10 12.49
CA TYR H 96 -29.30 44.67 12.62
C TYR H 96 -28.83 44.37 14.04
N SER H 97 -29.50 43.41 14.68
CA SER H 97 -29.16 43.04 16.05
C SER H 97 -28.93 41.54 16.12
N CYS H 98 -28.01 41.15 17.01
CA CYS H 98 -27.68 39.76 17.25
C CYS H 98 -28.29 39.32 18.57
N ALA H 99 -28.66 38.05 18.64
CA ALA H 99 -29.31 37.54 19.83
C ALA H 99 -28.96 36.08 20.05
N ALA H 100 -28.98 35.69 21.31
CA ALA H 100 -28.77 34.31 21.73
C ALA H 100 -30.12 33.65 22.00
N ALA H 101 -30.24 32.39 21.61
CA ALA H 101 -31.46 31.64 21.85
C ALA H 101 -31.72 31.49 23.35
N LYS H 102 -32.99 31.58 23.73
CA LYS H 102 -33.42 31.27 25.09
C LYS H 102 -33.03 29.83 25.40
N SER H 103 -33.69 28.90 24.72
CA SER H 103 -33.42 27.48 24.83
C SER H 103 -32.08 27.11 24.22
N GLY H 104 -31.45 26.09 24.78
CA GLY H 104 -30.22 25.61 24.20
C GLY H 104 -30.43 24.33 23.40
N THR H 105 -31.58 24.25 22.72
CA THR H 105 -31.90 23.13 21.83
C THR H 105 -32.57 23.65 20.56
N TRP H 106 -31.89 24.55 19.87
CA TRP H 106 -32.39 25.12 18.63
C TRP H 106 -32.55 24.10 17.50
N TRP H 107 -33.58 24.31 16.68
CA TRP H 107 -33.73 23.58 15.42
C TRP H 107 -34.64 24.40 14.50
N TYR H 108 -34.02 25.27 13.69
CA TYR H 108 -34.72 26.07 12.68
C TYR H 108 -35.82 26.95 13.28
N GLN H 109 -35.62 27.44 14.49
CA GLN H 109 -36.56 28.35 15.12
C GLN H 109 -36.20 29.78 14.74
N ARG H 110 -37.13 30.47 14.07
CA ARG H 110 -36.88 31.80 13.56
C ARG H 110 -37.58 32.91 14.36
N SER H 111 -38.44 32.58 15.31
CA SER H 111 -39.26 33.61 15.94
C SER H 111 -38.47 34.46 16.91
N GLU H 112 -38.80 35.75 16.95
CA GLU H 112 -38.15 36.66 17.89
C GLU H 112 -38.29 36.16 19.33
N ASN H 113 -39.40 35.50 19.65
CA ASN H 113 -39.65 35.00 21.00
C ASN H 113 -38.77 33.81 21.37
N ASP H 114 -38.09 33.20 20.40
CA ASP H 114 -37.16 32.11 20.66
C ASP H 114 -35.77 32.57 21.09
N PHE H 115 -35.52 33.88 21.13
CA PHE H 115 -34.23 34.44 21.52
C PHE H 115 -34.49 35.43 22.65
N GLY H 116 -33.56 35.47 23.61
CA GLY H 116 -33.78 36.33 24.77
C GLY H 116 -32.60 37.12 25.29
N SER H 117 -31.55 37.25 24.50
CA SER H 117 -30.33 37.97 24.91
C SER H 117 -29.90 38.77 23.67
N TRP H 118 -30.45 39.97 23.54
CA TRP H 118 -30.25 40.84 22.39
C TRP H 118 -29.15 41.88 22.63
N GLY H 119 -28.40 42.18 21.57
CA GLY H 119 -27.49 43.30 21.58
C GLY H 119 -28.20 44.62 21.33
N GLN H 120 -27.43 45.70 21.34
CA GLN H 120 -28.00 47.01 21.08
C GLN H 120 -28.24 47.27 19.61
N GLY H 121 -27.58 46.53 18.72
CA GLY H 121 -27.79 46.66 17.29
C GLY H 121 -26.76 47.58 16.64
N THR H 122 -26.68 47.48 15.31
CA THR H 122 -25.81 48.30 14.48
C THR H 122 -26.56 48.67 13.22
N GLN H 123 -26.38 49.91 12.78
CA GLN H 123 -27.14 50.46 11.67
C GLN H 123 -26.49 50.09 10.34
N VAL H 124 -27.29 49.60 9.40
CA VAL H 124 -26.84 49.29 8.05
C VAL H 124 -27.70 50.07 7.07
N THR H 125 -27.06 50.91 6.27
CA THR H 125 -27.76 51.71 5.27
C THR H 125 -27.13 51.51 3.91
N VAL H 126 -27.97 51.26 2.91
CA VAL H 126 -27.53 50.96 1.55
C VAL H 126 -28.17 51.97 0.62
N SER H 127 -27.34 52.64 -0.17
CA SER H 127 -27.83 53.61 -1.15
C SER H 127 -27.65 53.11 -2.57
N MET I 13 22.59 17.39 35.97
CA MET I 13 24.03 17.08 35.93
C MET I 13 24.42 16.93 34.45
N ALA I 14 24.29 18.03 33.70
CA ALA I 14 24.60 18.13 32.28
C ALA I 14 23.55 17.48 31.40
N ILE I 15 23.42 16.15 31.46
CA ILE I 15 22.46 15.47 30.59
C ILE I 15 21.56 14.48 31.31
N ILE I 16 22.04 13.90 32.40
CA ILE I 16 21.23 13.03 33.24
C ILE I 16 20.78 13.83 34.45
N LYS I 17 19.49 14.19 34.49
CA LYS I 17 18.99 14.92 35.64
C LYS I 17 18.96 14.03 36.87
N GLU I 18 18.92 14.67 38.04
CA GLU I 18 18.90 13.93 39.30
C GLU I 18 17.60 13.17 39.49
N PHE I 19 16.54 13.58 38.81
CA PHE I 19 15.25 12.90 38.79
C PHE I 19 14.85 12.71 37.34
N MET I 20 14.60 11.48 36.92
CA MET I 20 14.26 11.16 35.55
C MET I 20 13.03 10.26 35.53
N ARG I 21 12.15 10.50 34.57
CA ARG I 21 11.01 9.65 34.29
C ARG I 21 11.27 8.85 33.02
N PHE I 22 10.48 7.79 32.84
CA PHE I 22 10.62 6.93 31.68
C PHE I 22 9.28 6.31 31.35
N LYS I 23 9.14 5.91 30.08
CA LYS I 23 7.98 5.18 29.59
C LYS I 23 8.47 3.90 28.93
N VAL I 24 7.67 2.84 29.06
CA VAL I 24 8.10 1.51 28.67
C VAL I 24 6.96 0.73 28.01
N HIS I 25 7.30 0.00 26.95
CA HIS I 25 6.41 -0.90 26.24
C HIS I 25 7.05 -2.27 26.18
N MET I 26 6.28 -3.30 26.54
CA MET I 26 6.75 -4.68 26.50
C MET I 26 5.74 -5.56 25.76
N GLU I 27 6.25 -6.37 24.84
CA GLU I 27 5.50 -7.43 24.19
C GLU I 27 6.07 -8.76 24.62
N GLY I 28 5.22 -9.72 24.98
CA GLY I 28 5.72 -10.98 25.47
C GLY I 28 4.79 -12.14 25.25
N SER I 29 5.31 -13.33 25.52
CA SER I 29 4.56 -14.57 25.41
C SER I 29 5.13 -15.56 26.41
N VAL I 30 4.26 -16.18 27.20
CA VAL I 30 4.67 -17.18 28.19
C VAL I 30 3.83 -18.45 27.97
N ASN I 31 4.50 -19.56 27.66
CA ASN I 31 3.83 -20.83 27.38
C ASN I 31 2.67 -20.66 26.40
N GLY I 32 2.85 -19.74 25.45
CA GLY I 32 1.89 -19.51 24.40
C GLY I 32 0.93 -18.36 24.64
N HIS I 33 0.80 -17.93 25.90
CA HIS I 33 -0.09 -16.82 26.22
C HIS I 33 0.62 -15.51 25.92
N GLU I 34 0.09 -14.76 24.94
CA GLU I 34 0.70 -13.52 24.52
C GLU I 34 0.07 -12.34 25.24
N PHE I 35 0.86 -11.28 25.41
CA PHE I 35 0.39 -10.12 26.16
C PHE I 35 1.25 -8.92 25.83
N GLU I 36 0.70 -7.75 26.14
CA GLU I 36 1.43 -6.48 26.05
C GLU I 36 1.23 -5.71 27.34
N ILE I 37 2.27 -4.99 27.75
CA ILE I 37 2.25 -4.19 28.97
C ILE I 37 2.80 -2.81 28.65
N GLU I 38 2.12 -1.79 29.16
CA GLU I 38 2.56 -0.40 29.03
C GLU I 38 2.75 0.19 30.42
N GLY I 39 3.81 0.98 30.59
CA GLY I 39 4.12 1.51 31.91
C GLY I 39 4.81 2.85 31.86
N GLU I 40 4.69 3.56 32.98
CA GLU I 40 5.40 4.79 33.25
C GLU I 40 6.26 4.57 34.49
N GLY I 41 7.24 5.43 34.69
CA GLY I 41 8.09 5.26 35.86
C GLY I 41 8.89 6.50 36.14
N GLU I 42 9.48 6.52 37.33
CA GLU I 42 10.30 7.63 37.76
C GLU I 42 11.42 7.10 38.64
N GLY I 43 12.40 7.93 38.84
CA GLY I 43 13.49 7.58 39.72
C GLY I 43 14.56 8.62 39.68
N ARG I 44 15.56 8.39 40.51
CA ARG I 44 16.68 9.28 40.59
C ARG I 44 17.88 8.48 40.23
N PRO I 45 18.45 8.73 39.05
CA PRO I 45 19.58 8.01 38.54
C PRO I 45 20.67 7.77 39.49
N TYR I 46 21.21 8.86 39.98
CA TYR I 46 22.41 8.85 40.81
C TYR I 46 22.20 8.29 42.21
N GLU I 47 20.96 8.12 42.54
CA GLU I 47 20.64 7.61 43.82
C GLU I 47 20.33 6.14 43.75
N GLY I 48 20.06 5.63 42.56
CA GLY I 48 19.80 4.21 42.36
C GLY I 48 18.46 3.74 42.86
N THR I 49 17.08 4.36 42.53
CA THR I 49 15.74 4.28 43.10
C THR I 49 14.75 4.67 42.03
N GLN I 50 13.84 3.71 42.06
CA GLN I 50 13.08 4.08 41.15
C GLN I 50 11.81 3.32 41.47
N THR I 51 10.71 3.83 40.91
CA THR I 51 9.40 3.22 41.00
C THR I 51 8.77 3.20 39.61
N ALA I 52 7.81 2.30 39.44
CA ALA I 52 7.15 2.16 38.15
C ALA I 52 5.69 1.76 38.33
N LYS I 53 4.89 2.18 37.37
CA LYS I 53 3.46 1.88 37.23
C LYS I 53 3.26 1.13 35.93
N LEU I 54 2.68 -0.07 36.01
CA LEU I 54 2.56 -0.93 34.86
C LEU I 54 1.12 -1.43 34.73
N LYS I 55 0.65 -1.50 33.49
CA LYS I 55 -0.71 -1.92 33.17
C LYS I 55 -0.64 -2.96 32.06
N VAL I 56 -1.31 -4.07 32.25
CA VAL I 56 -1.43 -5.12 31.28
C VAL I 56 -2.46 -4.68 30.28
N THR I 57 -2.09 -4.26 29.09
CA THR I 57 -3.04 -3.75 28.13
C THR I 57 -3.63 -4.84 27.24
N LYS I 58 -2.99 -6.00 27.21
CA LYS I 58 -3.47 -7.13 26.47
C LYS I 58 -3.13 -8.38 27.18
N GLY I 59 -3.96 -9.37 27.05
CA GLY I 59 -3.71 -10.69 27.60
C GLY I 59 -3.94 -10.87 29.09
N GLY I 60 -4.48 -9.87 29.77
CA GLY I 60 -4.75 -9.99 31.18
C GLY I 60 -6.10 -10.64 31.45
N PRO I 61 -6.23 -11.36 32.57
CA PRO I 61 -5.17 -11.63 33.55
C PRO I 61 -4.20 -12.71 33.08
N LEU I 62 -2.94 -12.58 33.46
CA LEU I 62 -1.90 -13.53 33.07
C LEU I 62 -2.03 -14.82 33.86
N PRO I 63 -1.90 -15.99 33.22
CA PRO I 63 -2.05 -17.25 33.96
C PRO I 63 -0.75 -17.75 34.59
N PHE I 64 0.21 -16.85 34.79
CA PHE I 64 1.51 -17.20 35.34
C PHE I 64 1.93 -16.16 36.35
N ALA I 65 2.97 -16.48 37.11
CA ALA I 65 3.42 -15.60 38.18
C ALA I 65 3.99 -14.30 37.61
N TRP I 66 3.50 -13.17 38.12
CA TRP I 66 4.01 -11.87 37.67
C TRP I 66 5.48 -11.68 37.98
N ASP I 67 6.03 -12.42 38.93
CA ASP I 67 7.40 -12.15 39.38
C ASP I 67 8.39 -12.27 38.24
N ILE I 68 8.24 -13.28 37.38
CA ILE I 68 9.20 -13.47 36.30
C ILE I 68 9.24 -12.27 35.35
N LEU I 69 8.19 -11.45 35.35
CA LEU I 69 8.18 -10.26 34.51
C LEU I 69 8.77 -9.05 35.21
N SER I 70 8.73 -9.00 36.53
CA SER I 70 9.08 -7.77 37.23
C SER I 70 10.51 -7.32 37.00
N PRO I 71 11.51 -8.19 36.89
CA PRO I 71 12.88 -7.70 36.66
C PRO I 71 13.12 -7.10 35.28
N GLN I 72 12.12 -7.07 34.40
CA GLN I 72 12.32 -6.50 33.07
C GLN I 72 11.80 -5.08 32.97
N PHE I 73 10.98 -4.63 33.93
CA PHE I 73 10.57 -3.24 34.05
C PHE I 73 11.31 -2.69 35.27
N1 NRQ I 74 12.65 -2.64 35.20
CE NRQ I 74 10.89 0.36 37.98
SD NRQ I 74 12.02 -0.58 39.05
CG1 NRQ I 74 13.36 -1.23 38.01
CB1 NRQ I 74 12.99 -2.67 37.64
CA1 NRQ I 74 13.37 -2.95 36.20
C1 NRQ I 74 14.69 -3.69 35.97
N2 NRQ I 74 15.42 -4.27 37.03
OH NRQ I 74 16.01 -9.16 41.43
CD2 NRQ I 74 17.89 -7.70 38.62
CE2 NRQ I 74 17.52 -8.57 39.64
CZ NRQ I 74 16.39 -8.28 40.40
CE1 NRQ I 74 15.65 -7.14 40.14
CD1 NRQ I 74 16.03 -6.28 39.12
CG2 NRQ I 74 17.15 -6.56 38.36
CB2 NRQ I 74 17.51 -5.55 37.25
CA2 NRQ I 74 16.59 -4.91 36.54
C2 NRQ I 74 16.58 -4.68 35.02
O2 NRQ I 74 17.40 -5.07 34.25
N3 NRQ I 74 15.35 -3.91 34.68
CA3 NRQ I 74 14.93 -3.48 33.36
C3 NRQ I 74 15.47 -2.08 33.02
O3 NRQ I 74 15.35 -1.68 31.84
HE1A NRQ I 74 10.08 0.77 38.59
HE2A NRQ I 74 10.47 -0.29 37.22
HE3 NRQ I 74 11.43 1.18 37.51
HG11 NRQ I 74 13.46 -0.63 37.11
HG12 NRQ I 74 14.29 -1.20 38.56
HB11 NRQ I 74 13.53 -3.35 38.30
HB12 NRQ I 74 11.92 -2.81 37.77
HOH NRQ I 74 15.10 -9.40 41.32
HD2 NRQ I 74 18.76 -7.93 38.02
HE2 NRQ I 74 18.09 -9.46 39.84
HE1 NRQ I 74 14.78 -6.92 40.73
HD1 NRQ I 74 15.46 -5.38 38.92
HB2 NRQ I 74 18.55 -5.35 37.05
HA31 NRQ I 74 13.85 -3.45 33.32
HA32 NRQ I 74 15.31 -4.19 32.62
N SER I 75 16.04 -1.31 33.93
CA SER I 75 16.05 0.16 33.98
C SER I 75 17.33 0.59 34.71
N LYS I 76 18.47 0.27 34.12
CA LYS I 76 19.76 0.38 34.78
C LYS I 76 20.38 1.76 34.69
N ALA I 77 19.69 2.74 34.14
CA ALA I 77 20.12 4.12 34.32
C ALA I 77 19.97 4.54 35.78
N TYR I 78 19.19 3.78 36.56
CA TYR I 78 18.91 4.09 37.96
C TYR I 78 19.72 3.17 38.87
N VAL I 79 21.03 3.26 38.74
CA VAL I 79 21.97 2.50 39.56
C VAL I 79 22.94 3.47 40.20
N LYS I 80 23.02 3.44 41.53
CA LYS I 80 24.00 4.25 42.26
C LYS I 80 25.40 3.69 42.00
N HIS I 81 26.28 4.53 41.47
CA HIS I 81 27.65 4.11 41.15
C HIS I 81 28.67 4.96 41.90
N PRO I 82 29.73 4.34 42.44
CA PRO I 82 30.85 5.13 42.95
C PRO I 82 31.46 5.98 41.84
N ALA I 83 32.14 7.05 42.25
CA ALA I 83 32.73 7.97 41.28
C ALA I 83 33.87 7.36 40.49
N ASP I 84 34.53 6.32 41.02
CA ASP I 84 35.67 5.71 40.34
C ASP I 84 35.29 4.54 39.45
N ILE I 85 34.01 4.18 39.38
CA ILE I 85 33.55 3.12 38.50
C ILE I 85 32.80 3.78 37.35
N PRO I 86 33.30 3.71 36.12
CA PRO I 86 32.59 4.34 35.00
C PRO I 86 31.16 3.80 34.91
N ASP I 87 30.20 4.74 34.88
CA ASP I 87 28.78 4.40 34.73
C ASP I 87 28.54 4.19 33.23
N TYR I 88 28.98 3.03 32.74
CA TYR I 88 28.96 2.71 31.33
C TYR I 88 27.59 2.99 30.72
N LEU I 89 26.52 2.62 31.41
CA LEU I 89 25.20 2.74 30.81
C LEU I 89 24.70 4.17 30.82
N LYS I 90 25.10 4.98 31.81
CA LYS I 90 24.77 6.40 31.77
C LYS I 90 25.52 7.11 30.64
N LEU I 91 26.79 6.75 30.43
CA LEU I 91 27.58 7.39 29.40
C LEU I 91 27.07 7.06 28.00
N SER I 92 26.37 5.94 27.83
CA SER I 92 25.90 5.52 26.51
C SER I 92 24.87 6.49 25.92
N PHE I 93 24.31 7.37 26.73
CA PHE I 93 23.27 8.30 26.31
C PHE I 93 23.88 9.56 25.72
N PRO I 94 23.12 10.33 24.92
CA PRO I 94 21.68 10.19 24.62
C PRO I 94 21.30 9.07 23.65
N GLU I 95 22.29 8.47 22.98
CA GLU I 95 21.99 7.39 22.05
C GLU I 95 21.28 6.24 22.77
N GLY I 96 21.77 5.87 23.93
CA GLY I 96 21.21 4.78 24.71
C GLY I 96 22.01 3.51 24.55
N PHE I 97 21.39 2.40 24.93
CA PHE I 97 22.09 1.11 24.90
C PHE I 97 21.09 -0.01 24.65
N LYS I 98 21.63 -1.23 24.65
CA LYS I 98 20.84 -2.44 24.45
C LYS I 98 21.18 -3.48 25.50
N TRP I 99 20.22 -4.35 25.81
CA TRP I 99 20.57 -5.48 26.65
C TRP I 99 19.74 -6.70 26.27
N GLU I 100 20.33 -7.87 26.51
CA GLU I 100 19.66 -9.14 26.25
C GLU I 100 19.94 -10.07 27.42
N ARG I 101 18.95 -10.89 27.77
CA ARG I 101 18.99 -11.64 29.01
C ARG I 101 18.38 -13.02 28.80
N VAL I 102 18.93 -13.99 29.53
CA VAL I 102 18.37 -15.33 29.62
C VAL I 102 18.33 -15.73 31.08
N MET I 103 17.15 -16.16 31.54
CA MET I 103 16.95 -16.70 32.88
C MET I 103 16.58 -18.17 32.73
N ASN I 104 17.42 -19.04 33.29
CA ASN I 104 17.18 -20.48 33.28
C ASN I 104 16.76 -20.90 34.68
N PHE I 105 15.49 -21.28 34.83
CA PHE I 105 14.96 -21.72 36.12
C PHE I 105 15.21 -23.21 36.32
N GLU I 106 15.17 -23.62 37.59
CA GLU I 106 15.57 -24.98 37.93
C GLU I 106 14.58 -26.02 37.42
N ASP I 107 13.31 -25.65 37.24
CA ASP I 107 12.30 -26.59 36.78
C ASP I 107 12.17 -26.62 35.26
N GLY I 108 13.19 -26.19 34.53
CA GLY I 108 13.21 -26.24 33.10
C GLY I 108 12.71 -24.99 32.41
N GLY I 109 12.00 -24.12 33.13
CA GLY I 109 11.54 -22.89 32.51
C GLY I 109 12.68 -22.01 32.06
N VAL I 110 12.45 -21.32 30.95
CA VAL I 110 13.45 -20.43 30.37
C VAL I 110 12.76 -19.15 29.94
N VAL I 111 13.35 -18.00 30.30
CA VAL I 111 12.86 -16.70 29.87
C VAL I 111 13.97 -16.02 29.10
N THR I 112 13.65 -15.50 27.92
CA THR I 112 14.59 -14.74 27.11
C THR I 112 14.01 -13.35 26.89
N VAL I 113 14.89 -12.34 26.92
CA VAL I 113 14.47 -10.95 26.86
C VAL I 113 15.46 -10.19 25.99
N THR I 114 14.94 -9.28 25.16
CA THR I 114 15.76 -8.32 24.44
C THR I 114 15.16 -6.95 24.68
N GLN I 115 16.01 -5.93 24.84
CA GLN I 115 15.54 -4.63 25.26
C GLN I 115 16.42 -3.55 24.64
N ASP I 116 15.78 -2.43 24.29
CA ASP I 116 16.44 -1.24 23.81
C ASP I 116 16.08 -0.08 24.71
N SER I 117 17.08 0.71 25.10
CA SER I 117 16.87 1.88 25.96
C SER I 117 17.39 3.10 25.22
N SER I 118 16.53 4.10 25.02
CA SER I 118 16.91 5.32 24.36
C SER I 118 16.44 6.52 25.18
N LEU I 119 16.83 7.72 24.73
CA LEU I 119 16.47 8.96 25.39
C LEU I 119 15.96 9.93 24.34
N GLN I 120 14.72 10.42 24.51
CA GLN I 120 14.17 11.37 23.55
C GLN I 120 13.19 12.31 24.24
N ASP I 121 13.31 13.61 23.92
CA ASP I 121 12.53 14.66 24.56
C ASP I 121 12.72 14.59 26.08
N GLY I 122 13.94 14.27 26.48
CA GLY I 122 14.41 14.29 27.85
C GLY I 122 14.11 13.08 28.70
N GLU I 123 13.29 12.14 28.24
CA GLU I 123 12.93 10.98 29.04
C GLU I 123 13.33 9.68 28.35
N PHE I 124 13.52 8.65 29.18
CA PHE I 124 13.92 7.33 28.71
C PHE I 124 12.74 6.59 28.09
N ILE I 125 13.04 5.91 26.97
CA ILE I 125 12.09 5.06 26.26
C ILE I 125 12.64 3.64 26.28
N TYR I 126 11.87 2.71 26.82
CA TYR I 126 12.26 1.31 26.93
C TYR I 126 11.38 0.47 26.02
N LYS I 127 12.03 -0.34 25.17
CA LYS I 127 11.33 -1.31 24.31
C LYS I 127 11.78 -2.70 24.72
N VAL I 128 10.82 -3.54 25.13
CA VAL I 128 11.12 -4.86 25.68
C VAL I 128 10.38 -5.91 24.88
N LYS I 129 11.06 -7.01 24.58
CA LYS I 129 10.44 -8.21 24.03
C LYS I 129 10.85 -9.37 24.91
N LEU I 130 9.90 -10.25 25.23
CA LEU I 130 10.14 -11.33 26.18
C LEU I 130 9.43 -12.60 25.72
N ARG I 131 10.05 -13.73 26.02
CA ARG I 131 9.45 -15.04 25.75
C ARG I 131 9.75 -15.96 26.92
N GLY I 132 8.71 -16.59 27.45
CA GLY I 132 8.85 -17.62 28.48
C GLY I 132 8.41 -18.97 27.93
N THR I 133 9.12 -20.03 28.32
CA THR I 133 8.83 -21.34 27.76
C THR I 133 9.18 -22.45 28.74
N ASN I 134 8.55 -23.60 28.50
CA ASN I 134 8.80 -24.83 29.25
C ASN I 134 8.59 -24.62 30.76
N PHE I 135 7.66 -23.76 31.13
CA PHE I 135 7.28 -23.64 32.53
C PHE I 135 6.26 -24.74 32.84
N PRO I 136 6.55 -25.65 33.78
CA PRO I 136 5.57 -26.71 34.08
C PRO I 136 4.20 -26.13 34.40
N SER I 137 3.16 -26.80 33.90
CA SER I 137 1.80 -26.34 34.15
C SER I 137 1.50 -26.31 35.64
N ASP I 138 1.99 -27.30 36.38
CA ASP I 138 1.80 -27.37 37.82
C ASP I 138 2.97 -26.75 38.58
N GLY I 139 3.91 -26.12 37.87
CA GLY I 139 5.05 -25.50 38.48
C GLY I 139 4.68 -24.22 39.21
N PRO I 140 5.62 -23.66 39.96
CA PRO I 140 5.32 -22.43 40.71
C PRO I 140 5.07 -21.22 39.83
N VAL I 141 5.59 -21.21 38.60
CA VAL I 141 5.40 -20.06 37.73
C VAL I 141 3.96 -20.02 37.20
N MET I 142 3.51 -21.12 36.58
CA MET I 142 2.17 -21.15 36.02
C MET I 142 1.09 -21.25 37.09
N GLN I 143 1.46 -21.59 38.33
CA GLN I 143 0.51 -21.66 39.44
C GLN I 143 0.59 -20.47 40.37
N LYS I 144 1.46 -19.51 40.11
CA LYS I 144 1.59 -18.30 40.93
C LYS I 144 1.87 -18.66 42.40
N LYS I 145 2.99 -19.34 42.60
CA LYS I 145 3.43 -19.77 43.92
C LYS I 145 4.63 -18.96 44.42
N THR I 146 4.82 -17.76 43.89
CA THR I 146 5.98 -16.93 44.19
C THR I 146 5.57 -15.74 45.06
N MET I 147 6.53 -15.29 45.88
CA MET I 147 6.30 -14.20 46.82
C MET I 147 7.29 -13.06 46.61
N GLY I 148 7.76 -12.89 45.38
CA GLY I 148 8.71 -11.85 45.06
C GLY I 148 10.15 -12.31 45.17
N TRP I 149 11.05 -11.45 44.73
CA TRP I 149 12.46 -11.79 44.64
C TRP I 149 13.18 -11.43 45.93
N GLU I 150 14.17 -12.25 46.30
CA GLU I 150 15.10 -11.88 47.35
C GLU I 150 16.12 -10.89 46.80
N ALA I 151 16.69 -10.09 47.70
CA ALA I 151 17.77 -9.20 47.30
C ALA I 151 18.83 -9.99 46.56
N SER I 152 19.37 -9.41 45.48
CA SER I 152 20.30 -10.10 44.61
C SER I 152 21.56 -9.27 44.43
N SER I 153 22.62 -9.94 43.99
CA SER I 153 23.89 -9.29 43.68
C SER I 153 24.31 -9.70 42.28
N GLU I 154 24.28 -8.75 41.35
CA GLU I 154 24.68 -8.98 39.97
C GLU I 154 26.16 -8.70 39.81
N ARG I 155 26.93 -9.71 39.41
CA ARG I 155 28.35 -9.53 39.15
C ARG I 155 28.51 -9.00 37.73
N MET I 156 29.00 -7.77 37.61
CA MET I 156 29.23 -7.10 36.34
C MET I 156 30.71 -7.21 35.98
N TYR I 157 30.99 -7.43 34.70
CA TYR I 157 32.36 -7.54 34.23
C TYR I 157 32.42 -7.26 32.73
N PRO I 158 33.51 -6.69 32.24
CA PRO I 158 33.60 -6.44 30.78
C PRO I 158 33.98 -7.69 30.02
N GLU I 159 33.42 -7.83 28.82
CA GLU I 159 33.69 -8.98 27.97
C GLU I 159 33.05 -8.76 26.61
N ASP I 160 33.75 -9.18 25.56
CA ASP I 160 33.27 -9.06 24.17
C ASP I 160 32.98 -7.62 23.78
N GLY I 161 33.62 -6.65 24.44
CA GLY I 161 33.35 -5.26 24.19
C GLY I 161 32.10 -4.73 24.82
N ALA I 162 31.46 -5.51 25.69
CA ALA I 162 30.22 -5.11 26.36
C ALA I 162 30.39 -5.33 27.86
N LEU I 163 29.35 -5.00 28.63
CA LEU I 163 29.32 -5.20 30.06
C LEU I 163 28.35 -6.35 30.32
N LYS I 164 28.86 -7.47 30.81
CA LYS I 164 28.05 -8.63 31.10
C LYS I 164 27.73 -8.69 32.59
N GLY I 165 26.61 -9.31 32.92
CA GLY I 165 26.20 -9.48 34.30
C GLY I 165 25.67 -10.86 34.56
N GLU I 166 26.07 -11.45 35.69
CA GLU I 166 25.60 -12.76 36.10
C GLU I 166 24.94 -12.66 37.47
N ILE I 167 23.84 -13.41 37.64
CA ILE I 167 23.09 -13.41 38.89
C ILE I 167 22.64 -14.84 39.17
N LYS I 168 22.65 -15.21 40.45
CA LYS I 168 22.00 -16.43 40.93
C LYS I 168 20.78 -15.97 41.74
N GLN I 169 19.60 -16.01 41.10
CA GLN I 169 18.38 -15.50 41.69
C GLN I 169 17.63 -16.60 42.45
N ARG I 170 16.97 -16.20 43.53
CA ARG I 170 16.23 -17.12 44.39
C ARG I 170 14.88 -16.49 44.70
N LEU I 171 13.81 -17.20 44.36
CA LEU I 171 12.44 -16.78 44.63
C LEU I 171 11.91 -17.51 45.87
N LYS I 172 11.26 -16.78 46.76
CA LYS I 172 10.58 -17.42 47.88
C LYS I 172 9.25 -18.00 47.41
N LEU I 173 8.97 -19.24 47.82
CA LEU I 173 7.71 -19.91 47.47
C LEU I 173 6.75 -19.86 48.65
N LYS I 174 5.46 -19.72 48.35
CA LYS I 174 4.45 -19.59 49.39
C LYS I 174 4.40 -20.82 50.28
N ASP I 175 4.85 -21.98 49.80
CA ASP I 175 4.90 -23.19 50.60
C ASP I 175 6.14 -23.28 51.48
N GLY I 176 6.95 -22.23 51.56
CA GLY I 176 8.13 -22.22 52.38
C GLY I 176 9.42 -22.63 51.71
N GLY I 177 9.38 -23.02 50.44
CA GLY I 177 10.56 -23.41 49.70
C GLY I 177 11.14 -22.26 48.90
N HIS I 178 11.95 -22.63 47.89
CA HIS I 178 12.62 -21.65 47.06
C HIS I 178 12.69 -22.16 45.63
N TYR I 179 12.73 -21.21 44.70
CA TYR I 179 12.68 -21.46 43.26
C TYR I 179 13.84 -20.72 42.63
N ASP I 180 14.83 -21.45 42.14
CA ASP I 180 16.10 -20.89 41.73
C ASP I 180 16.12 -20.56 40.24
N ALA I 181 16.97 -19.60 39.89
CA ALA I 181 17.17 -19.20 38.50
C ALA I 181 18.60 -18.71 38.33
N GLU I 182 19.18 -19.01 37.18
CA GLU I 182 20.46 -18.45 36.77
C GLU I 182 20.18 -17.40 35.69
N VAL I 183 20.60 -16.17 35.94
CA VAL I 183 20.31 -15.04 35.06
C VAL I 183 21.62 -14.57 34.45
N LYS I 184 21.66 -14.46 33.13
CA LYS I 184 22.80 -13.91 32.41
C LYS I 184 22.32 -12.78 31.53
N THR I 185 22.99 -11.63 31.59
CA THR I 185 22.59 -10.47 30.83
C THR I 185 23.83 -9.86 30.17
N THR I 186 23.61 -9.26 29.01
CA THR I 186 24.66 -8.53 28.29
C THR I 186 24.11 -7.14 27.97
N TYR I 187 24.82 -6.10 28.45
CA TYR I 187 24.50 -4.70 28.20
C TYR I 187 25.60 -4.08 27.35
N LYS I 188 24.77 -3.53 26.52
CA LYS I 188 25.81 -2.91 25.72
C LYS I 188 25.41 -1.51 25.32
N ALA I 189 26.46 -0.38 25.01
CA ALA I 189 26.09 0.95 24.56
C ALA I 189 26.01 1.00 23.03
N LYS I 190 25.11 1.86 22.53
CA LYS I 190 24.97 2.08 21.09
C LYS I 190 26.10 2.91 20.51
N LYS I 191 27.07 3.31 21.33
CA LYS I 191 28.24 4.05 20.91
C LYS I 191 29.43 3.60 21.76
N PRO I 192 30.65 3.86 21.31
CA PRO I 192 31.82 3.44 22.11
C PRO I 192 31.88 4.23 23.41
N VAL I 193 31.93 3.52 24.53
CA VAL I 193 31.94 4.12 25.85
C VAL I 193 32.95 3.37 26.71
N GLN I 194 33.48 4.08 27.71
CA GLN I 194 34.48 3.50 28.60
C GLN I 194 33.84 2.34 29.36
N LEU I 195 34.47 1.15 29.27
CA LEU I 195 33.93 0.06 30.07
C LEU I 195 34.55 0.05 31.45
N PRO I 196 33.78 -0.32 32.47
CA PRO I 196 34.33 -0.41 33.83
C PRO I 196 35.02 -1.75 34.04
N GLY I 197 35.76 -1.82 35.14
CA GLY I 197 36.23 -3.10 35.61
C GLY I 197 35.12 -3.83 36.33
N ALA I 198 35.36 -5.11 36.60
CA ALA I 198 34.37 -5.93 37.27
C ALA I 198 33.99 -5.32 38.62
N TYR I 199 32.69 -5.35 38.92
CA TYR I 199 32.16 -4.87 40.20
C TYR I 199 30.84 -5.57 40.46
N ASN I 200 30.10 -5.14 41.49
CA ASN I 200 28.83 -5.74 41.82
C ASN I 200 27.74 -4.68 41.88
N VAL I 201 26.51 -5.09 41.59
CA VAL I 201 25.34 -4.24 41.74
C VAL I 201 24.35 -4.99 42.63
N ASN I 202 24.10 -4.47 43.83
CA ASN I 202 23.12 -5.03 44.75
C ASN I 202 21.75 -4.46 44.42
N ILE I 203 20.76 -5.34 44.28
CA ILE I 203 19.44 -4.97 43.76
C ILE I 203 18.38 -5.52 44.70
N LYS I 204 17.43 -4.65 45.07
CA LYS I 204 16.23 -5.05 45.80
C LYS I 204 15.01 -4.57 45.04
N LEU I 205 14.09 -5.48 44.73
CA LEU I 205 12.89 -5.19 43.96
C LEU I 205 11.69 -5.66 44.77
N ASP I 206 10.68 -4.79 44.90
CA ASP I 206 9.51 -5.07 45.72
C ASP I 206 8.24 -4.64 45.00
N ILE I 207 7.18 -5.41 45.23
CA ILE I 207 5.84 -5.08 44.75
C ILE I 207 5.19 -4.12 45.73
N THR I 208 4.92 -2.89 45.28
CA THR I 208 4.35 -1.89 46.18
C THR I 208 2.82 -1.90 46.16
N SER I 209 2.21 -2.26 45.04
CA SER I 209 0.76 -2.39 44.94
C SER I 209 0.43 -3.29 43.76
N HIS I 210 -0.74 -3.91 43.83
CA HIS I 210 -1.20 -4.78 42.74
C HIS I 210 -2.67 -5.10 42.94
N ASN I 211 -3.39 -5.23 41.82
CA ASN I 211 -4.80 -5.59 41.89
C ASN I 211 -4.95 -7.07 42.25
N GLU I 212 -6.20 -7.54 42.23
CA GLU I 212 -6.49 -8.92 42.58
C GLU I 212 -5.86 -9.87 41.55
N ASP I 213 -6.01 -9.53 40.27
CA ASP I 213 -5.53 -10.36 39.17
C ASP I 213 -4.27 -9.79 38.52
N TYR I 214 -3.59 -8.85 39.20
CA TYR I 214 -2.31 -8.31 38.73
C TYR I 214 -2.44 -7.67 37.34
N THR I 215 -3.56 -7.01 37.08
CA THR I 215 -3.70 -6.25 35.85
C THR I 215 -3.12 -4.85 35.93
N ILE I 216 -2.88 -4.34 37.13
CA ILE I 216 -2.09 -3.11 37.34
C ILE I 216 -1.15 -3.38 38.51
N VAL I 217 0.14 -3.12 38.30
CA VAL I 217 1.15 -3.44 39.32
C VAL I 217 2.14 -2.29 39.41
N GLU I 218 2.50 -1.94 40.63
CA GLU I 218 3.51 -0.91 40.91
C GLU I 218 4.71 -1.57 41.56
N GLN I 219 5.90 -1.15 41.14
CA GLN I 219 7.14 -1.75 41.60
C GLN I 219 8.08 -0.68 42.12
N TYR I 220 8.95 -1.09 43.05
CA TYR I 220 10.02 -0.24 43.56
C TYR I 220 11.33 -1.02 43.49
N GLU I 221 12.37 -0.36 42.99
CA GLU I 221 13.70 -0.94 42.93
C GLU I 221 14.76 0.01 43.46
N ARG I 222 15.74 -0.57 44.15
CA ARG I 222 16.93 0.16 44.59
C ARG I 222 18.12 -0.65 44.12
N ALA I 223 19.06 0.02 43.46
CA ALA I 223 20.21 -0.61 42.84
C ALA I 223 21.44 0.19 43.24
N GLU I 224 22.49 -0.49 43.68
CA GLU I 224 23.66 0.19 44.22
C GLU I 224 24.93 -0.55 43.82
N GLY I 225 25.89 0.18 43.27
CA GLY I 225 27.14 -0.42 42.84
C GLY I 225 28.18 -0.43 43.96
N ARG I 226 28.94 -1.51 44.03
CA ARG I 226 29.99 -1.68 45.03
C ARG I 226 31.16 -2.42 44.41
N HIS I 227 32.29 -2.33 45.07
CA HIS I 227 33.52 -2.95 44.60
C HIS I 227 33.55 -4.41 45.06
N SER I 228 34.46 -5.18 44.44
CA SER I 228 34.64 -6.59 44.80
C SER I 228 35.70 -7.21 43.89
N VAL J 4 28.55 -6.31 5.76
CA VAL J 4 29.06 -5.79 4.49
C VAL J 4 29.89 -6.89 3.80
N GLN J 5 30.58 -7.71 4.59
CA GLN J 5 31.36 -8.82 4.04
C GLN J 5 31.15 -10.03 4.93
N LEU J 6 30.56 -11.10 4.37
CA LEU J 6 30.39 -12.38 5.05
C LEU J 6 31.00 -13.50 4.21
N VAL J 7 31.86 -14.32 4.83
CA VAL J 7 32.57 -15.39 4.13
C VAL J 7 32.38 -16.69 4.91
N GLU J 8 31.67 -17.64 4.31
CA GLU J 8 31.46 -18.93 4.94
C GLU J 8 32.59 -19.91 4.60
N SER J 9 32.81 -20.86 5.49
CA SER J 9 33.76 -21.95 5.28
C SER J 9 33.36 -23.11 6.19
N GLY J 10 34.00 -24.25 5.99
CA GLY J 10 33.73 -25.41 6.81
C GLY J 10 32.83 -26.45 6.19
N GLY J 11 32.29 -26.19 5.01
CA GLY J 11 31.46 -27.18 4.34
C GLY J 11 32.30 -28.39 3.98
N GLY J 12 31.69 -29.43 3.41
CA GLY J 12 32.47 -30.59 3.06
C GLY J 12 31.61 -31.79 2.74
N LEU J 13 32.25 -32.95 2.74
CA LEU J 13 31.66 -34.22 2.35
C LEU J 13 31.82 -35.19 3.51
N VAL J 14 30.70 -35.74 4.01
CA VAL J 14 30.73 -36.61 5.17
C VAL J 14 29.66 -37.69 5.03
N GLN J 15 29.88 -38.80 5.74
CA GLN J 15 28.90 -39.88 5.79
C GLN J 15 27.79 -39.51 6.76
N ALA J 16 26.59 -40.03 6.49
CA ALA J 16 25.48 -39.84 7.43
C ALA J 16 25.94 -40.24 8.84
N GLY J 17 25.50 -39.47 9.82
CA GLY J 17 25.95 -39.66 11.19
C GLY J 17 27.20 -38.90 11.56
N GLY J 18 27.92 -38.34 10.58
CA GLY J 18 29.13 -37.60 10.83
C GLY J 18 28.85 -36.20 11.34
N SER J 19 29.93 -35.41 11.41
CA SER J 19 29.85 -34.07 11.97
C SER J 19 30.62 -33.08 11.10
N LEU J 20 30.14 -31.83 11.08
CA LEU J 20 30.86 -30.72 10.48
C LEU J 20 30.72 -29.50 11.38
N ARG J 21 31.51 -28.47 11.10
CA ARG J 21 31.42 -27.20 11.81
C ARG J 21 31.58 -26.09 10.77
N LEU J 22 30.47 -25.44 10.41
CA LEU J 22 30.52 -24.29 9.52
C LEU J 22 30.89 -23.05 10.32
N SER J 23 31.65 -22.16 9.70
CA SER J 23 31.96 -20.86 10.26
C SER J 23 31.69 -19.78 9.23
N CYS J 24 31.47 -18.57 9.71
CA CYS J 24 31.26 -17.41 8.85
C CYS J 24 32.03 -16.25 9.46
N ALA J 25 33.09 -15.83 8.77
CA ALA J 25 33.88 -14.68 9.16
C ALA J 25 33.27 -13.42 8.58
N THR J 26 33.24 -12.37 9.38
CA THR J 26 32.59 -11.12 9.00
C THR J 26 33.60 -9.98 9.00
N SER J 27 33.30 -8.95 8.21
CA SER J 27 34.13 -7.76 8.15
C SER J 27 33.34 -6.64 7.49
N GLY J 28 33.55 -5.42 7.98
CA GLY J 28 32.94 -4.24 7.40
C GLY J 28 31.76 -3.70 8.16
N PHE J 29 31.51 -4.16 9.37
CA PHE J 29 30.39 -3.68 10.17
C PHE J 29 30.59 -4.18 11.59
N THR J 30 29.93 -3.52 12.54
CA THR J 30 30.01 -3.93 13.93
C THR J 30 29.24 -5.25 14.08
N PHE J 31 29.95 -6.37 13.91
CA PHE J 31 29.32 -7.68 14.04
C PHE J 31 28.46 -7.76 15.28
N SER J 32 28.92 -7.15 16.36
CA SER J 32 28.29 -7.26 17.66
C SER J 32 26.92 -6.59 17.73
N ASP J 33 26.45 -5.97 16.65
CA ASP J 33 25.15 -5.29 16.65
C ASP J 33 24.05 -6.08 15.92
N TYR J 34 24.40 -7.17 15.22
CA TYR J 34 23.46 -7.84 14.34
C TYR J 34 23.20 -9.27 14.79
N ALA J 35 21.94 -9.69 14.70
CA ALA J 35 21.63 -11.11 14.78
C ALA J 35 22.11 -11.77 13.49
N MET J 36 22.54 -13.03 13.61
CA MET J 36 23.04 -13.79 12.47
C MET J 36 22.21 -15.05 12.27
N GLY J 37 22.07 -15.45 11.01
CA GLY J 37 21.27 -16.60 10.69
C GLY J 37 21.91 -17.50 9.66
N TRP J 38 21.70 -18.81 9.83
CA TRP J 38 22.09 -19.82 8.85
C TRP J 38 20.83 -20.32 8.16
N PHE J 39 20.86 -20.31 6.83
CA PHE J 39 19.82 -20.86 5.97
C PHE J 39 20.45 -21.95 5.12
N ARG J 40 19.62 -22.81 4.55
CA ARG J 40 20.13 -23.84 3.65
C ARG J 40 19.17 -24.03 2.49
N GLN J 41 19.73 -24.50 1.38
CA GLN J 41 18.96 -24.77 0.16
C GLN J 41 19.36 -26.17 -0.27
N ALA J 42 18.44 -27.09 -0.20
CA ALA J 42 18.65 -28.47 -0.60
C ALA J 42 18.31 -28.66 -2.07
N PRO J 43 18.83 -29.72 -2.68
CA PRO J 43 18.54 -29.96 -4.09
C PRO J 43 17.04 -30.05 -4.34
N GLY J 44 16.55 -29.24 -5.28
CA GLY J 44 15.16 -29.27 -5.68
C GLY J 44 14.20 -28.55 -4.76
N LYS J 45 14.59 -28.23 -3.54
CA LYS J 45 13.71 -27.55 -2.61
C LYS J 45 14.03 -26.06 -2.55
N GLU J 46 13.25 -25.34 -1.77
CA GLU J 46 13.44 -23.91 -1.59
C GLU J 46 14.33 -23.68 -0.37
N ARG J 47 14.99 -22.53 -0.36
CA ARG J 47 15.78 -22.17 0.81
C ARG J 47 14.89 -22.22 2.05
N GLU J 48 15.43 -22.76 3.13
CA GLU J 48 14.71 -22.84 4.39
C GLU J 48 15.59 -22.37 5.54
N PHE J 49 14.92 -21.90 6.60
CA PHE J 49 15.60 -21.43 7.80
C PHE J 49 16.22 -22.61 8.53
N VAL J 50 17.45 -22.44 8.98
CA VAL J 50 18.15 -23.44 9.78
C VAL J 50 18.31 -22.98 11.23
N ALA J 51 18.94 -21.82 11.43
CA ALA J 51 19.16 -21.35 12.79
C ALA J 51 19.40 -19.85 12.79
N ALA J 52 19.27 -19.25 13.97
CA ALA J 52 19.52 -17.83 14.14
C ALA J 52 19.96 -17.58 15.57
N ILE J 53 20.71 -16.51 15.77
CA ILE J 53 21.30 -16.18 17.05
C ILE J 53 21.27 -14.67 17.20
N SER J 54 20.76 -14.19 18.33
CA SER J 54 20.73 -12.76 18.54
C SER J 54 22.15 -12.25 18.79
N TRP J 55 22.28 -10.93 18.86
CA TRP J 55 23.61 -10.33 18.91
C TRP J 55 24.37 -10.70 20.18
N SER J 56 23.69 -10.77 21.33
CA SER J 56 24.38 -11.14 22.56
C SER J 56 24.69 -12.64 22.61
N GLY J 57 24.03 -13.43 21.78
CA GLY J 57 24.17 -14.87 21.82
C GLY J 57 23.26 -15.57 22.81
N HIS J 58 22.49 -14.82 23.61
CA HIS J 58 21.62 -15.43 24.60
C HIS J 58 20.34 -15.97 24.01
N VAL J 59 19.90 -15.46 22.86
CA VAL J 59 18.66 -15.86 22.23
C VAL J 59 19.01 -16.61 20.94
N THR J 60 18.72 -17.91 20.91
CA THR J 60 18.93 -18.73 19.72
C THR J 60 17.61 -19.32 19.28
N ASP J 61 17.52 -19.65 18.00
CA ASP J 61 16.32 -20.24 17.41
C ASP J 61 16.74 -21.26 16.36
N TYR J 62 16.04 -22.39 16.32
CA TYR J 62 16.39 -23.50 15.45
C TYR J 62 15.16 -24.01 14.70
N ALA J 63 15.36 -24.42 13.46
CA ALA J 63 14.33 -25.17 12.76
C ALA J 63 14.09 -26.49 13.48
N ASP J 64 12.84 -26.94 13.50
CA ASP J 64 12.51 -28.15 14.24
C ASP J 64 13.34 -29.32 13.76
N SER J 65 13.60 -29.40 12.45
CA SER J 65 14.27 -30.57 11.88
C SER J 65 15.73 -30.67 12.30
N VAL J 66 16.33 -29.62 12.83
CA VAL J 66 17.73 -29.65 13.24
C VAL J 66 17.93 -29.45 14.73
N LYS J 67 16.91 -29.08 15.48
CA LYS J 67 17.07 -28.85 16.91
C LYS J 67 17.57 -30.12 17.59
N GLY J 68 18.56 -29.96 18.45
CA GLY J 68 19.19 -31.07 19.13
C GLY J 68 20.42 -31.63 18.44
N ARG J 69 20.49 -31.51 17.12
CA ARG J 69 21.66 -31.92 16.36
C ARG J 69 22.59 -30.77 16.02
N PHE J 70 22.04 -29.60 15.71
CA PHE J 70 22.83 -28.43 15.34
C PHE J 70 22.88 -27.44 16.50
N THR J 71 23.99 -26.70 16.58
CA THR J 71 24.17 -25.66 17.58
C THR J 71 24.76 -24.43 16.91
N ILE J 72 24.06 -23.32 16.99
CA ILE J 72 24.56 -22.06 16.46
C ILE J 72 25.24 -21.30 17.61
N SER J 73 26.34 -20.62 17.30
CA SER J 73 27.05 -19.85 18.29
C SER J 73 27.75 -18.68 17.60
N ARG J 74 28.33 -17.80 18.41
CA ARG J 74 29.03 -16.66 17.86
C ARG J 74 30.15 -16.22 18.79
N ASP J 75 31.16 -15.59 18.19
CA ASP J 75 32.31 -15.01 18.89
C ASP J 75 32.33 -13.54 18.51
N ASN J 76 32.00 -12.68 19.48
CA ASN J 76 31.87 -11.25 19.23
C ASN J 76 33.21 -10.51 19.28
N VAL J 77 34.30 -11.20 19.61
CA VAL J 77 35.64 -10.65 19.48
C VAL J 77 36.19 -10.97 18.09
N LYS J 78 36.18 -12.25 17.74
CA LYS J 78 36.56 -12.69 16.41
C LYS J 78 35.53 -12.28 15.36
N ASN J 79 34.32 -11.85 15.77
CA ASN J 79 33.25 -11.46 14.86
C ASN J 79 32.94 -12.61 13.89
N THR J 80 32.66 -13.77 14.46
CA THR J 80 32.44 -14.97 13.67
C THR J 80 31.18 -15.69 14.15
N VAL J 81 30.49 -16.31 13.19
CA VAL J 81 29.34 -17.16 13.49
C VAL J 81 29.75 -18.62 13.26
N TYR J 82 29.19 -19.53 14.04
CA TYR J 82 29.49 -20.94 13.92
C TYR J 82 28.18 -21.74 13.92
N LEU J 83 28.18 -22.82 13.16
CA LEU J 83 27.07 -23.78 13.13
C LEU J 83 27.70 -25.17 13.25
N GLN J 84 27.68 -25.72 14.46
CA GLN J 84 28.09 -27.11 14.68
C GLN J 84 26.97 -28.03 14.23
N MET J 85 27.27 -28.97 13.33
CA MET J 85 26.28 -29.86 12.76
C MET J 85 26.69 -31.27 13.14
N ASN J 86 25.91 -31.89 14.03
CA ASN J 86 26.16 -33.25 14.48
C ASN J 86 25.06 -34.17 13.97
N SER J 87 25.32 -35.47 14.05
CA SER J 87 24.36 -36.48 13.64
C SER J 87 23.81 -36.15 12.26
N LEU J 88 24.71 -35.80 11.34
CA LEU J 88 24.28 -35.37 10.02
C LEU J 88 23.48 -36.47 9.32
N LYS J 89 22.44 -36.08 8.61
CA LYS J 89 21.56 -36.96 7.87
C LYS J 89 21.63 -36.64 6.39
N PRO J 90 21.33 -37.60 5.53
CA PRO J 90 21.35 -37.30 4.08
C PRO J 90 20.51 -36.10 3.70
N GLU J 91 19.37 -35.88 4.35
CA GLU J 91 18.52 -34.75 4.01
C GLU J 91 19.11 -33.42 4.44
N ASP J 92 20.24 -33.42 5.15
CA ASP J 92 20.96 -32.19 5.45
C ASP J 92 21.82 -31.69 4.28
N THR J 93 21.96 -32.48 3.22
CA THR J 93 22.74 -32.06 2.07
C THR J 93 22.14 -30.80 1.47
N ALA J 94 22.96 -29.77 1.32
CA ALA J 94 22.47 -28.49 0.81
C ALA J 94 23.59 -27.49 0.78
N VAL J 95 23.31 -26.33 0.20
CA VAL J 95 24.20 -25.18 0.30
C VAL J 95 23.74 -24.36 1.50
N TYR J 96 24.65 -24.17 2.46
CA TYR J 96 24.38 -23.44 3.69
C TYR J 96 24.96 -22.03 3.57
N SER J 97 24.12 -21.03 3.85
CA SER J 97 24.51 -19.64 3.74
C SER J 97 24.27 -18.92 5.05
N CYS J 98 25.13 -17.95 5.35
CA CYS J 98 24.99 -17.10 6.51
C CYS J 98 24.49 -15.73 6.08
N ALA J 99 23.72 -15.09 6.94
CA ALA J 99 23.11 -13.81 6.63
C ALA J 99 23.00 -13.00 7.92
N ALA J 100 23.05 -11.68 7.78
CA ALA J 100 22.88 -10.79 8.90
C ALA J 100 21.47 -10.23 8.93
N ALA J 101 20.87 -10.20 10.12
CA ALA J 101 19.55 -9.63 10.29
C ALA J 101 19.58 -8.16 9.92
N LYS J 102 18.50 -7.69 9.29
CA LYS J 102 18.40 -6.27 9.00
C LYS J 102 18.59 -5.46 10.28
N SER J 103 19.04 -4.22 10.12
CA SER J 103 19.36 -3.37 11.26
C SER J 103 18.12 -3.07 12.08
N GLY J 104 17.91 -3.87 13.12
CA GLY J 104 16.80 -3.67 14.02
C GLY J 104 17.04 -4.29 15.39
N THR J 105 16.04 -5.03 15.87
CA THR J 105 16.10 -5.71 17.16
C THR J 105 15.52 -7.11 16.97
N TRP J 106 16.19 -7.91 16.14
CA TRP J 106 15.76 -9.25 15.81
C TRP J 106 15.15 -9.95 17.02
N TRP J 107 14.11 -10.75 16.76
CA TRP J 107 13.47 -11.51 17.83
C TRP J 107 12.74 -12.71 17.18
N TYR J 108 13.46 -13.81 17.06
CA TYR J 108 12.90 -15.07 16.57
C TYR J 108 12.28 -14.92 15.17
N GLN J 109 12.87 -14.08 14.33
CA GLN J 109 12.42 -13.90 12.96
C GLN J 109 13.16 -14.86 12.02
N ARG J 110 12.40 -15.72 11.34
CA ARG J 110 12.96 -16.75 10.47
C ARG J 110 12.84 -16.44 8.99
N SER J 111 12.13 -15.38 8.61
CA SER J 111 11.86 -15.12 7.20
C SER J 111 13.08 -14.55 6.48
N GLU J 112 13.26 -14.97 5.23
CA GLU J 112 14.36 -14.43 4.43
C GLU J 112 14.32 -12.91 4.35
N ASN J 113 13.12 -12.32 4.36
CA ASN J 113 12.97 -10.88 4.24
C ASN J 113 13.43 -10.15 5.50
N ASP J 114 13.68 -10.86 6.59
CA ASP J 114 14.22 -10.26 7.81
C ASP J 114 15.74 -10.13 7.78
N PHE J 115 16.39 -10.54 6.68
CA PHE J 115 17.84 -10.51 6.55
C PHE J 115 18.19 -9.74 5.28
N GLY J 116 19.31 -9.01 5.34
CA GLY J 116 19.71 -8.19 4.22
C GLY J 116 21.17 -8.21 3.84
N SER J 117 21.86 -9.34 4.07
CA SER J 117 23.29 -9.40 3.77
C SER J 117 23.71 -10.88 3.79
N TRP J 118 23.57 -11.52 2.62
CA TRP J 118 23.85 -12.95 2.50
C TRP J 118 25.27 -13.22 2.00
N GLY J 119 25.87 -14.28 2.55
CA GLY J 119 27.13 -14.80 2.06
C GLY J 119 26.95 -15.61 0.79
N GLN J 120 28.08 -16.08 0.26
CA GLN J 120 28.06 -16.86 -0.96
C GLN J 120 27.62 -18.30 -0.74
N GLY J 121 27.72 -18.82 0.48
CA GLY J 121 27.31 -20.16 0.81
C GLY J 121 28.47 -21.16 0.77
N THR J 122 28.25 -22.32 1.37
CA THR J 122 29.20 -23.43 1.42
C THR J 122 28.43 -24.73 1.28
N GLN J 123 28.98 -25.67 0.51
CA GLN J 123 28.30 -26.91 0.18
C GLN J 123 28.52 -27.94 1.28
N VAL J 124 27.44 -28.58 1.71
CA VAL J 124 27.48 -29.69 2.66
C VAL J 124 26.83 -30.89 1.99
N THR J 125 27.58 -31.99 1.89
CA THR J 125 27.09 -33.22 1.26
C THR J 125 27.22 -34.36 2.25
N VAL J 126 26.11 -35.10 2.42
CA VAL J 126 26.01 -36.18 3.40
C VAL J 126 25.58 -37.44 2.66
N SER J 127 26.32 -38.52 2.88
CA SER J 127 26.00 -39.81 2.27
C SER J 127 25.42 -40.76 3.31
#